data_7YRR
#
_entry.id   7YRR
#
loop_
_entity.id
_entity.type
_entity.pdbx_description
1 polymer 'Insulin-like growth factor 1 receptor'
2 polymer 'Isoform 3 of Insulin-like growth factor I'
#
loop_
_entity_poly.entity_id
_entity_poly.type
_entity_poly.pdbx_seq_one_letter_code
_entity_poly.pdbx_strand_id
1 'polypeptide(L)'
;EICGPGIDIRNDYQQLKRLENCTVIEGYLHILLISKAEDYRSYRFPKLTVITEYLLLFRVAGLESLGDLFPNLTVIRGWK
LFYNYALVIFEMTNLKDIGLYNLRNITRGAIRIEKNADLCYLSTVDWSLILDAVSNNYIVGNKPPKECGDLCPGTMEEKP
MCEKTTINNEYNYRCWTTNRCQKMCPSTCGKRACTENNECCHPECLGSCSAPDNDTACVACRHYYYAGVCVPACPPNTYR
FEGWRCVDRDFCANILSAESSDSEGFVIHDGECMQECPSGFIRNGSQSMYCIPCEGPCPKVCEEEKKTKTIDSVTSAQML
QGCTIFKGNLLINIRRGNNIASELENFMGLIEVVTGYVKIRHSHALVSLSFLKNLRLILGEEQLEGNYSFYVLDNQNLQQ
LWDWDHRNLTIKAGKMYFAFNPKLCVSEIYRMEEVTGTKGRQSKGDINTRNNGERASCESDVLHFTSTTTSKNRIIITWH
RYRPPDYRDLISFTVYYKEAPFKNVTEYDGQDACGSNSWNMVDVDLPPNKDVEPGILLHGLKPWTQYAVYVKAVTLTMVE
NDHIRGAKSEILYIRTNASVPSIPLDVLSASNSSSQLIVKWNPPSLPNGNLSYYIVRWQRQPQDGYLYRHNYCSKDKIPI
RKYADGTIDIEEVTENPKTEVCGGEKGPCCACPKTEAEKQAEKEEAEYRKVFENFLHNSIFVPRPERKRRDVMQVANTTM
SSRSRNTTAADTYNITDPEELETEYPFFESRVDNKERTVISNLRPFTLYRIDIHSCNHEAEKLGCSASNFVFARTMPAEG
ADDIPGPVTWEPRPENSIFLKWPEPENPNGLILMYEIKYGSQVEDQRECVSRQEYRKYGGAKLNRLNPGNYTARIQATSL
SGNGSWTDPVFFYVQAK
;
A,B
2 'polypeptide(L)' TLCGAELVDALQFVCGDRGFYFNKPTGYGSSSRRAPQTGIVDECCFRSCDLRRLEMYCAP C,D
#
# COMPACT_ATOMS: atom_id res chain seq x y z
N GLU A 1 -37.40 -19.63 -38.03
CA GLU A 1 -37.67 -18.49 -37.11
C GLU A 1 -36.34 -17.95 -36.60
N ILE A 2 -35.59 -17.19 -37.42
CA ILE A 2 -34.26 -16.62 -37.04
C ILE A 2 -34.49 -16.11 -35.60
N CYS A 3 -33.82 -16.71 -34.60
CA CYS A 3 -34.09 -16.43 -33.17
C CYS A 3 -34.32 -14.94 -32.89
N GLY A 4 -33.47 -14.04 -33.39
CA GLY A 4 -33.60 -12.62 -33.03
C GLY A 4 -32.56 -12.29 -31.99
N PRO A 5 -32.26 -11.02 -31.67
CA PRO A 5 -31.14 -10.62 -30.78
C PRO A 5 -30.72 -11.47 -29.57
N GLY A 6 -29.95 -12.56 -29.76
CA GLY A 6 -29.38 -13.38 -28.69
C GLY A 6 -30.37 -14.11 -27.79
N ILE A 7 -29.88 -14.80 -26.75
CA ILE A 7 -30.70 -15.61 -25.81
C ILE A 7 -29.99 -15.55 -24.44
N ASP A 8 -30.70 -15.57 -23.30
CA ASP A 8 -30.10 -15.67 -21.94
C ASP A 8 -30.85 -16.79 -21.21
N ILE A 9 -30.72 -18.04 -21.66
CA ILE A 9 -31.39 -19.21 -21.03
C ILE A 9 -30.93 -19.21 -19.58
N ARG A 10 -31.84 -19.09 -18.61
CA ARG A 10 -31.51 -18.94 -17.17
C ARG A 10 -32.50 -19.73 -16.31
N ASN A 11 -32.21 -19.95 -15.02
CA ASN A 11 -33.13 -20.60 -14.04
C ASN A 11 -33.25 -22.12 -14.23
N ASP A 12 -33.89 -22.63 -15.30
CA ASP A 12 -34.18 -24.09 -15.43
C ASP A 12 -34.08 -24.63 -16.87
N TYR A 13 -34.11 -25.96 -17.07
CA TYR A 13 -34.05 -26.67 -18.39
C TYR A 13 -35.27 -26.32 -19.23
N GLN A 14 -36.28 -25.70 -18.64
CA GLN A 14 -37.55 -25.37 -19.33
C GLN A 14 -37.37 -24.14 -20.24
N GLN A 15 -36.28 -23.38 -20.09
CA GLN A 15 -35.99 -22.19 -20.96
C GLN A 15 -35.38 -22.69 -22.27
N LEU A 16 -34.82 -23.91 -22.32
CA LEU A 16 -34.28 -24.47 -23.58
C LEU A 16 -35.40 -24.49 -24.62
N LYS A 17 -36.64 -24.75 -24.21
CA LYS A 17 -37.84 -24.76 -25.09
C LYS A 17 -37.78 -23.63 -26.12
N ARG A 18 -37.37 -22.41 -25.73
CA ARG A 18 -37.38 -21.20 -26.61
C ARG A 18 -36.52 -21.40 -27.85
N LEU A 19 -35.51 -22.28 -27.82
CA LEU A 19 -34.64 -22.59 -28.99
C LEU A 19 -35.43 -23.29 -30.10
N GLU A 20 -36.64 -23.79 -29.82
CA GLU A 20 -37.54 -24.37 -30.86
C GLU A 20 -37.71 -23.36 -32.00
N ASN A 21 -37.88 -22.07 -31.69
CA ASN A 21 -38.05 -20.99 -32.70
C ASN A 21 -36.74 -20.20 -32.80
N CYS A 22 -35.60 -20.88 -33.00
CA CYS A 22 -34.26 -20.24 -33.15
C CYS A 22 -33.48 -20.98 -34.25
N THR A 23 -33.61 -20.57 -35.51
CA THR A 23 -32.92 -21.21 -36.66
C THR A 23 -31.49 -20.70 -36.71
N VAL A 24 -31.29 -19.38 -36.57
CA VAL A 24 -29.93 -18.77 -36.49
C VAL A 24 -30.01 -17.72 -35.39
N ILE A 25 -29.30 -17.91 -34.28
CA ILE A 25 -29.26 -16.94 -33.17
C ILE A 25 -28.44 -15.72 -33.63
N GLU A 26 -29.07 -14.58 -33.94
CA GLU A 26 -28.40 -13.34 -34.39
C GLU A 26 -27.81 -12.65 -33.16
N GLY A 27 -27.24 -13.43 -32.24
CA GLY A 27 -26.65 -12.90 -31.01
C GLY A 27 -25.91 -13.99 -30.26
N TYR A 28 -25.92 -13.97 -28.92
CA TYR A 28 -25.21 -14.96 -28.06
C TYR A 28 -26.22 -15.98 -27.54
N LEU A 29 -25.76 -17.11 -27.01
CA LEU A 29 -26.63 -18.17 -26.45
C LEU A 29 -26.05 -18.58 -25.09
N HIS A 30 -26.49 -17.93 -24.01
CA HIS A 30 -26.01 -18.24 -22.64
C HIS A 30 -26.88 -19.33 -22.01
N ILE A 31 -26.32 -20.50 -21.64
CA ILE A 31 -27.08 -21.63 -21.03
C ILE A 31 -26.80 -21.65 -19.53
N LEU A 33 -26.61 -21.36 -15.47
CA LEU A 33 -27.17 -22.01 -14.27
C LEU A 33 -28.53 -22.66 -14.59
N ILE A 34 -28.50 -23.73 -15.37
CA ILE A 34 -29.71 -24.56 -15.69
C ILE A 34 -29.39 -25.88 -15.01
N SER A 35 -29.02 -25.85 -13.72
CA SER A 35 -28.65 -27.06 -12.95
C SER A 35 -29.89 -27.88 -12.60
N LYS A 36 -30.34 -28.76 -13.50
CA LYS A 36 -31.52 -29.64 -13.28
C LYS A 36 -31.36 -30.95 -14.05
N ALA A 37 -30.94 -32.03 -13.38
CA ALA A 37 -30.79 -33.37 -14.00
C ALA A 37 -32.14 -33.82 -14.55
N GLU A 38 -33.26 -33.26 -14.07
CA GLU A 38 -34.63 -33.53 -14.60
C GLU A 38 -34.56 -33.94 -16.08
N ASP A 39 -33.98 -33.10 -16.96
CA ASP A 39 -33.88 -33.37 -18.41
C ASP A 39 -32.39 -33.37 -18.78
N TYR A 40 -32.03 -33.80 -20.00
CA TYR A 40 -30.61 -33.95 -20.43
C TYR A 40 -30.52 -33.69 -21.94
N ARG A 41 -31.08 -34.57 -22.78
CA ARG A 41 -31.06 -34.44 -24.27
C ARG A 41 -32.52 -34.35 -24.72
N SER A 42 -33.42 -33.90 -23.84
CA SER A 42 -34.88 -33.81 -24.12
C SER A 42 -35.24 -32.46 -24.76
N TYR A 43 -34.26 -31.67 -25.18
CA TYR A 43 -34.47 -30.34 -25.82
C TYR A 43 -33.61 -30.27 -27.09
N ARG A 44 -33.85 -31.16 -28.06
CA ARG A 44 -33.11 -31.18 -29.35
C ARG A 44 -33.68 -30.07 -30.25
N PHE A 45 -32.83 -29.24 -30.85
CA PHE A 45 -33.24 -28.16 -31.80
C PHE A 45 -32.29 -28.16 -33.00
N PRO A 46 -32.51 -28.99 -34.05
CA PRO A 46 -31.67 -28.94 -35.24
C PRO A 46 -31.78 -27.51 -35.81
N LYS A 47 -32.94 -26.88 -35.71
CA LYS A 47 -33.17 -25.46 -36.15
C LYS A 47 -31.87 -24.66 -35.99
N LEU A 48 -31.36 -24.51 -34.76
CA LEU A 48 -30.15 -23.70 -34.47
C LEU A 48 -28.98 -24.15 -35.36
N THR A 49 -28.43 -23.26 -36.19
CA THR A 49 -27.31 -23.54 -37.12
C THR A 49 -26.27 -22.42 -37.03
N THR A 52 -24.42 -16.79 -33.68
CA THR A 52 -23.50 -15.92 -34.48
C THR A 52 -22.57 -15.16 -33.52
N GLU A 53 -22.60 -15.43 -32.20
CA GLU A 53 -21.70 -14.80 -31.19
C GLU A 53 -21.38 -15.85 -30.13
N TYR A 54 -20.78 -15.47 -29.00
CA TYR A 54 -20.36 -16.40 -27.92
C TYR A 54 -21.47 -17.34 -27.45
N LEU A 55 -21.16 -18.59 -27.06
CA LEU A 55 -22.14 -19.62 -26.58
C LEU A 55 -21.62 -20.17 -25.25
N LEU A 56 -22.24 -19.82 -24.10
CA LEU A 56 -21.80 -20.27 -22.75
C LEU A 56 -22.31 -21.70 -22.49
N LEU A 57 -21.51 -22.56 -21.86
CA LEU A 57 -21.90 -23.97 -21.51
C LEU A 57 -21.31 -24.26 -20.13
N PHE A 58 -22.08 -24.13 -19.04
CA PHE A 58 -21.58 -24.32 -17.64
C PHE A 58 -22.75 -24.38 -16.66
N ARG A 59 -22.63 -25.14 -15.55
CA ARG A 59 -23.71 -25.32 -14.54
C ARG A 59 -24.97 -25.87 -15.21
N VAL A 60 -24.85 -26.78 -16.18
CA VAL A 60 -26.00 -27.36 -16.93
C VAL A 60 -26.13 -28.82 -16.48
N ALA A 61 -26.45 -29.09 -15.21
CA ALA A 61 -26.61 -30.45 -14.65
C ALA A 61 -27.55 -31.31 -15.51
N GLY A 62 -27.10 -32.44 -16.05
CA GLY A 62 -27.88 -33.33 -16.92
C GLY A 62 -27.25 -33.41 -18.30
N LEU A 63 -26.65 -32.33 -18.79
CA LEU A 63 -26.12 -32.28 -20.18
C LEU A 63 -24.82 -33.09 -20.23
N GLU A 64 -24.82 -34.22 -20.93
CA GLU A 64 -23.62 -35.07 -21.14
C GLU A 64 -23.15 -34.95 -22.59
N SER A 65 -24.01 -34.58 -23.53
CA SER A 65 -23.62 -34.35 -24.94
C SER A 65 -24.69 -33.51 -25.64
N LEU A 66 -24.27 -32.55 -26.49
CA LEU A 66 -25.22 -31.64 -27.18
C LEU A 66 -25.62 -32.25 -28.52
N GLY A 67 -25.34 -33.54 -28.75
CA GLY A 67 -25.77 -34.24 -29.96
C GLY A 67 -27.25 -34.09 -30.19
N ASP A 68 -28.06 -34.05 -29.12
CA ASP A 68 -29.53 -33.81 -29.22
C ASP A 68 -29.86 -32.56 -28.41
N LEU A 69 -29.17 -31.44 -28.66
CA LEU A 69 -29.46 -30.12 -28.03
C LEU A 69 -29.37 -29.04 -29.11
N PHE A 70 -28.20 -28.76 -29.74
CA PHE A 70 -28.04 -27.80 -30.86
C PHE A 70 -27.47 -28.53 -32.10
N PRO A 71 -28.13 -29.56 -32.68
CA PRO A 71 -27.64 -30.19 -33.91
C PRO A 71 -27.56 -29.19 -35.07
N ASN A 72 -26.70 -29.42 -36.08
CA ASN A 72 -26.59 -28.58 -37.31
C ASN A 72 -25.82 -27.27 -37.07
N LEU A 73 -25.05 -27.15 -35.98
CA LEU A 73 -24.25 -25.93 -35.69
C LEU A 73 -23.26 -25.71 -36.84
N THR A 74 -23.56 -24.83 -37.79
CA THR A 74 -22.72 -24.61 -38.99
C THR A 74 -21.36 -24.07 -38.61
N VAL A 75 -21.30 -22.94 -37.91
CA VAL A 75 -20.03 -22.24 -37.57
C VAL A 75 -20.42 -21.17 -36.56
N ILE A 76 -19.80 -21.15 -35.38
CA ILE A 76 -20.03 -20.06 -34.41
C ILE A 76 -19.44 -18.82 -35.09
N ARG A 77 -20.24 -17.90 -35.63
CA ARG A 77 -19.67 -16.77 -36.41
C ARG A 77 -18.78 -15.95 -35.46
N GLY A 78 -19.03 -15.94 -34.14
CA GLY A 78 -18.16 -15.31 -33.13
C GLY A 78 -18.06 -13.80 -33.24
N TRP A 79 -18.90 -13.14 -34.04
CA TRP A 79 -18.93 -11.66 -34.22
C TRP A 79 -18.53 -10.96 -32.93
N LYS A 80 -19.24 -11.19 -31.82
CA LYS A 80 -18.97 -10.55 -30.51
C LYS A 80 -18.37 -11.63 -29.61
N LEU A 81 -17.51 -11.26 -28.66
CA LEU A 81 -16.82 -12.21 -27.75
C LEU A 81 -16.85 -11.61 -26.34
N PHE A 82 -17.31 -12.35 -25.32
CA PHE A 82 -17.36 -11.87 -23.92
C PHE A 82 -15.98 -11.33 -23.57
N TYR A 83 -14.93 -12.07 -23.91
CA TYR A 83 -13.52 -11.67 -23.69
C TYR A 83 -12.86 -11.76 -25.06
N ASN A 84 -12.48 -12.95 -25.53
CA ASN A 84 -11.96 -13.17 -26.91
C ASN A 84 -12.27 -14.63 -27.30
N TYR A 85 -13.36 -15.23 -26.79
CA TYR A 85 -13.72 -16.64 -27.00
C TYR A 85 -15.22 -16.73 -27.31
N ALA A 86 -15.68 -17.72 -28.10
CA ALA A 86 -17.09 -17.87 -28.52
C ALA A 86 -17.70 -19.25 -28.20
N LEU A 87 -17.03 -20.13 -27.44
CA LEU A 87 -17.60 -21.42 -26.97
C LEU A 87 -16.80 -21.89 -25.75
N VAL A 88 -16.91 -21.19 -24.63
CA VAL A 88 -16.14 -21.52 -23.40
C VAL A 88 -16.91 -22.57 -22.60
N ILE A 89 -16.39 -23.79 -22.51
CA ILE A 89 -16.98 -24.87 -21.66
C ILE A 89 -16.02 -24.97 -20.49
N PHE A 90 -16.39 -24.46 -19.31
CA PHE A 90 -15.52 -24.43 -18.11
C PHE A 90 -16.33 -25.02 -16.97
N GLU A 91 -15.72 -25.77 -16.03
CA GLU A 91 -16.38 -26.29 -14.81
C GLU A 91 -17.84 -26.73 -15.03
N MET A 92 -18.16 -27.37 -16.16
CA MET A 92 -19.58 -27.72 -16.46
C MET A 92 -19.97 -28.81 -15.45
N THR A 93 -21.21 -28.81 -14.99
CA THR A 93 -21.72 -29.80 -14.01
C THR A 93 -21.33 -31.23 -14.36
N ASN A 94 -21.53 -31.66 -15.62
CA ASN A 94 -21.30 -33.07 -16.05
C ASN A 94 -21.24 -33.21 -17.57
N LEU A 95 -20.66 -32.24 -18.31
CA LEU A 95 -20.51 -32.41 -19.78
C LEU A 95 -19.37 -33.40 -20.01
N LYS A 96 -19.66 -34.56 -20.61
CA LYS A 96 -18.65 -35.62 -20.88
C LYS A 96 -18.21 -35.53 -22.36
N ASP A 97 -18.99 -34.87 -23.23
CA ASP A 97 -18.66 -34.68 -24.68
C ASP A 97 -19.18 -33.32 -25.14
N ILE A 98 -18.43 -32.58 -25.97
CA ILE A 98 -18.87 -31.27 -26.52
C ILE A 98 -20.05 -31.58 -27.43
N GLY A 99 -19.94 -32.61 -28.27
CA GLY A 99 -21.06 -33.07 -29.12
C GLY A 99 -21.54 -32.06 -30.14
N LEU A 100 -20.70 -31.09 -30.55
CA LEU A 100 -21.03 -30.11 -31.61
C LEU A 100 -20.45 -30.66 -32.91
N TYR A 101 -20.97 -31.80 -33.38
CA TYR A 101 -20.45 -32.49 -34.58
C TYR A 101 -20.30 -31.58 -35.79
N ASN A 102 -21.29 -30.74 -36.12
CA ASN A 102 -21.25 -29.93 -37.37
C ASN A 102 -20.29 -28.74 -37.22
N LEU A 103 -19.86 -28.37 -36.01
CA LEU A 103 -19.00 -27.18 -35.77
C LEU A 103 -17.86 -27.18 -36.80
N ARG A 104 -17.84 -26.23 -37.75
CA ARG A 104 -16.84 -26.16 -38.86
C ARG A 104 -15.86 -25.01 -38.68
N ASN A 105 -16.24 -23.89 -38.07
CA ASN A 105 -15.34 -22.71 -38.03
C ASN A 105 -15.66 -21.77 -36.86
N ILE A 106 -14.79 -20.81 -36.59
CA ILE A 106 -15.05 -19.72 -35.59
C ILE A 106 -14.55 -18.48 -36.35
N THR A 107 -15.38 -17.96 -37.26
CA THR A 107 -14.99 -16.85 -38.17
C THR A 107 -14.32 -15.69 -37.42
N ARG A 108 -14.77 -15.33 -36.22
CA ARG A 108 -14.25 -14.18 -35.45
C ARG A 108 -13.81 -14.64 -34.06
N GLY A 109 -12.55 -14.39 -33.68
CA GLY A 109 -12.05 -14.72 -32.33
C GLY A 109 -11.62 -16.16 -32.16
N ALA A 110 -11.94 -16.81 -31.03
CA ALA A 110 -11.49 -18.18 -30.70
C ALA A 110 -12.53 -18.80 -29.77
N ILE A 111 -12.21 -19.83 -28.97
CA ILE A 111 -13.11 -20.45 -27.94
C ILE A 111 -12.22 -20.76 -26.73
N ARG A 112 -12.70 -21.44 -25.69
CA ARG A 112 -11.87 -21.85 -24.52
C ARG A 112 -12.50 -23.04 -23.79
N ILE A 113 -12.38 -24.27 -24.32
CA ILE A 113 -12.85 -25.49 -23.62
C ILE A 113 -11.70 -25.85 -22.67
N GLU A 114 -11.95 -26.16 -21.40
CA GLU A 114 -10.87 -26.39 -20.40
C GLU A 114 -11.43 -27.17 -19.21
N LYS A 115 -10.68 -27.29 -18.10
CA LYS A 115 -11.07 -28.08 -16.90
C LYS A 115 -12.60 -28.19 -16.79
N ASN A 116 -13.14 -29.40 -16.80
CA ASN A 116 -14.60 -29.65 -16.82
C ASN A 116 -14.89 -30.75 -15.82
N ALA A 117 -16.12 -31.24 -15.74
CA ALA A 117 -16.47 -32.39 -14.88
C ALA A 117 -15.85 -33.66 -15.46
N ASP A 118 -16.29 -34.10 -16.65
CA ASP A 118 -15.80 -35.37 -17.28
C ASP A 118 -15.61 -35.16 -18.78
N LEU A 119 -15.37 -33.93 -19.26
CA LEU A 119 -15.34 -33.62 -20.72
C LEU A 119 -14.16 -34.29 -21.43
N SER A 123 -8.77 -33.75 -27.86
CA SER A 123 -7.51 -34.21 -28.50
C SER A 123 -7.84 -34.62 -29.93
N THR A 124 -8.87 -35.47 -30.10
CA THR A 124 -9.33 -35.90 -31.45
C THR A 124 -9.70 -34.63 -32.23
N VAL A 125 -10.66 -33.83 -31.79
CA VAL A 125 -11.12 -32.61 -32.53
C VAL A 125 -9.91 -31.83 -33.00
N ASP A 126 -9.88 -31.42 -34.27
CA ASP A 126 -8.79 -30.56 -34.80
C ASP A 126 -9.31 -29.14 -34.62
N TRP A 127 -9.17 -28.58 -33.42
CA TRP A 127 -9.58 -27.17 -33.17
C TRP A 127 -8.71 -26.27 -34.03
N SER A 128 -7.52 -26.70 -34.45
CA SER A 128 -6.64 -25.92 -35.37
C SER A 128 -7.26 -25.78 -36.76
N LEU A 129 -8.24 -26.63 -37.14
CA LEU A 129 -8.97 -26.52 -38.43
C LEU A 129 -10.17 -25.59 -38.26
N ILE A 130 -10.95 -25.74 -37.18
CA ILE A 130 -12.16 -24.91 -36.92
C ILE A 130 -11.63 -23.50 -36.62
N LEU A 131 -10.79 -23.36 -35.60
CA LEU A 131 -10.09 -22.08 -35.29
C LEU A 131 -8.71 -22.18 -35.94
N ASP A 132 -8.43 -21.47 -37.03
CA ASP A 132 -7.09 -21.46 -37.66
C ASP A 132 -6.04 -21.44 -36.55
N ALA A 133 -5.32 -22.54 -36.29
CA ALA A 133 -4.34 -22.67 -35.18
C ALA A 133 -5.09 -22.61 -33.84
N VAL A 134 -5.22 -23.74 -33.12
CA VAL A 134 -6.01 -23.83 -31.85
C VAL A 134 -5.57 -22.71 -30.90
N SER A 135 -4.31 -22.29 -30.94
CA SER A 135 -3.78 -21.17 -30.11
C SER A 135 -4.81 -20.03 -30.07
N ASN A 137 -7.04 -21.17 -27.27
CA ASN A 137 -7.96 -21.95 -26.42
C ASN A 137 -7.16 -22.52 -25.25
N TYR A 138 -7.79 -22.85 -24.11
CA TYR A 138 -7.13 -23.47 -22.95
C TYR A 138 -7.45 -24.98 -22.97
N ILE A 139 -7.45 -25.62 -24.15
CA ILE A 139 -7.73 -27.09 -24.27
C ILE A 139 -6.46 -27.83 -23.84
N ASN A 142 -8.17 -29.25 -19.80
CA ASN A 142 -9.40 -30.06 -19.67
C ASN A 142 -9.24 -31.06 -18.52
N LYS A 143 -10.34 -31.62 -18.00
CA LYS A 143 -10.26 -32.65 -16.92
C LYS A 143 -9.28 -33.75 -17.37
N PRO A 144 -8.53 -34.39 -16.45
CA PRO A 144 -7.50 -35.39 -16.81
C PRO A 144 -7.48 -35.91 -18.25
N PRO A 145 -6.52 -35.51 -19.13
CA PRO A 145 -6.43 -36.08 -20.47
C PRO A 145 -6.07 -37.58 -20.39
N LYS A 146 -5.54 -38.06 -19.26
CA LYS A 146 -5.27 -39.51 -19.06
C LYS A 146 -6.62 -40.25 -19.00
N GLU A 147 -7.67 -39.61 -18.45
CA GLU A 147 -9.01 -40.23 -18.28
C GLU A 147 -9.84 -40.08 -19.55
N CYS A 148 -9.50 -39.12 -20.43
CA CYS A 148 -10.23 -38.85 -21.70
C CYS A 148 -10.81 -40.15 -22.29
N GLY A 149 -9.97 -41.16 -22.59
CA GLY A 149 -10.46 -42.37 -23.28
C GLY A 149 -11.15 -41.93 -24.55
N ASP A 150 -10.54 -40.99 -25.29
CA ASP A 150 -11.15 -40.37 -26.50
C ASP A 150 -11.31 -41.46 -27.58
N LEU A 151 -12.52 -41.99 -27.78
CA LEU A 151 -12.76 -43.10 -28.74
C LEU A 151 -14.10 -42.92 -29.47
N CYS A 152 -14.10 -42.34 -30.67
CA CYS A 152 -15.30 -42.21 -31.53
C CYS A 152 -15.24 -43.36 -32.54
N PRO A 153 -16.35 -43.77 -33.23
CA PRO A 153 -16.26 -44.80 -34.26
C PRO A 153 -15.09 -44.49 -35.21
N GLY A 154 -14.15 -45.43 -35.37
CA GLY A 154 -12.96 -45.24 -36.23
C GLY A 154 -11.69 -45.33 -35.42
N THR A 155 -11.46 -44.38 -34.51
CA THR A 155 -10.25 -44.35 -33.66
C THR A 155 -10.40 -45.50 -32.66
N MET A 156 -11.61 -46.08 -32.60
CA MET A 156 -11.87 -47.24 -31.71
C MET A 156 -11.76 -48.54 -32.52
N GLU A 157 -12.41 -49.61 -32.05
CA GLU A 157 -12.36 -50.91 -32.77
C GLU A 157 -13.07 -50.79 -34.12
N GLU A 158 -14.05 -49.88 -34.23
CA GLU A 158 -14.79 -49.66 -35.50
C GLU A 158 -13.80 -49.16 -36.56
N LYS A 159 -14.03 -49.49 -37.83
CA LYS A 159 -13.14 -49.02 -38.93
C LYS A 159 -13.31 -47.51 -39.12
N PRO A 160 -12.24 -46.76 -39.44
CA PRO A 160 -12.30 -45.28 -39.60
C PRO A 160 -13.58 -44.66 -40.16
N MET A 161 -14.38 -43.96 -39.35
CA MET A 161 -15.66 -43.31 -39.77
C MET A 161 -15.48 -41.80 -39.90
N CYS A 162 -15.00 -41.08 -38.87
CA CYS A 162 -14.89 -39.60 -38.89
C CYS A 162 -13.76 -39.20 -39.83
N GLU A 163 -13.56 -37.91 -40.09
CA GLU A 163 -12.44 -37.41 -40.92
C GLU A 163 -11.16 -37.42 -40.07
N LYS A 164 -9.97 -37.49 -40.69
CA LYS A 164 -8.67 -37.53 -39.98
C LYS A 164 -7.85 -36.31 -40.36
N THR A 165 -6.98 -35.82 -39.47
CA THR A 165 -6.06 -34.68 -39.73
C THR A 165 -4.90 -34.84 -38.76
N THR A 166 -3.79 -34.11 -38.93
CA THR A 166 -2.62 -34.12 -38.00
C THR A 166 -2.36 -32.68 -37.58
N ILE A 167 -1.97 -32.43 -36.33
CA ILE A 167 -1.61 -31.06 -35.81
C ILE A 167 -0.46 -31.25 -34.84
N ASN A 168 0.60 -30.43 -34.92
CA ASN A 168 1.81 -30.56 -34.05
C ASN A 168 2.09 -32.06 -33.85
N ASN A 169 2.16 -32.84 -34.93
CA ASN A 169 2.38 -34.30 -34.89
C ASN A 169 1.34 -34.95 -33.95
N GLU A 170 0.07 -35.02 -34.37
CA GLU A 170 -1.03 -35.63 -33.57
C GLU A 170 -2.10 -36.15 -34.54
N TYR A 171 -1.73 -37.07 -35.45
CA TYR A 171 -2.69 -37.66 -36.42
C TYR A 171 -3.72 -38.48 -35.63
N ASN A 172 -5.01 -38.11 -35.69
CA ASN A 172 -6.10 -38.81 -34.98
C ASN A 172 -7.36 -38.76 -35.86
N TYR A 173 -8.42 -39.43 -35.41
CA TYR A 173 -9.72 -39.37 -36.14
C TYR A 173 -10.50 -38.30 -35.38
N CYS A 175 -13.09 -35.87 -33.76
CA CYS A 175 -14.52 -36.19 -33.56
C CYS A 175 -15.04 -35.42 -32.34
N TRP A 176 -16.17 -34.72 -32.48
CA TRP A 176 -16.69 -33.88 -31.38
C TRP A 176 -17.14 -34.74 -30.21
N THR A 177 -17.60 -35.97 -30.46
CA THR A 177 -18.15 -36.85 -29.40
C THR A 177 -17.98 -38.30 -29.86
N THR A 178 -18.26 -39.26 -28.98
CA THR A 178 -18.23 -40.71 -29.31
C THR A 178 -19.58 -41.09 -29.94
N ASN A 179 -20.60 -40.23 -29.84
CA ASN A 179 -21.94 -40.47 -30.44
C ASN A 179 -21.82 -40.14 -31.93
N ARG A 180 -21.78 -38.86 -32.32
CA ARG A 180 -21.54 -38.40 -33.72
C ARG A 180 -20.02 -38.39 -33.96
N CYS A 181 -19.45 -37.51 -34.80
CA CYS A 181 -18.01 -37.48 -35.17
C CYS A 181 -17.70 -36.05 -35.65
N GLN A 182 -16.63 -35.80 -36.42
CA GLN A 182 -16.27 -34.46 -36.99
C GLN A 182 -16.10 -34.56 -38.51
N LYS A 183 -16.26 -33.46 -39.25
CA LYS A 183 -15.98 -33.38 -40.72
C LYS A 183 -15.35 -31.99 -40.88
N MET A 184 -14.61 -31.72 -41.97
CA MET A 184 -13.93 -30.42 -42.20
C MET A 184 -13.69 -30.21 -43.71
N CYS A 185 -13.56 -28.95 -44.18
CA CYS A 185 -13.41 -28.63 -45.63
C CYS A 185 -12.19 -29.37 -46.24
N PRO A 186 -12.36 -30.33 -47.21
CA PRO A 186 -11.22 -31.09 -47.74
C PRO A 186 -10.50 -30.32 -48.86
N SER A 187 -9.62 -30.97 -49.63
CA SER A 187 -8.88 -30.35 -50.76
C SER A 187 -9.84 -29.62 -51.71
N THR A 188 -11.08 -30.11 -51.88
CA THR A 188 -12.11 -29.47 -52.74
C THR A 188 -12.01 -27.94 -52.63
N CYS A 189 -12.01 -27.36 -51.42
CA CYS A 189 -11.96 -25.89 -51.21
C CYS A 189 -10.92 -25.48 -50.16
N GLY A 190 -11.05 -25.92 -48.90
CA GLY A 190 -10.15 -25.51 -47.79
C GLY A 190 -10.67 -24.28 -47.07
N LYS A 191 -10.25 -23.08 -47.47
CA LYS A 191 -10.65 -21.81 -46.78
C LYS A 191 -12.13 -21.53 -47.10
N ARG A 192 -12.50 -21.55 -48.39
CA ARG A 192 -13.90 -21.28 -48.81
C ARG A 192 -14.79 -22.38 -48.25
N ALA A 193 -16.02 -22.08 -47.83
CA ALA A 193 -16.93 -23.06 -47.21
C ALA A 193 -16.76 -24.40 -47.95
N CYS A 194 -17.55 -25.43 -47.64
CA CYS A 194 -17.47 -26.78 -48.27
C CYS A 194 -18.82 -27.46 -48.12
N THR A 195 -19.08 -28.56 -48.84
CA THR A 195 -20.37 -29.30 -48.79
C THR A 195 -20.11 -30.81 -48.78
N GLU A 196 -21.16 -31.61 -48.55
CA GLU A 196 -21.07 -33.09 -48.60
C GLU A 196 -20.88 -33.52 -50.06
N ASN A 198 -18.28 -34.46 -51.29
CA ASN A 198 -16.94 -33.92 -51.64
C ASN A 198 -17.11 -32.84 -52.70
N GLU A 199 -18.05 -31.91 -52.50
CA GLU A 199 -18.34 -30.81 -53.48
C GLU A 199 -17.96 -29.49 -52.81
N CYS A 200 -17.92 -28.39 -53.56
CA CYS A 200 -17.48 -27.06 -53.04
C CYS A 200 -18.67 -26.15 -52.80
N CYS A 201 -18.46 -24.97 -52.23
CA CYS A 201 -19.53 -24.01 -51.82
C CYS A 201 -19.57 -22.81 -52.78
N HIS A 202 -20.43 -21.82 -52.54
CA HIS A 202 -20.62 -20.63 -53.43
C HIS A 202 -19.47 -19.62 -53.25
N PRO A 203 -19.03 -18.84 -54.27
CA PRO A 203 -18.01 -17.80 -54.08
C PRO A 203 -18.29 -17.04 -52.78
N GLU A 204 -19.50 -16.50 -52.63
CA GLU A 204 -19.89 -15.85 -51.36
C GLU A 204 -20.43 -16.97 -50.47
N CYS A 205 -19.59 -17.59 -49.64
CA CYS A 205 -20.01 -18.64 -48.66
C CYS A 205 -18.84 -19.16 -47.82
N LEU A 206 -18.93 -19.10 -46.48
CA LEU A 206 -17.92 -19.67 -45.54
C LEU A 206 -18.70 -20.64 -44.66
N GLY A 207 -18.02 -21.63 -44.09
CA GLY A 207 -18.69 -22.61 -43.23
C GLY A 207 -19.29 -23.73 -44.04
N SER A 208 -20.50 -23.57 -44.58
CA SER A 208 -21.20 -24.64 -45.32
C SER A 208 -22.32 -24.13 -46.23
N CYS A 209 -22.78 -24.97 -47.18
CA CYS A 209 -23.94 -24.68 -48.07
C CYS A 209 -24.80 -25.94 -48.05
N SER A 210 -26.13 -25.82 -48.20
CA SER A 210 -27.07 -26.95 -48.22
C SER A 210 -27.03 -27.65 -49.58
N ALA A 211 -26.38 -27.05 -50.58
CA ALA A 211 -26.32 -27.57 -51.96
C ALA A 211 -25.02 -27.08 -52.59
N PRO A 212 -24.26 -27.86 -53.39
CA PRO A 212 -22.98 -27.39 -53.91
C PRO A 212 -23.08 -26.04 -54.65
N ASP A 213 -22.18 -25.09 -54.36
CA ASP A 213 -22.12 -23.77 -55.04
C ASP A 213 -23.50 -23.23 -55.38
N ASN A 214 -24.21 -22.66 -54.40
CA ASN A 214 -25.55 -22.04 -54.63
C ASN A 214 -25.76 -20.89 -53.64
N ASP A 215 -26.13 -19.69 -54.14
CA ASP A 215 -26.38 -18.49 -53.28
C ASP A 215 -27.44 -18.78 -52.23
N THR A 216 -28.54 -19.45 -52.60
CA THR A 216 -29.71 -19.67 -51.71
C THR A 216 -29.51 -20.89 -50.82
N ALA A 217 -28.52 -21.75 -51.09
CA ALA A 217 -28.22 -22.93 -50.24
C ALA A 217 -27.32 -22.53 -49.08
N CYS A 218 -26.40 -21.58 -49.30
CA CYS A 218 -25.47 -21.08 -48.25
C CYS A 218 -26.11 -21.19 -46.87
N VAL A 219 -25.54 -22.01 -45.97
CA VAL A 219 -26.14 -22.28 -44.63
C VAL A 219 -25.88 -21.05 -43.76
N ALA A 220 -24.62 -20.60 -43.67
CA ALA A 220 -24.20 -19.44 -42.85
C ALA A 220 -23.91 -18.21 -43.72
N CYS A 221 -23.50 -18.37 -44.99
CA CYS A 221 -23.10 -17.27 -45.91
C CYS A 221 -21.76 -16.67 -45.45
N ARG A 222 -20.88 -16.27 -46.37
CA ARG A 222 -19.51 -15.80 -46.02
C ARG A 222 -19.63 -14.43 -45.36
N HIS A 223 -20.62 -13.64 -45.78
CA HIS A 223 -20.83 -12.27 -45.26
C HIS A 223 -22.28 -12.13 -44.82
N TYR A 224 -23.21 -11.82 -45.72
CA TYR A 224 -24.61 -11.53 -45.31
C TYR A 224 -25.62 -12.22 -46.24
N TYR A 225 -26.32 -13.24 -45.76
CA TYR A 225 -27.41 -13.95 -46.49
C TYR A 225 -28.62 -13.01 -46.69
N TYR A 226 -28.59 -12.10 -47.66
CA TYR A 226 -29.69 -11.12 -47.92
C TYR A 226 -30.93 -11.79 -48.48
N ALA A 227 -32.06 -11.72 -47.77
CA ALA A 227 -33.37 -12.22 -48.25
C ALA A 227 -33.23 -13.51 -49.08
N GLY A 228 -32.56 -14.54 -48.55
CA GLY A 228 -32.48 -15.86 -49.22
C GLY A 228 -31.39 -15.99 -50.26
N VAL A 229 -30.35 -15.13 -50.26
CA VAL A 229 -29.23 -15.15 -51.24
C VAL A 229 -27.99 -14.62 -50.52
N CYS A 230 -26.86 -15.31 -50.58
CA CYS A 230 -25.59 -14.86 -49.95
C CYS A 230 -24.97 -13.71 -50.76
N VAL A 231 -25.22 -12.45 -50.36
CA VAL A 231 -24.65 -11.24 -51.03
C VAL A 231 -23.34 -10.88 -50.31
N PRO A 232 -22.27 -10.40 -50.99
CA PRO A 232 -21.06 -9.95 -50.27
C PRO A 232 -21.28 -8.57 -49.65
N ALA A 233 -22.14 -7.73 -50.23
CA ALA A 233 -22.51 -6.39 -49.70
C ALA A 233 -24.01 -6.26 -49.85
N CYS A 234 -24.69 -5.56 -48.94
CA CYS A 234 -26.17 -5.51 -48.93
C CYS A 234 -26.69 -4.73 -50.15
N PRO A 235 -27.72 -5.19 -50.90
CA PRO A 235 -28.30 -4.40 -52.02
C PRO A 235 -28.71 -2.94 -51.70
N PRO A 236 -29.02 -2.09 -52.69
CA PRO A 236 -29.46 -0.72 -52.41
C PRO A 236 -30.78 -0.67 -51.60
N ASN A 237 -30.88 0.23 -50.61
CA ASN A 237 -32.08 0.36 -49.72
C ASN A 237 -32.17 -0.90 -48.86
N THR A 238 -31.03 -1.54 -48.55
CA THR A 238 -30.94 -2.74 -47.66
C THR A 238 -29.58 -2.61 -46.98
N TYR A 239 -29.38 -3.20 -45.80
CA TYR A 239 -28.10 -3.01 -45.06
C TYR A 239 -27.67 -4.29 -44.35
N ARG A 240 -26.35 -4.51 -44.23
CA ARG A 240 -25.78 -5.78 -43.71
C ARG A 240 -25.94 -5.90 -42.20
N PHE A 241 -26.99 -6.56 -41.72
CA PHE A 241 -27.14 -6.83 -40.25
C PHE A 241 -25.84 -7.52 -39.81
N GLU A 242 -25.13 -6.95 -38.85
CA GLU A 242 -23.84 -7.50 -38.36
C GLU A 242 -24.11 -8.87 -37.71
N GLY A 243 -24.03 -9.96 -38.47
CA GLY A 243 -24.29 -11.32 -37.92
C GLY A 243 -24.12 -12.44 -38.94
N TRP A 244 -25.06 -12.64 -39.87
CA TRP A 244 -25.02 -13.78 -40.83
C TRP A 244 -25.93 -13.53 -42.03
N ARG A 245 -27.01 -12.75 -41.86
CA ARG A 245 -27.99 -12.46 -42.93
C ARG A 245 -27.91 -10.98 -43.24
N CYS A 246 -28.57 -10.51 -44.28
CA CYS A 246 -28.68 -9.06 -44.60
C CYS A 246 -30.18 -8.77 -44.55
N VAL A 247 -30.59 -7.57 -44.16
CA VAL A 247 -32.02 -7.20 -43.97
C VAL A 247 -32.29 -5.95 -44.80
N ASP A 248 -33.57 -5.59 -45.02
CA ASP A 248 -33.94 -4.41 -45.86
C ASP A 248 -33.78 -3.16 -45.01
N ARG A 249 -33.78 -1.95 -45.61
CA ARG A 249 -33.57 -0.68 -44.87
C ARG A 249 -34.63 -0.56 -43.79
N ASP A 250 -35.90 -0.86 -44.11
CA ASP A 250 -37.04 -0.75 -43.17
C ASP A 250 -36.71 -1.54 -41.90
N PHE A 251 -36.46 -2.85 -41.99
CA PHE A 251 -36.20 -3.71 -40.81
C PHE A 251 -35.08 -3.10 -39.97
N CYS A 252 -33.92 -2.83 -40.55
CA CYS A 252 -32.72 -2.31 -39.84
C CYS A 252 -33.07 -1.07 -39.01
N ALA A 253 -33.86 -0.13 -39.54
CA ALA A 253 -34.21 1.14 -38.85
C ALA A 253 -35.40 0.96 -37.91
N ASN A 254 -36.39 0.15 -38.28
CA ASN A 254 -37.64 -0.04 -37.50
C ASN A 254 -37.34 -0.75 -36.19
N ILE A 255 -36.38 -1.69 -36.18
CA ILE A 255 -35.94 -2.35 -34.93
C ILE A 255 -35.55 -1.24 -33.94
N LEU A 256 -36.09 -1.23 -32.72
CA LEU A 256 -35.86 -0.11 -31.75
C LEU A 256 -35.02 -0.55 -30.56
N SER A 257 -35.13 -1.81 -30.10
CA SER A 257 -34.35 -2.36 -28.96
C SER A 257 -34.67 -3.85 -28.80
N ALA A 258 -33.72 -4.62 -28.26
CA ALA A 258 -33.94 -6.07 -28.01
C ALA A 258 -32.71 -6.64 -27.31
N GLU A 259 -32.30 -6.05 -26.18
CA GLU A 259 -31.12 -6.53 -25.39
C GLU A 259 -29.84 -6.18 -26.17
N SER A 260 -29.32 -7.11 -26.97
CA SER A 260 -28.14 -6.76 -27.83
C SER A 260 -28.56 -5.60 -28.74
N SER A 261 -29.84 -5.55 -29.11
CA SER A 261 -30.35 -4.43 -29.94
C SER A 261 -30.64 -3.25 -29.02
N ASP A 262 -30.29 -2.02 -29.43
CA ASP A 262 -30.46 -0.85 -28.53
C ASP A 262 -30.77 0.40 -29.33
N SER A 263 -30.11 0.59 -30.48
CA SER A 263 -30.29 1.85 -31.24
C SER A 263 -31.73 1.98 -31.75
N GLU A 264 -32.33 3.16 -31.56
CA GLU A 264 -33.69 3.42 -32.10
C GLU A 264 -33.52 3.58 -33.61
N GLY A 265 -33.51 2.48 -34.35
CA GLY A 265 -32.89 2.45 -35.68
C GLY A 265 -31.38 2.29 -35.63
N PHE A 266 -30.85 1.10 -35.87
CA PHE A 266 -29.39 0.86 -35.95
C PHE A 266 -28.82 1.82 -36.99
N VAL A 267 -28.11 2.89 -36.59
CA VAL A 267 -27.64 3.93 -37.55
C VAL A 267 -26.68 3.30 -38.57
N ILE A 268 -27.15 3.03 -39.79
CA ILE A 268 -26.36 2.33 -40.85
C ILE A 268 -25.06 3.11 -41.10
N HIS A 269 -23.89 2.51 -40.87
CA HIS A 269 -22.57 3.13 -41.19
C HIS A 269 -21.50 2.04 -41.05
N ASP A 270 -20.25 2.32 -41.43
CA ASP A 270 -19.16 1.31 -41.45
C ASP A 270 -19.59 0.23 -42.46
N GLY A 271 -20.21 0.64 -43.58
CA GLY A 271 -20.70 -0.28 -44.62
C GLY A 271 -21.46 -1.43 -44.01
N GLU A 272 -22.46 -1.16 -43.16
CA GLU A 272 -23.23 -2.20 -42.45
C GLU A 272 -24.39 -1.60 -41.67
N CYS A 273 -25.47 -2.36 -41.42
CA CYS A 273 -26.56 -1.94 -40.51
C CYS A 273 -25.97 -2.07 -39.11
N MET A 274 -25.20 -1.09 -38.64
CA MET A 274 -24.47 -1.14 -37.33
C MET A 274 -25.24 -0.30 -36.31
N GLN A 275 -25.29 -0.73 -35.04
CA GLN A 275 -26.02 0.00 -33.98
C GLN A 275 -25.51 1.44 -33.95
N GLU A 276 -24.19 1.64 -33.97
CA GLU A 276 -23.55 2.99 -33.94
C GLU A 276 -22.85 3.22 -35.28
N CYS A 277 -22.00 4.23 -35.40
CA CYS A 277 -21.21 4.53 -36.63
C CYS A 277 -19.73 4.36 -36.27
N PRO A 278 -18.76 4.32 -37.21
CA PRO A 278 -17.35 4.19 -36.86
C PRO A 278 -16.81 5.54 -36.37
N SER A 279 -15.57 5.58 -35.89
CA SER A 279 -14.93 6.81 -35.34
C SER A 279 -15.31 8.07 -36.14
N GLY A 280 -15.77 9.13 -35.48
CA GLY A 280 -16.09 10.42 -36.14
C GLY A 280 -17.28 10.31 -37.06
N PHE A 281 -18.50 10.10 -36.52
CA PHE A 281 -19.76 10.01 -37.29
C PHE A 281 -20.94 10.08 -36.31
N ILE A 282 -21.93 10.98 -36.52
CA ILE A 282 -23.09 11.18 -35.59
C ILE A 282 -24.41 11.09 -36.37
N ARG A 283 -25.35 10.25 -35.94
CA ARG A 283 -26.64 10.01 -36.66
C ARG A 283 -27.28 11.34 -37.06
N ASN A 284 -27.32 11.67 -38.36
CA ASN A 284 -28.04 12.89 -38.86
C ASN A 284 -29.38 12.96 -38.13
N GLY A 285 -29.65 14.04 -37.37
CA GLY A 285 -30.90 14.19 -36.61
C GLY A 285 -31.38 12.86 -36.05
N SER A 286 -32.50 12.31 -36.56
CA SER A 286 -33.03 10.98 -36.15
C SER A 286 -33.23 10.17 -37.44
N GLN A 287 -32.18 9.99 -38.24
CA GLN A 287 -32.22 9.27 -39.54
C GLN A 287 -31.12 8.21 -39.54
N SER A 288 -31.47 6.93 -39.34
CA SER A 288 -30.52 5.80 -39.34
C SER A 288 -29.89 5.65 -40.73
N MET A 289 -30.61 6.06 -41.78
CA MET A 289 -30.16 5.95 -43.19
C MET A 289 -28.64 6.05 -43.31
N TYR A 290 -28.00 7.09 -42.73
CA TYR A 290 -26.54 7.30 -42.80
C TYR A 290 -26.08 8.01 -41.52
N CYS A 291 -24.84 8.49 -41.43
CA CYS A 291 -24.25 9.14 -40.24
C CYS A 291 -23.44 10.36 -40.74
N ILE A 292 -23.31 11.43 -39.95
CA ILE A 292 -22.65 12.71 -40.38
C ILE A 292 -21.23 12.78 -39.81
N PRO A 293 -20.14 12.89 -40.61
CA PRO A 293 -18.79 12.89 -40.06
C PRO A 293 -18.68 13.80 -38.83
N CYS A 294 -18.39 13.20 -37.68
CA CYS A 294 -18.33 13.96 -36.40
C CYS A 294 -16.93 14.56 -36.27
N GLU A 295 -15.90 13.78 -36.58
CA GLU A 295 -14.48 14.21 -36.41
C GLU A 295 -14.14 14.11 -34.92
N GLY A 296 -15.14 13.81 -34.08
CA GLY A 296 -14.92 13.62 -32.64
C GLY A 296 -15.46 12.27 -32.23
N PRO A 297 -14.67 11.17 -32.35
CA PRO A 297 -15.14 9.82 -32.03
C PRO A 297 -16.08 9.75 -30.84
N CYS A 298 -17.24 9.13 -31.02
CA CYS A 298 -18.26 9.12 -29.94
C CYS A 298 -18.30 7.76 -29.24
N PRO A 299 -17.96 7.64 -27.93
CA PRO A 299 -18.12 6.36 -27.22
C PRO A 299 -19.57 5.90 -27.26
N LYS A 300 -20.54 6.82 -27.08
CA LYS A 300 -22.00 6.49 -27.13
C LYS A 300 -22.82 7.78 -26.97
N VAL A 301 -24.08 7.79 -27.41
CA VAL A 301 -24.99 8.95 -27.15
C VAL A 301 -24.95 9.08 -25.63
N CYS A 302 -24.43 10.19 -25.09
CA CYS A 302 -24.19 10.31 -23.63
C CYS A 302 -25.48 10.42 -22.82
N GLU A 303 -26.64 10.59 -23.46
CA GLU A 303 -27.95 10.79 -22.77
C GLU A 303 -28.14 9.79 -21.63
N GLU A 304 -28.79 10.21 -20.54
CA GLU A 304 -29.08 9.34 -19.36
C GLU A 304 -30.60 9.22 -19.31
N GLU A 305 -31.15 8.12 -18.80
CA GLU A 305 -32.61 7.89 -18.71
C GLU A 305 -33.26 9.19 -18.21
N LYS A 306 -32.76 9.74 -17.11
CA LYS A 306 -33.27 11.02 -16.57
C LYS A 306 -32.96 12.13 -17.58
N LYS A 307 -33.99 12.73 -18.20
CA LYS A 307 -33.79 13.86 -19.15
C LYS A 307 -32.90 14.90 -18.48
N THR A 308 -33.34 15.48 -17.37
CA THR A 308 -32.56 16.52 -16.63
C THR A 308 -31.36 15.83 -15.99
N LYS A 309 -30.25 16.56 -15.80
CA LYS A 309 -29.00 15.96 -15.27
C LYS A 309 -28.18 17.08 -14.62
N THR A 310 -27.83 16.95 -13.32
CA THR A 310 -27.04 17.94 -12.55
C THR A 310 -25.72 17.30 -12.12
N ILE A 311 -24.68 18.08 -11.83
CA ILE A 311 -23.33 17.60 -11.44
C ILE A 311 -22.94 18.39 -10.18
N ASP A 312 -23.62 18.14 -9.05
CA ASP A 312 -23.35 18.82 -7.75
C ASP A 312 -22.53 17.88 -6.86
N SER A 313 -22.16 16.70 -7.35
CA SER A 313 -21.34 15.71 -6.63
C SER A 313 -20.23 15.27 -7.58
N VAL A 314 -19.07 14.86 -7.06
CA VAL A 314 -17.94 14.39 -7.92
C VAL A 314 -18.35 13.03 -8.49
N THR A 315 -19.26 12.30 -7.81
CA THR A 315 -19.78 11.00 -8.29
C THR A 315 -20.73 11.25 -9.47
N SER A 316 -21.46 12.36 -9.46
CA SER A 316 -22.40 12.74 -10.55
C SER A 316 -21.58 13.14 -11.77
N ALA A 317 -20.46 13.84 -11.55
CA ALA A 317 -19.53 14.17 -12.66
C ALA A 317 -19.10 12.87 -13.32
N GLN A 318 -18.74 11.85 -12.53
CA GLN A 318 -18.24 10.55 -13.06
C GLN A 318 -19.35 9.80 -13.78
N MET A 319 -20.63 9.95 -13.38
CA MET A 319 -21.75 9.17 -13.99
C MET A 319 -21.81 9.46 -15.49
N LEU A 320 -21.44 10.67 -15.92
CA LEU A 320 -21.45 11.07 -17.37
C LEU A 320 -20.20 10.54 -18.08
N GLN A 321 -19.03 10.52 -17.43
CA GLN A 321 -17.73 10.11 -18.03
C GLN A 321 -17.86 8.95 -19.04
N GLY A 322 -17.20 9.04 -20.21
CA GLY A 322 -17.16 7.95 -21.21
C GLY A 322 -18.25 8.08 -22.25
N CYS A 323 -18.35 9.20 -22.96
CA CYS A 323 -19.48 9.48 -23.90
C CYS A 323 -19.26 10.77 -24.69
N THR A 324 -20.29 11.28 -25.42
CA THR A 324 -20.21 12.57 -26.16
C THR A 324 -21.56 13.34 -26.18
N ILE A 325 -22.51 13.02 -27.07
CA ILE A 325 -23.73 13.87 -27.28
C ILE A 325 -24.87 13.49 -26.32
N PHE A 326 -25.03 14.20 -25.19
CA PHE A 326 -26.12 13.96 -24.21
C PHE A 326 -27.39 14.53 -24.81
N LYS A 327 -28.56 14.15 -24.28
CA LYS A 327 -29.86 14.67 -24.75
C LYS A 327 -30.59 15.15 -23.49
N GLY A 328 -30.24 16.36 -23.01
CA GLY A 328 -30.82 16.92 -21.78
C GLY A 328 -30.03 18.15 -21.34
N ASN A 329 -29.32 18.13 -20.20
CA ASN A 329 -28.47 19.27 -19.74
C ASN A 329 -27.37 18.80 -18.77
N LEU A 330 -26.47 19.69 -18.32
CA LEU A 330 -25.36 19.39 -17.37
C LEU A 330 -25.24 20.53 -16.34
N LEU A 331 -26.24 20.76 -15.49
CA LEU A 331 -26.15 21.77 -14.41
C LEU A 331 -24.93 21.42 -13.55
N ILE A 332 -24.22 22.41 -12.99
CA ILE A 332 -23.00 22.21 -12.15
C ILE A 332 -23.29 22.87 -10.79
N ASN A 333 -23.14 22.16 -9.67
CA ASN A 333 -23.41 22.70 -8.30
C ASN A 333 -22.43 22.12 -7.27
N ILE A 334 -21.22 21.72 -7.68
CA ILE A 334 -20.19 21.07 -6.79
C ILE A 334 -19.59 22.11 -5.83
N ARG A 335 -20.13 22.24 -4.61
CA ARG A 335 -19.61 23.20 -3.58
C ARG A 335 -18.38 22.60 -2.91
N ARG A 336 -18.44 21.33 -2.50
CA ARG A 336 -17.33 20.64 -1.79
C ARG A 336 -16.39 19.99 -2.80
N GLY A 337 -15.08 20.25 -2.70
CA GLY A 337 -14.07 19.68 -3.61
C GLY A 337 -12.81 20.52 -3.62
N ASN A 338 -11.65 19.91 -3.42
CA ASN A 338 -10.34 20.62 -3.50
C ASN A 338 -9.50 19.89 -4.55
N ASN A 339 -8.82 20.62 -5.43
CA ASN A 339 -8.00 20.03 -6.52
C ASN A 339 -8.86 19.10 -7.38
N ILE A 340 -10.16 18.97 -7.09
CA ILE A 340 -11.09 18.14 -7.91
C ILE A 340 -10.97 18.61 -9.37
N ALA A 341 -10.08 19.56 -9.67
CA ALA A 341 -9.82 19.99 -11.06
C ALA A 341 -9.48 18.74 -11.85
N SER A 342 -8.59 17.89 -11.34
CA SER A 342 -8.17 16.61 -11.97
C SER A 342 -9.36 15.65 -12.04
N GLU A 343 -10.12 15.52 -10.96
CA GLU A 343 -11.32 14.63 -10.91
C GLU A 343 -12.20 14.96 -12.11
N LEU A 344 -12.57 16.23 -12.29
CA LEU A 344 -13.50 16.65 -13.37
C LEU A 344 -12.81 16.64 -14.72
N GLU A 345 -11.52 16.94 -14.79
CA GLU A 345 -10.77 16.83 -16.07
C GLU A 345 -11.06 15.43 -16.61
N ASN A 346 -10.93 14.40 -15.77
CA ASN A 346 -11.17 13.00 -16.16
C ASN A 346 -12.67 12.76 -16.34
N PHE A 347 -13.52 13.22 -15.41
CA PHE A 347 -14.99 12.96 -15.41
C PHE A 347 -15.70 13.84 -16.44
N MET A 348 -15.88 15.14 -16.18
CA MET A 348 -16.54 16.11 -17.10
C MET A 348 -15.50 16.65 -18.08
N GLY A 349 -14.97 15.80 -18.96
CA GLY A 349 -14.01 16.20 -20.01
C GLY A 349 -14.11 15.27 -21.19
N LEU A 350 -15.34 14.89 -21.58
CA LEU A 350 -15.61 13.95 -22.70
C LEU A 350 -16.89 14.40 -23.42
N ILE A 351 -17.97 14.72 -22.70
CA ILE A 351 -19.20 15.31 -23.30
C ILE A 351 -18.76 16.34 -24.35
N GLU A 352 -19.18 16.18 -25.61
CA GLU A 352 -18.84 17.10 -26.72
C GLU A 352 -20.03 17.99 -27.05
N VAL A 353 -21.25 17.47 -26.99
CA VAL A 353 -22.50 18.21 -27.34
C VAL A 353 -23.56 17.83 -26.31
N VAL A 354 -24.62 18.64 -26.14
CA VAL A 354 -25.77 18.33 -25.25
C VAL A 354 -26.96 18.99 -25.95
N THR A 355 -28.17 18.43 -25.86
CA THR A 355 -29.39 19.02 -26.46
C THR A 355 -30.09 19.88 -25.39
N GLY A 356 -29.38 20.84 -24.79
CA GLY A 356 -29.97 21.77 -23.81
C GLY A 356 -28.99 22.77 -23.24
N TYR A 357 -28.17 22.39 -22.27
CA TYR A 357 -27.30 23.42 -21.63
C TYR A 357 -26.38 22.87 -20.57
N VAL A 358 -25.48 23.71 -20.03
CA VAL A 358 -24.57 23.38 -18.89
C VAL A 358 -24.78 24.55 -17.93
N LYS A 359 -25.69 24.42 -16.96
CA LYS A 359 -25.89 25.48 -15.94
C LYS A 359 -24.72 25.33 -14.98
N ARG A 361 -23.72 27.03 -10.81
CA ARG A 361 -24.34 27.81 -9.69
C ARG A 361 -23.81 27.23 -8.38
N HIS A 362 -23.59 28.02 -7.32
CA HIS A 362 -23.09 27.54 -6.00
C HIS A 362 -22.13 26.38 -6.22
N SER A 363 -20.93 26.62 -6.73
CA SER A 363 -19.90 25.57 -6.94
C SER A 363 -18.53 26.20 -6.75
N HIS A 364 -18.01 26.28 -5.51
CA HIS A 364 -16.73 26.99 -5.19
C HIS A 364 -15.55 26.01 -5.32
N ALA A 365 -15.76 24.78 -5.82
CA ALA A 365 -14.70 23.75 -6.01
C ALA A 365 -14.14 23.79 -7.44
N LEU A 366 -14.40 24.86 -8.20
CA LEU A 366 -13.97 25.00 -9.62
C LEU A 366 -13.36 26.39 -9.84
N VAL A 367 -12.06 26.53 -10.06
CA VAL A 367 -11.49 27.86 -10.41
C VAL A 367 -12.01 28.20 -11.80
N SER A 368 -11.97 27.24 -12.73
CA SER A 368 -12.41 27.45 -14.14
C SER A 368 -13.10 26.17 -14.63
N LEU A 369 -13.90 26.21 -15.71
CA LEU A 369 -14.54 25.01 -16.29
C LEU A 369 -13.64 24.47 -17.41
N SER A 370 -12.33 24.61 -17.30
CA SER A 370 -11.36 24.05 -18.28
C SER A 370 -11.44 22.52 -18.21
N PHE A 371 -11.88 21.96 -17.07
CA PHE A 371 -12.09 20.50 -16.94
C PHE A 371 -12.88 20.00 -18.15
N LEU A 372 -13.91 20.73 -18.59
CA LEU A 372 -14.65 20.41 -19.83
C LEU A 372 -13.80 20.91 -21.00
N LYS A 373 -12.78 20.15 -21.42
CA LYS A 373 -11.91 20.50 -22.58
C LYS A 373 -12.42 19.77 -23.84
N ASN A 374 -13.51 18.99 -23.72
CA ASN A 374 -14.12 18.25 -24.86
C ASN A 374 -15.39 18.95 -25.35
N LEU A 375 -16.14 19.63 -24.48
CA LEU A 375 -17.43 20.29 -24.86
C LEU A 375 -17.13 21.30 -25.96
N ARG A 376 -17.38 20.95 -27.23
CA ARG A 376 -17.06 21.81 -28.39
C ARG A 376 -18.17 22.82 -28.62
N LEU A 377 -19.42 22.45 -28.33
CA LEU A 377 -20.59 23.32 -28.57
C LEU A 377 -21.75 22.80 -27.73
N ILE A 378 -22.89 23.50 -27.70
CA ILE A 378 -24.09 23.14 -26.90
C ILE A 378 -25.32 23.47 -27.75
N LEU A 379 -26.17 22.49 -28.07
CA LEU A 379 -27.38 22.69 -28.94
C LEU A 379 -28.39 23.58 -28.21
N GLY A 380 -29.28 23.04 -27.38
CA GLY A 380 -30.35 23.84 -26.74
C GLY A 380 -31.76 23.34 -27.00
N GLU A 381 -31.96 22.07 -27.34
CA GLU A 381 -33.29 21.54 -27.72
C GLU A 381 -34.23 21.67 -26.51
N GLU A 382 -33.71 21.54 -25.29
CA GLU A 382 -34.51 21.72 -24.04
C GLU A 382 -33.99 22.98 -23.34
N GLN A 383 -34.84 23.73 -22.64
CA GLN A 383 -34.47 25.02 -21.98
C GLN A 383 -35.11 25.05 -20.59
N LEU A 384 -34.95 26.14 -19.83
CA LEU A 384 -35.49 26.28 -18.44
C LEU A 384 -36.54 27.40 -18.44
N GLU A 385 -37.06 27.79 -17.28
CA GLU A 385 -37.98 28.96 -17.18
C GLU A 385 -37.20 30.16 -17.73
N GLY A 386 -37.85 31.06 -18.48
CA GLY A 386 -37.16 32.18 -19.13
C GLY A 386 -36.04 31.67 -20.02
N ASN A 387 -36.18 30.48 -20.60
CA ASN A 387 -35.17 29.86 -21.50
C ASN A 387 -33.74 30.19 -21.05
N TYR A 388 -33.37 29.85 -19.81
CA TYR A 388 -31.98 30.06 -19.30
C TYR A 388 -31.18 28.77 -19.52
N SER A 389 -30.66 28.60 -20.75
CA SER A 389 -29.83 27.45 -21.16
C SER A 389 -28.48 27.98 -21.65
N TYR A 391 -26.26 29.60 -17.53
CA TYR A 391 -26.68 30.27 -16.28
C TYR A 391 -25.61 30.04 -15.20
N VAL A 392 -25.22 31.06 -14.43
CA VAL A 392 -24.21 30.96 -13.32
C VAL A 392 -24.65 31.96 -12.24
N LEU A 393 -24.90 31.52 -11.01
CA LEU A 393 -25.28 32.40 -9.87
C LEU A 393 -24.73 31.81 -8.56
N ASP A 394 -24.01 32.60 -7.76
CA ASP A 394 -23.47 32.19 -6.44
C ASP A 394 -22.24 31.29 -6.59
N ASN A 395 -21.78 31.01 -7.81
CA ASN A 395 -20.52 30.25 -8.04
C ASN A 395 -19.41 31.30 -7.99
N GLN A 396 -18.56 31.28 -6.96
CA GLN A 396 -17.50 32.31 -6.75
C GLN A 396 -16.14 31.75 -7.20
N LEU A 398 -15.47 30.25 -9.74
CA LEU A 398 -15.17 30.18 -11.19
C LEU A 398 -14.36 31.44 -11.57
N GLN A 399 -13.35 31.37 -12.48
CA GLN A 399 -12.66 32.59 -12.99
C GLN A 399 -12.81 32.63 -14.51
N GLN A 400 -12.27 31.65 -15.25
CA GLN A 400 -12.42 31.54 -16.73
C GLN A 400 -13.46 30.46 -17.02
N LEU A 401 -14.50 30.73 -17.83
CA LEU A 401 -15.58 29.75 -18.09
C LEU A 401 -15.00 28.55 -18.88
N TRP A 402 -15.17 28.45 -20.21
CA TRP A 402 -14.61 27.35 -21.05
C TRP A 402 -13.37 27.91 -21.75
N ASP A 403 -12.24 28.03 -21.06
CA ASP A 403 -10.94 28.53 -21.62
C ASP A 403 -11.16 29.13 -23.01
N TRP A 404 -11.69 30.37 -23.10
CA TRP A 404 -12.05 30.99 -24.40
C TRP A 404 -10.80 31.25 -25.25
N ASP A 405 -9.61 31.34 -24.65
CA ASP A 405 -8.33 31.48 -25.40
C ASP A 405 -8.14 30.30 -26.35
N HIS A 406 -8.41 29.06 -25.92
CA HIS A 406 -8.16 27.83 -26.73
C HIS A 406 -9.33 26.84 -26.67
N ARG A 407 -10.59 27.31 -26.57
CA ARG A 407 -11.81 26.45 -26.60
C ARG A 407 -13.04 27.36 -26.68
N ASN A 408 -13.58 27.63 -27.87
CA ASN A 408 -14.82 28.43 -28.01
C ASN A 408 -15.98 27.44 -28.04
N LEU A 409 -17.17 27.88 -27.61
CA LEU A 409 -18.40 27.04 -27.58
C LEU A 409 -19.46 27.83 -28.34
N THR A 410 -20.67 27.31 -28.43
CA THR A 410 -21.81 28.00 -29.07
C THR A 410 -23.06 27.51 -28.36
N ILE A 411 -24.03 28.37 -28.11
CA ILE A 411 -25.32 27.99 -27.47
C ILE A 411 -26.39 28.27 -28.51
N LYS A 412 -26.82 27.25 -29.24
CA LYS A 412 -27.79 27.40 -30.36
C LYS A 412 -29.11 27.94 -29.80
N ALA A 413 -29.56 27.45 -28.64
CA ALA A 413 -30.82 27.91 -27.98
C ALA A 413 -30.57 28.00 -26.48
N GLY A 414 -30.18 29.18 -25.99
CA GLY A 414 -29.97 29.40 -24.55
C GLY A 414 -29.56 30.82 -24.24
N LYS A 415 -30.23 31.49 -23.31
CA LYS A 415 -29.92 32.88 -22.90
C LYS A 415 -28.93 32.78 -21.73
N MET A 416 -27.88 33.60 -21.72
CA MET A 416 -26.86 33.61 -20.64
C MET A 416 -27.46 34.21 -19.36
N TYR A 417 -26.81 34.03 -18.21
CA TYR A 417 -27.23 34.65 -16.93
C TYR A 417 -26.01 34.63 -16.03
N PHE A 418 -25.49 35.79 -15.60
CA PHE A 418 -24.25 35.89 -14.80
C PHE A 418 -24.39 36.98 -13.74
N ALA A 419 -24.67 36.61 -12.49
CA ALA A 419 -24.82 37.55 -11.35
C ALA A 419 -24.27 36.85 -10.10
N PHE A 420 -23.86 37.58 -9.06
CA PHE A 420 -23.37 37.01 -7.77
C PHE A 420 -22.25 35.98 -8.01
N ASN A 421 -21.40 36.14 -9.04
CA ASN A 421 -20.24 35.24 -9.32
C ASN A 421 -18.92 36.02 -9.17
N PRO A 422 -18.51 36.46 -7.96
CA PRO A 422 -17.29 37.28 -7.83
C PRO A 422 -16.01 36.56 -8.29
N LEU A 424 -15.63 35.13 -11.30
CA LEU A 424 -15.87 34.97 -12.76
C LEU A 424 -16.05 36.35 -13.38
N CYS A 425 -15.20 36.74 -14.33
CA CYS A 425 -15.26 38.06 -15.00
C CYS A 425 -16.51 38.19 -15.85
N VAL A 426 -17.06 39.41 -15.96
CA VAL A 426 -18.24 39.70 -16.84
C VAL A 426 -17.73 39.67 -18.28
N SER A 427 -16.44 39.96 -18.51
CA SER A 427 -15.82 39.98 -19.85
C SER A 427 -15.82 38.59 -20.48
N GLU A 428 -15.73 37.52 -19.67
CA GLU A 428 -15.76 36.12 -20.15
C GLU A 428 -17.04 35.90 -20.97
N ILE A 429 -18.13 36.55 -20.59
CA ILE A 429 -19.48 36.37 -21.21
C ILE A 429 -19.72 37.50 -22.21
N TYR A 430 -19.17 38.69 -22.00
CA TYR A 430 -19.26 39.80 -22.99
C TYR A 430 -18.51 39.35 -24.25
N ARG A 431 -17.56 38.42 -24.12
CA ARG A 431 -16.83 37.81 -25.26
C ARG A 431 -17.78 36.84 -25.96
N MET A 432 -18.53 36.05 -25.19
CA MET A 432 -19.48 35.04 -25.73
C MET A 432 -20.64 35.70 -26.47
N GLU A 433 -20.98 36.95 -26.15
CA GLU A 433 -22.02 37.69 -26.91
C GLU A 433 -21.75 37.44 -28.40
N GLU A 434 -20.52 37.64 -28.86
CA GLU A 434 -20.14 37.41 -30.27
C GLU A 434 -19.71 35.95 -30.49
N VAL A 435 -18.80 35.42 -29.68
CA VAL A 435 -18.19 34.06 -29.88
C VAL A 435 -19.26 32.96 -29.81
N THR A 436 -20.00 32.85 -28.70
CA THR A 436 -21.03 31.80 -28.50
C THR A 436 -22.27 32.18 -29.30
N GLY A 437 -22.41 33.44 -29.71
CA GLY A 437 -23.53 33.92 -30.52
C GLY A 437 -24.71 34.33 -29.67
N THR A 438 -24.48 34.72 -28.41
CA THR A 438 -25.54 35.13 -27.45
C THR A 438 -25.57 36.66 -27.41
N LYS A 439 -25.44 37.33 -28.56
CA LYS A 439 -25.36 38.82 -28.66
C LYS A 439 -26.45 39.46 -27.79
N GLY A 440 -27.69 38.98 -27.91
CA GLY A 440 -28.81 39.48 -27.09
C GLY A 440 -29.87 38.43 -26.84
N ARG A 441 -29.52 37.15 -26.75
CA ARG A 441 -30.51 36.10 -26.39
C ARG A 441 -31.01 36.48 -24.99
N GLN A 442 -30.12 36.99 -24.14
CA GLN A 442 -30.43 37.41 -22.73
C GLN A 442 -30.44 38.94 -22.65
N SER A 443 -30.80 39.50 -21.48
CA SER A 443 -30.82 40.96 -21.24
C SER A 443 -29.52 41.37 -20.55
N LYS A 444 -29.24 42.67 -20.46
CA LYS A 444 -28.00 43.18 -19.83
C LYS A 444 -28.08 42.95 -18.32
N GLY A 445 -29.30 42.86 -17.76
CA GLY A 445 -29.51 42.57 -16.33
C GLY A 445 -29.23 41.10 -16.02
N ASP A 446 -29.33 40.21 -17.01
CA ASP A 446 -29.02 38.76 -16.83
C ASP A 446 -27.51 38.66 -16.59
N ILE A 447 -26.67 39.24 -17.48
CA ILE A 447 -25.18 39.26 -17.31
C ILE A 447 -24.83 40.61 -16.66
N ASN A 448 -25.39 40.90 -15.48
CA ASN A 448 -25.18 42.21 -14.80
C ASN A 448 -23.74 42.28 -14.26
N THR A 449 -23.22 43.49 -14.03
CA THR A 449 -21.87 43.70 -13.46
C THR A 449 -21.97 43.81 -11.93
N ARG A 450 -23.11 44.26 -11.39
CA ARG A 450 -23.33 44.36 -9.92
C ARG A 450 -23.10 42.97 -9.32
N ASN A 451 -22.30 42.83 -8.25
CA ASN A 451 -22.00 41.54 -7.55
C ASN A 451 -21.08 40.65 -8.40
N ASN A 452 -21.37 40.42 -9.68
CA ASN A 452 -20.50 39.65 -10.60
C ASN A 452 -19.08 40.24 -10.60
N GLY A 453 -18.05 39.39 -10.56
CA GLY A 453 -16.63 39.83 -10.58
C GLY A 453 -16.33 41.00 -9.66
N GLU A 454 -16.95 41.08 -8.47
CA GLU A 454 -16.65 42.15 -7.47
C GLU A 454 -15.38 41.78 -6.72
N ARG A 455 -15.10 40.48 -6.57
CA ARG A 455 -13.92 39.96 -5.83
C ARG A 455 -13.02 39.29 -6.88
N ALA A 456 -12.32 38.21 -6.51
CA ALA A 456 -11.34 37.57 -7.41
C ALA A 456 -10.35 38.62 -7.91
N SER A 457 -9.98 38.56 -9.19
CA SER A 457 -9.08 39.59 -9.77
C SER A 457 -9.05 39.48 -11.30
N CYS A 458 -9.22 40.61 -11.99
CA CYS A 458 -9.19 40.61 -13.48
C CYS A 458 -8.35 41.80 -13.95
N GLU A 459 -8.84 43.03 -13.74
CA GLU A 459 -8.09 44.26 -14.14
C GLU A 459 -6.68 44.19 -13.53
N SER A 460 -6.53 43.69 -12.30
CA SER A 460 -5.24 43.48 -11.59
C SER A 460 -4.01 43.74 -12.49
N ASP A 461 -3.20 44.75 -12.14
CA ASP A 461 -2.06 45.16 -13.00
C ASP A 461 -0.93 44.12 -12.92
N VAL A 462 -0.17 43.94 -13.99
CA VAL A 462 0.94 42.94 -14.06
C VAL A 462 2.25 43.69 -13.73
N LEU A 463 2.79 43.48 -12.54
CA LEU A 463 4.05 44.15 -12.09
C LEU A 463 5.24 43.50 -12.82
N HIS A 464 6.32 44.25 -13.07
CA HIS A 464 7.55 43.74 -13.73
C HIS A 464 8.59 43.43 -12.66
N PHE A 465 9.52 42.50 -12.93
CA PHE A 465 10.59 42.10 -11.98
C PHE A 465 11.76 43.08 -12.08
N THR A 466 12.17 43.69 -10.96
CA THR A 466 13.24 44.71 -10.97
C THR A 466 14.62 44.05 -10.96
N SER A 467 14.76 42.83 -10.44
CA SER A 467 16.05 42.08 -10.41
C SER A 467 15.74 40.60 -10.28
N THR A 468 16.46 39.71 -10.96
CA THR A 468 16.23 38.25 -10.95
C THR A 468 17.52 37.57 -10.51
N THR A 469 18.19 38.11 -9.48
CA THR A 469 19.44 37.53 -8.94
C THR A 469 19.24 36.03 -8.79
N THR A 470 20.26 35.23 -9.07
CA THR A 470 20.16 33.75 -9.05
C THR A 470 21.49 33.20 -8.51
N SER A 471 21.53 32.67 -7.29
CA SER A 471 22.77 32.22 -6.61
C SER A 471 23.09 30.76 -6.96
N LYS A 472 23.14 29.81 -6.00
CA LYS A 472 23.33 28.35 -6.27
C LYS A 472 21.97 27.65 -6.09
N ASN A 473 21.14 28.12 -5.16
CA ASN A 473 19.78 27.55 -4.91
C ASN A 473 18.88 28.64 -4.31
N ARG A 474 19.08 29.91 -4.67
CA ARG A 474 18.31 31.05 -4.10
C ARG A 474 17.94 32.04 -5.21
N ILE A 475 16.65 32.25 -5.48
CA ILE A 475 16.19 33.29 -6.44
C ILE A 475 15.84 34.46 -5.54
N ILE A 476 16.39 35.65 -5.79
CA ILE A 476 16.17 36.84 -4.94
C ILE A 476 15.30 37.77 -5.78
N ILE A 477 14.20 37.24 -6.29
CA ILE A 477 13.28 38.00 -7.17
C ILE A 477 12.77 39.24 -6.43
N THR A 478 12.71 40.40 -7.10
CA THR A 478 12.32 41.69 -6.48
C THR A 478 11.37 42.38 -7.46
N TRP A 479 10.67 43.45 -7.06
CA TRP A 479 9.66 44.12 -7.92
C TRP A 479 9.66 45.60 -7.55
N HIS A 480 8.76 46.41 -8.11
CA HIS A 480 8.59 47.85 -7.74
C HIS A 480 8.09 47.92 -6.29
N ARG A 483 2.43 48.77 -4.99
CA ARG A 483 1.75 50.04 -4.60
C ARG A 483 0.25 49.90 -4.92
N PRO A 484 -0.56 49.12 -4.14
CA PRO A 484 -1.98 48.92 -4.45
C PRO A 484 -2.81 50.20 -4.37
N PRO A 485 -4.09 50.22 -4.80
CA PRO A 485 -4.97 51.40 -4.73
C PRO A 485 -4.80 52.25 -3.45
N ASP A 486 -4.76 51.58 -2.29
CA ASP A 486 -4.58 52.23 -0.96
C ASP A 486 -3.37 51.54 -0.37
N TYR A 487 -2.46 52.25 0.31
CA TYR A 487 -1.18 51.65 0.81
C TYR A 487 -1.38 51.04 2.20
N ARG A 488 -2.62 50.90 2.69
CA ARG A 488 -2.90 50.16 3.95
C ARG A 488 -2.66 48.68 3.63
N ASP A 489 -2.51 48.37 2.34
CA ASP A 489 -2.23 46.97 1.92
C ASP A 489 -0.73 46.85 1.60
N ILE A 491 1.43 44.24 1.44
CA ILE A 491 1.76 43.37 2.61
C ILE A 491 2.22 42.02 2.07
N SER A 492 2.18 40.91 2.84
CA SER A 492 2.44 39.54 2.32
C SER A 492 2.50 39.54 0.80
N PHE A 493 3.67 39.27 0.24
CA PHE A 493 3.88 39.28 -1.22
C PHE A 493 4.10 37.83 -1.64
N THR A 494 3.01 37.09 -1.82
CA THR A 494 3.12 35.68 -2.24
C THR A 494 4.00 35.64 -3.49
N VAL A 495 5.15 34.99 -3.43
CA VAL A 495 6.00 34.77 -4.63
C VAL A 495 5.73 33.33 -5.05
N TYR A 496 4.45 33.03 -5.32
CA TYR A 496 4.04 31.71 -5.83
C TYR A 496 5.12 31.25 -6.81
N TYR A 497 5.72 30.09 -6.58
CA TYR A 497 6.77 29.54 -7.44
C TYR A 497 6.36 28.13 -7.81
N LYS A 498 7.03 27.47 -8.75
CA LYS A 498 6.79 26.04 -9.08
C LYS A 498 7.95 25.59 -9.94
N ALA A 500 8.83 24.58 -13.22
CA ALA A 500 8.05 24.66 -14.49
C ALA A 500 8.99 24.48 -15.68
N PRO A 501 9.40 23.25 -16.06
CA PRO A 501 10.36 23.09 -17.15
C PRO A 501 9.84 23.66 -18.47
N PHE A 502 8.52 23.74 -18.67
CA PHE A 502 7.88 24.28 -19.91
C PHE A 502 7.42 25.71 -19.66
N LYS A 503 6.98 26.45 -20.69
CA LYS A 503 6.52 27.86 -20.56
C LYS A 503 5.00 27.90 -20.72
N ASN A 504 4.30 26.75 -20.60
CA ASN A 504 2.83 26.65 -20.78
C ASN A 504 2.21 26.61 -19.38
N VAL A 505 2.19 27.76 -18.69
CA VAL A 505 1.66 27.86 -17.29
C VAL A 505 0.95 29.22 -17.19
N THR A 506 -0.08 29.33 -16.35
CA THR A 506 -0.90 30.56 -16.17
C THR A 506 -0.76 30.98 -14.71
N GLU A 507 -1.80 31.51 -14.07
CA GLU A 507 -1.82 31.84 -12.62
C GLU A 507 -2.86 30.97 -11.90
N TYR A 508 -3.94 30.54 -12.58
CA TYR A 508 -5.06 29.76 -12.00
C TYR A 508 -4.88 28.27 -12.32
N ASP A 509 -3.65 27.79 -12.52
CA ASP A 509 -3.40 26.33 -12.71
C ASP A 509 -3.92 25.65 -11.46
N GLY A 510 -3.66 26.23 -10.28
CA GLY A 510 -4.12 25.69 -8.98
C GLY A 510 -3.79 26.70 -7.90
N GLN A 511 -4.62 27.73 -7.71
CA GLN A 511 -4.38 28.82 -6.73
C GLN A 511 -4.26 28.28 -5.30
N ASP A 512 -5.36 28.20 -4.55
CA ASP A 512 -5.32 27.77 -3.13
C ASP A 512 -6.73 27.35 -2.70
N ALA A 513 -6.98 26.05 -2.55
CA ALA A 513 -8.29 25.52 -2.09
C ALA A 513 -9.40 25.74 -3.15
N CYS A 514 -10.15 26.84 -3.07
CA CYS A 514 -11.28 27.08 -4.00
C CYS A 514 -10.77 27.20 -5.43
N GLY A 515 -9.56 27.70 -5.62
CA GLY A 515 -9.01 27.89 -6.97
C GLY A 515 -8.16 26.71 -7.39
N SER A 516 -8.40 25.52 -6.81
CA SER A 516 -7.56 24.32 -7.07
C SER A 516 -6.19 24.53 -6.40
N ASN A 517 -5.26 23.59 -6.55
CA ASN A 517 -3.96 23.77 -5.84
C ASN A 517 -2.84 23.09 -6.61
N SER A 518 -1.75 23.81 -6.88
CA SER A 518 -0.57 23.30 -7.65
C SER A 518 0.53 24.36 -7.51
N TRP A 519 0.29 25.58 -7.96
CA TRP A 519 1.25 26.71 -7.75
C TRP A 519 1.67 26.68 -6.28
N ASN A 520 2.95 26.49 -5.98
CA ASN A 520 3.44 26.37 -4.59
C ASN A 520 3.48 27.76 -3.95
N MET A 521 2.55 28.08 -3.05
CA MET A 521 2.49 29.40 -2.36
C MET A 521 3.77 29.59 -1.54
N VAL A 522 4.32 30.80 -1.50
CA VAL A 522 5.50 31.16 -0.66
C VAL A 522 5.13 32.53 -0.08
N ASP A 523 5.95 33.18 0.76
CA ASP A 523 5.53 34.52 1.26
C ASP A 523 6.66 35.28 1.95
N VAL A 524 6.72 36.60 1.79
CA VAL A 524 7.69 37.51 2.50
C VAL A 524 6.98 38.86 2.50
N ASP A 525 7.03 39.61 3.60
CA ASP A 525 6.29 40.88 3.72
C ASP A 525 7.05 41.98 2.97
N LEU A 526 6.35 42.97 2.41
CA LEU A 526 6.99 44.11 1.71
C LEU A 526 7.55 45.05 2.78
N PRO A 527 8.84 45.44 2.77
CA PRO A 527 9.41 46.24 3.87
C PRO A 527 8.88 47.70 3.85
N PRO A 528 8.75 48.42 4.99
CA PRO A 528 8.16 49.76 4.97
C PRO A 528 9.04 50.79 4.25
N LYS A 530 9.31 53.53 2.64
CA LYS A 530 9.39 53.63 1.16
C LYS A 530 10.74 53.05 0.70
N ASP A 531 11.84 53.41 1.38
CA ASP A 531 13.20 52.89 1.08
C ASP A 531 13.22 51.41 1.48
N VAL A 532 14.22 50.62 1.06
CA VAL A 532 14.26 49.14 1.29
C VAL A 532 13.26 48.55 0.28
N GLU A 533 13.73 47.78 -0.71
CA GLU A 533 12.86 47.21 -1.79
C GLU A 533 12.51 45.78 -1.37
N PRO A 534 11.31 45.23 -1.63
CA PRO A 534 11.03 43.83 -1.29
C PRO A 534 11.93 42.86 -2.05
N GLY A 535 12.46 41.85 -1.37
CA GLY A 535 13.35 40.84 -1.97
C GLY A 535 13.20 39.51 -1.27
N ILE A 536 12.20 38.73 -1.66
CA ILE A 536 11.99 37.37 -1.08
C ILE A 536 13.19 36.49 -1.42
N LEU A 537 13.35 35.37 -0.73
CA LEU A 537 14.38 34.37 -1.09
C LEU A 537 13.65 33.05 -1.21
N LEU A 538 13.50 32.50 -2.43
CA LEU A 538 12.92 31.15 -2.62
C LEU A 538 14.07 30.19 -2.36
N HIS A 539 14.66 30.25 -1.16
CA HIS A 539 15.85 29.42 -0.82
C HIS A 539 15.43 27.96 -0.90
N GLY A 540 16.24 27.10 -1.51
CA GLY A 540 15.89 25.68 -1.73
C GLY A 540 15.07 25.53 -2.99
N LEU A 541 15.29 26.36 -4.00
CA LEU A 541 14.57 26.26 -5.31
C LEU A 541 14.89 24.91 -5.95
N LYS A 542 13.97 24.37 -6.77
CA LYS A 542 14.14 23.03 -7.40
C LYS A 542 15.48 23.02 -8.16
N PRO A 543 16.53 22.24 -7.78
CA PRO A 543 17.76 22.18 -8.57
C PRO A 543 17.46 21.50 -9.92
N TRP A 544 17.76 22.08 -11.10
CA TRP A 544 17.50 21.55 -12.48
C TRP A 544 16.21 22.14 -13.09
N THR A 545 15.62 23.20 -12.51
CA THR A 545 14.41 23.86 -13.07
C THR A 545 14.36 25.33 -12.62
N GLN A 546 13.47 26.14 -13.21
CA GLN A 546 13.34 27.59 -12.91
C GLN A 546 12.13 27.83 -11.99
N ALA A 548 9.36 29.07 -12.90
CA ALA A 548 8.21 30.01 -12.82
C ALA A 548 8.31 30.79 -11.51
N VAL A 549 7.79 32.02 -11.45
CA VAL A 549 7.93 32.87 -10.23
C VAL A 549 6.92 34.00 -10.26
N TYR A 550 5.66 33.72 -10.58
CA TYR A 550 4.62 34.78 -10.70
C TYR A 550 4.46 35.41 -9.31
N VAL A 551 4.98 36.62 -9.11
CA VAL A 551 4.94 37.33 -7.79
C VAL A 551 3.61 38.09 -7.68
N LYS A 552 2.51 37.40 -7.38
CA LYS A 552 1.18 38.05 -7.22
C LYS A 552 1.18 38.87 -5.94
N ALA A 553 0.48 40.00 -5.90
CA ALA A 553 0.37 40.87 -4.69
C ALA A 553 -0.97 40.59 -3.99
N VAL A 554 -0.96 39.90 -2.85
CA VAL A 554 -2.19 39.66 -2.03
C VAL A 554 -2.44 40.99 -1.30
N THR A 555 -3.67 41.54 -1.29
CA THR A 555 -3.98 42.87 -0.70
C THR A 555 -5.26 42.80 0.15
N LEU A 556 -5.86 43.93 0.54
CA LEU A 556 -7.16 44.00 1.28
C LEU A 556 -8.17 44.63 0.32
N THR A 557 -9.16 43.87 -0.17
CA THR A 557 -10.14 44.34 -1.18
C THR A 557 -11.41 44.87 -0.51
N MET A 558 -11.46 46.15 -0.13
CA MET A 558 -12.70 46.78 0.43
C MET A 558 -12.51 48.30 0.41
N VAL A 559 -13.50 49.09 0.86
CA VAL A 559 -13.52 50.59 0.79
C VAL A 559 -13.72 50.92 -0.68
N GLU A 560 -12.70 50.81 -1.53
CA GLU A 560 -12.86 50.97 -2.99
C GLU A 560 -13.70 49.78 -3.45
N ASN A 561 -13.50 48.60 -2.84
CA ASN A 561 -14.28 47.36 -3.10
C ASN A 561 -14.14 46.95 -4.58
N ASP A 562 -15.02 47.41 -5.46
CA ASP A 562 -15.02 47.04 -6.91
C ASP A 562 -13.92 47.81 -7.63
N HIS A 563 -13.50 48.98 -7.11
CA HIS A 563 -12.42 49.81 -7.72
C HIS A 563 -11.06 49.26 -7.29
N ILE A 564 -11.00 48.37 -6.29
CA ILE A 564 -9.71 47.71 -5.90
C ILE A 564 -9.27 46.91 -7.13
N ARG A 565 -8.22 47.34 -7.82
CA ARG A 565 -7.74 46.66 -9.06
C ARG A 565 -7.07 45.34 -8.68
N GLY A 566 -6.13 45.34 -7.74
CA GLY A 566 -5.36 44.14 -7.36
C GLY A 566 -4.07 44.10 -8.14
N ALA A 567 -3.41 42.93 -8.22
CA ALA A 567 -2.12 42.79 -8.93
C ALA A 567 -1.85 41.32 -9.28
N LYS A 568 -0.92 41.05 -10.21
CA LYS A 568 -0.61 39.67 -10.68
C LYS A 568 0.64 39.75 -11.57
N SER A 569 1.83 39.85 -10.98
CA SER A 569 3.12 39.97 -11.73
C SER A 569 3.22 38.91 -12.82
N GLU A 570 3.93 39.20 -13.91
CA GLU A 570 4.02 38.30 -15.08
C GLU A 570 4.71 37.01 -14.67
N ILE A 571 4.46 35.91 -15.37
CA ILE A 571 5.08 34.60 -15.05
C ILE A 571 6.40 34.50 -15.79
N LEU A 572 7.48 35.06 -15.25
CA LEU A 572 8.83 34.87 -15.83
C LEU A 572 9.20 33.45 -15.42
N TYR A 573 9.99 32.69 -16.18
CA TYR A 573 10.48 31.33 -15.80
C TYR A 573 11.96 31.55 -15.53
N ILE A 574 12.31 32.51 -14.64
CA ILE A 574 13.71 32.95 -14.37
C ILE A 574 14.65 32.09 -15.21
N ARG A 575 14.84 32.49 -16.50
CA ARG A 575 15.59 31.70 -17.50
C ARG A 575 17.09 31.84 -17.26
N THR A 576 17.62 31.18 -16.24
CA THR A 576 19.07 31.15 -15.92
C THR A 576 19.42 29.67 -15.87
N ASN A 577 18.76 28.86 -16.73
CA ASN A 577 18.96 27.40 -16.70
C ASN A 577 18.89 26.95 -15.25
N ALA A 578 17.75 27.18 -14.58
CA ALA A 578 17.58 26.78 -13.17
C ALA A 578 18.52 27.60 -12.30
N SER A 579 19.50 26.93 -11.68
CA SER A 579 20.53 27.64 -10.88
C SER A 579 21.87 27.43 -11.58
N VAL A 580 22.71 26.50 -11.11
CA VAL A 580 23.99 26.22 -11.82
C VAL A 580 24.63 24.88 -11.47
N PRO A 581 25.44 24.27 -12.36
CA PRO A 581 26.08 22.94 -12.20
C PRO A 581 26.13 22.19 -10.87
N SER A 582 25.73 20.90 -10.89
CA SER A 582 25.62 20.21 -9.58
C SER A 582 25.88 18.71 -9.65
N ILE A 583 25.89 18.04 -8.49
CA ILE A 583 26.21 16.59 -8.39
C ILE A 583 25.53 15.76 -9.48
N PRO A 584 26.29 15.00 -10.28
CA PRO A 584 25.70 14.07 -11.26
C PRO A 584 24.92 12.97 -10.55
N LEU A 585 24.26 12.07 -11.28
CA LEU A 585 23.58 10.96 -10.57
C LEU A 585 23.42 9.75 -11.46
N ASP A 586 22.98 8.66 -10.87
CA ASP A 586 22.88 7.33 -11.54
C ASP A 586 23.99 7.20 -12.58
N VAL A 587 25.25 7.19 -12.15
CA VAL A 587 26.39 6.96 -13.08
C VAL A 587 26.60 5.44 -13.12
N LEU A 588 26.91 4.87 -14.29
CA LEU A 588 27.07 3.39 -14.45
C LEU A 588 28.34 3.12 -15.26
N SER A 589 29.52 3.32 -14.67
CA SER A 589 30.81 3.03 -15.33
C SER A 589 30.96 1.50 -15.36
N ALA A 590 31.47 0.94 -16.46
CA ALA A 590 31.60 -0.52 -16.63
C ALA A 590 32.72 -0.80 -17.63
N SER A 591 33.77 -1.52 -17.23
CA SER A 591 34.87 -1.90 -18.14
C SER A 591 34.30 -2.69 -19.32
N ASN A 592 34.17 -2.07 -20.49
CA ASN A 592 33.56 -2.72 -21.68
C ASN A 592 34.63 -3.49 -22.45
N SER A 593 35.92 -3.23 -22.20
CA SER A 593 37.04 -3.91 -22.87
C SER A 593 38.28 -3.86 -21.99
N SER A 594 39.32 -4.63 -22.31
CA SER A 594 40.60 -4.62 -21.55
C SER A 594 41.25 -3.26 -21.73
N SER A 595 41.82 -2.69 -20.66
CA SER A 595 42.39 -1.32 -20.68
C SER A 595 41.37 -0.33 -21.26
N GLN A 596 40.07 -0.56 -21.00
CA GLN A 596 38.96 0.31 -21.50
C GLN A 596 37.90 0.42 -20.42
N LEU A 597 37.07 1.47 -20.43
CA LEU A 597 36.06 1.70 -19.37
C LEU A 597 34.92 2.59 -19.85
N ILE A 598 33.79 1.99 -20.23
CA ILE A 598 32.57 2.77 -20.63
C ILE A 598 32.13 3.56 -19.40
N VAL A 599 31.55 4.76 -19.59
CA VAL A 599 31.00 5.57 -18.47
C VAL A 599 29.60 6.00 -18.86
N LYS A 600 28.71 5.03 -19.08
CA LYS A 600 27.30 5.35 -19.37
C LYS A 600 26.71 5.82 -18.03
N TRP A 601 25.89 6.86 -18.04
CA TRP A 601 25.31 7.43 -16.80
C TRP A 601 23.82 7.65 -17.01
N ASN A 602 23.31 8.81 -16.62
CA ASN A 602 21.88 9.17 -16.76
C ASN A 602 21.85 10.69 -16.80
N PRO A 603 20.85 11.37 -17.40
CA PRO A 603 20.74 12.83 -17.26
C PRO A 603 20.60 12.94 -15.74
N PRO A 604 21.67 13.28 -15.00
CA PRO A 604 21.63 13.26 -13.55
C PRO A 604 20.26 13.63 -12.99
N SER A 605 20.00 13.49 -11.69
CA SER A 605 18.76 13.98 -11.06
C SER A 605 19.05 15.44 -10.68
N LEU A 606 20.34 15.87 -10.74
CA LEU A 606 20.72 17.26 -10.37
C LEU A 606 21.83 17.82 -11.27
N PRO A 607 21.68 17.98 -12.61
CA PRO A 607 22.71 18.66 -13.42
C PRO A 607 22.68 20.16 -13.10
N ASN A 608 21.51 20.71 -12.72
CA ASN A 608 21.32 22.14 -12.37
C ASN A 608 21.66 22.97 -13.61
N GLY A 609 20.90 22.78 -14.69
CA GLY A 609 21.13 23.51 -15.95
C GLY A 609 20.58 22.76 -17.14
N ASN A 610 21.30 22.71 -18.28
CA ASN A 610 20.82 22.08 -19.53
C ASN A 610 21.85 21.04 -19.97
N LEU A 611 22.48 20.35 -19.02
CA LEU A 611 23.43 19.24 -19.32
C LEU A 611 24.35 19.59 -20.49
N SER A 612 25.40 20.38 -20.27
CA SER A 612 26.33 20.81 -21.35
C SER A 612 27.26 19.63 -21.74
N TYR A 613 27.99 19.05 -20.79
CA TYR A 613 28.92 17.92 -21.05
C TYR A 613 29.26 17.25 -19.71
N TYR A 614 30.00 16.12 -19.71
CA TYR A 614 30.38 15.36 -18.49
C TYR A 614 31.89 15.13 -18.40
N ILE A 615 32.64 16.01 -17.74
CA ILE A 615 34.11 15.79 -17.56
C ILE A 615 34.28 14.47 -16.81
N VAL A 616 34.69 13.38 -17.45
CA VAL A 616 35.01 12.13 -16.71
C VAL A 616 36.32 12.49 -16.02
N ARG A 617 36.55 12.04 -14.79
CA ARG A 617 37.81 12.27 -14.04
C ARG A 617 38.17 10.91 -13.47
N TRP A 618 39.33 10.35 -13.81
CA TRP A 618 39.70 8.98 -13.39
C TRP A 618 41.19 8.95 -13.08
N GLN A 619 41.63 8.06 -12.19
CA GLN A 619 43.05 7.93 -11.78
C GLN A 619 43.21 6.49 -11.33
N PRO A 622 45.22 4.20 -6.25
CA PRO A 622 46.50 3.81 -5.65
C PRO A 622 46.68 2.30 -5.46
N GLN A 623 47.08 1.57 -6.51
CA GLN A 623 47.39 0.12 -6.41
C GLN A 623 48.56 -0.01 -5.44
N ASP A 624 48.32 -0.41 -4.19
CA ASP A 624 49.38 -0.50 -3.14
C ASP A 624 50.08 -1.84 -3.22
N GLY A 625 51.19 -2.03 -2.49
CA GLY A 625 51.98 -3.28 -2.48
C GLY A 625 51.75 -4.10 -1.22
N TYR A 626 50.49 -4.40 -0.88
CA TYR A 626 50.13 -5.24 0.29
C TYR A 626 50.09 -6.71 -0.15
N LEU A 627 49.35 -7.03 -1.22
CA LEU A 627 49.28 -8.41 -1.77
C LEU A 627 50.64 -8.79 -2.34
N TYR A 628 51.43 -7.81 -2.81
CA TYR A 628 52.83 -8.05 -3.29
C TYR A 628 53.51 -9.02 -2.33
N ARG A 629 53.53 -8.71 -1.04
CA ARG A 629 54.20 -9.54 0.01
C ARG A 629 53.15 -10.47 0.61
N HIS A 630 52.63 -11.43 -0.17
CA HIS A 630 51.60 -12.40 0.29
C HIS A 630 51.41 -13.48 -0.78
N GLY A 667 10.69 -27.51 -6.35
CA GLY A 667 11.41 -27.93 -5.12
C GLY A 667 12.80 -28.43 -5.43
N PRO A 668 13.81 -27.53 -5.56
CA PRO A 668 15.17 -27.93 -5.92
C PRO A 668 15.81 -28.80 -4.82
N CYS A 669 16.20 -30.05 -5.14
CA CYS A 669 16.75 -31.00 -4.15
C CYS A 669 15.63 -31.42 -3.19
N CYS A 670 14.84 -32.43 -3.57
CA CYS A 670 13.69 -32.88 -2.75
C CYS A 670 14.15 -33.17 -1.31
N ALA A 671 14.91 -34.24 -1.10
CA ALA A 671 15.34 -34.61 0.27
C ALA A 671 16.86 -34.47 0.40
N CYS A 672 17.34 -33.24 0.65
CA CYS A 672 18.80 -32.99 0.76
C CYS A 672 19.09 -31.71 1.57
N PRO A 673 18.35 -30.58 1.41
CA PRO A 673 18.55 -29.40 2.25
C PRO A 673 17.91 -29.49 3.65
N LYS A 674 17.46 -28.35 4.18
CA LYS A 674 16.88 -28.34 5.56
C LYS A 674 15.66 -27.41 5.60
N THR A 675 14.84 -27.53 6.65
CA THR A 675 13.62 -26.69 6.77
C THR A 675 14.00 -25.33 7.39
N GLU A 676 14.06 -24.30 6.55
CA GLU A 676 14.30 -22.94 7.08
C GLU A 676 13.02 -22.15 6.88
N ALA A 677 11.87 -22.84 6.90
CA ALA A 677 10.55 -22.17 6.78
C ALA A 677 10.36 -21.25 7.98
N GLU A 678 11.14 -21.45 9.04
CA GLU A 678 11.09 -20.57 10.23
C GLU A 678 11.96 -19.36 9.94
N LYS A 679 11.72 -18.66 8.82
CA LYS A 679 12.52 -17.48 8.44
C LYS A 679 12.17 -16.32 9.38
N GLN A 680 11.03 -16.39 10.05
CA GLN A 680 10.68 -15.35 11.06
C GLN A 680 11.57 -15.60 12.28
N ALA A 681 11.82 -16.87 12.61
CA ALA A 681 12.73 -17.21 13.74
C ALA A 681 14.17 -16.96 13.29
N GLU A 682 14.43 -17.00 11.99
CA GLU A 682 15.78 -16.66 11.47
C GLU A 682 15.87 -15.14 11.50
N LYS A 683 14.72 -14.48 11.55
CA LYS A 683 14.68 -12.99 11.64
C LYS A 683 14.56 -12.63 13.12
N GLU A 684 14.73 -13.61 14.02
CA GLU A 684 14.75 -13.27 15.47
C GLU A 684 16.17 -12.78 15.76
N GLU A 685 17.10 -13.12 14.87
CA GLU A 685 18.50 -12.64 15.01
C GLU A 685 18.79 -11.72 13.82
N ALA A 686 18.00 -11.86 12.76
CA ALA A 686 18.17 -11.00 11.56
C ALA A 686 17.51 -9.65 11.82
N GLU A 687 16.28 -9.66 12.37
CA GLU A 687 15.67 -8.36 12.74
C GLU A 687 16.43 -7.83 13.95
N TYR A 688 16.99 -8.72 14.79
CA TYR A 688 17.80 -8.24 15.93
C TYR A 688 19.03 -7.52 15.36
N ARG A 689 19.55 -8.02 14.23
CA ARG A 689 20.68 -7.34 13.56
C ARG A 689 20.25 -5.90 13.25
N LYS A 690 18.99 -5.72 12.84
CA LYS A 690 18.47 -4.38 12.47
C LYS A 690 18.32 -3.49 13.71
N VAL A 691 17.98 -4.08 14.86
CA VAL A 691 17.92 -3.26 16.11
C VAL A 691 19.33 -2.78 16.43
N PHE A 692 20.33 -3.66 16.31
CA PHE A 692 21.74 -3.25 16.51
C PHE A 692 22.06 -2.12 15.54
N GLU A 693 21.41 -2.13 14.37
CA GLU A 693 21.70 -1.11 13.33
C GLU A 693 21.33 0.29 13.84
N ASN A 694 20.23 0.42 14.59
CA ASN A 694 19.80 1.77 15.04
C ASN A 694 20.87 2.36 15.96
N PHE A 695 21.25 1.65 17.03
CA PHE A 695 22.35 2.13 17.91
C PHE A 695 23.68 1.76 17.26
N LEU A 696 24.07 2.49 16.21
CA LEU A 696 25.34 2.22 15.50
C LEU A 696 25.29 3.06 14.22
N HIS A 697 24.15 3.06 13.55
CA HIS A 697 24.05 3.76 12.24
C HIS A 697 23.29 5.07 12.41
N ASN A 698 23.13 5.51 13.66
CA ASN A 698 22.55 6.87 13.88
C ASN A 698 23.58 7.65 14.68
N SER A 699 24.58 6.94 15.23
CA SER A 699 25.58 7.62 16.09
C SER A 699 26.93 6.92 16.01
N ILE A 700 27.88 7.48 15.25
CA ILE A 700 29.27 6.92 15.23
C ILE A 700 30.21 7.83 14.42
N PHE A 701 29.96 8.01 13.10
CA PHE A 701 30.79 8.96 12.30
C PHE A 701 29.95 10.19 11.93
N VAL A 702 28.73 10.30 12.47
CA VAL A 702 27.96 11.56 12.26
C VAL A 702 28.80 12.68 12.89
N PRO A 703 29.49 12.50 14.04
CA PRO A 703 30.43 13.48 14.58
C PRO A 703 31.22 14.09 13.40
N ARG A 704 31.77 13.24 12.52
CA ARG A 704 32.42 13.75 11.30
C ARG A 704 31.31 14.28 10.38
N PRO A 705 31.11 15.62 10.25
CA PRO A 705 29.99 16.14 9.46
C PRO A 705 30.37 16.36 7.98
N GLU A 744 50.03 8.09 -5.86
CA GLU A 744 50.68 6.95 -6.58
C GLU A 744 50.55 7.17 -8.08
N TYR A 745 49.36 7.53 -8.58
CA TYR A 745 49.09 7.75 -10.03
C TYR A 745 48.51 9.15 -10.21
N PRO A 746 48.54 9.78 -11.41
CA PRO A 746 47.91 11.08 -11.64
C PRO A 746 46.49 10.97 -12.22
N PHE A 747 45.79 12.09 -12.41
CA PHE A 747 44.40 12.13 -12.95
C PHE A 747 44.42 12.49 -14.44
N PHE A 748 43.35 12.18 -15.17
CA PHE A 748 43.20 12.48 -16.62
C PHE A 748 41.73 12.82 -16.84
N GLU A 749 41.37 13.64 -17.83
CA GLU A 749 39.97 14.13 -18.02
C GLU A 749 39.51 14.03 -19.48
N SER A 750 38.20 14.09 -19.74
CA SER A 750 37.63 14.06 -21.11
C SER A 750 36.22 14.66 -21.07
N ARG A 751 35.93 15.75 -21.79
CA ARG A 751 34.61 16.43 -21.75
C ARG A 751 33.68 15.68 -22.71
N VAL A 752 32.89 14.72 -22.22
CA VAL A 752 32.03 13.86 -23.10
C VAL A 752 30.99 14.77 -23.77
N ASP A 753 30.76 14.63 -25.08
CA ASP A 753 29.84 15.52 -25.85
C ASP A 753 28.54 15.78 -25.07
N ASN A 754 27.84 14.74 -24.58
CA ASN A 754 26.52 14.87 -23.88
C ASN A 754 25.85 13.49 -23.84
N LYS A 755 25.98 12.69 -24.93
CA LYS A 755 25.40 11.33 -24.98
C LYS A 755 25.73 10.58 -23.69
N GLU A 756 24.81 9.77 -23.16
CA GLU A 756 25.01 9.05 -21.87
C GLU A 756 26.28 8.20 -21.98
N ARG A 757 26.40 7.37 -23.03
CA ARG A 757 27.55 6.44 -23.21
C ARG A 757 28.85 7.19 -23.46
N THR A 758 30.01 6.57 -23.21
CA THR A 758 31.36 7.12 -23.57
C THR A 758 32.33 5.95 -23.45
N VAL A 759 33.65 6.13 -23.42
CA VAL A 759 34.66 5.09 -23.07
C VAL A 759 35.95 5.77 -22.60
N ILE A 760 36.74 5.06 -21.80
CA ILE A 760 38.03 5.55 -21.23
C ILE A 760 39.06 4.49 -21.59
N SER A 761 39.71 4.60 -22.76
CA SER A 761 40.69 3.60 -23.25
C SER A 761 42.11 4.01 -22.83
N ASN A 762 43.13 3.24 -23.22
CA ASN A 762 44.56 3.55 -22.92
C ASN A 762 44.76 3.51 -21.41
N LEU A 763 44.10 2.55 -20.73
CA LEU A 763 44.25 2.37 -19.26
C LEU A 763 45.29 1.27 -19.03
N ARG A 764 45.51 0.83 -17.79
CA ARG A 764 46.53 -0.19 -17.44
C ARG A 764 45.91 -1.57 -17.66
N PRO A 765 46.64 -2.65 -18.01
CA PRO A 765 46.08 -3.99 -18.14
C PRO A 765 44.92 -4.30 -17.18
N PHE A 766 45.08 -4.11 -15.86
CA PHE A 766 44.06 -4.45 -14.84
C PHE A 766 44.29 -3.55 -13.62
N THR A 767 43.52 -2.47 -13.47
CA THR A 767 43.65 -1.50 -12.34
C THR A 767 42.25 -0.95 -12.09
N LEU A 768 41.87 -0.70 -10.84
CA LEU A 768 40.57 -0.07 -10.51
C LEU A 768 40.74 1.41 -10.82
N TYR A 769 39.68 2.11 -11.23
CA TYR A 769 39.74 3.56 -11.55
C TYR A 769 38.66 4.26 -10.75
N ARG A 770 38.97 5.42 -10.18
CA ARG A 770 37.95 6.24 -9.47
C ARG A 770 37.25 7.00 -10.58
N ILE A 771 36.38 6.34 -11.35
CA ILE A 771 35.72 6.96 -12.54
C ILE A 771 34.68 7.96 -12.02
N ASP A 772 35.11 9.16 -11.67
CA ASP A 772 34.22 10.24 -11.21
C ASP A 772 33.46 10.77 -12.42
N ILE A 773 32.34 11.45 -12.21
CA ILE A 773 31.51 12.05 -13.28
C ILE A 773 31.37 13.50 -12.84
N HIS A 774 31.32 14.44 -13.77
CA HIS A 774 31.22 15.89 -13.45
C HIS A 774 30.41 16.55 -14.56
N SER A 775 29.13 16.85 -14.35
CA SER A 775 28.24 17.47 -15.36
C SER A 775 28.54 18.98 -15.47
N CYS A 776 29.73 19.36 -15.93
CA CYS A 776 30.10 20.80 -16.13
C CYS A 776 29.01 21.38 -17.01
N ASN A 777 28.19 22.31 -16.51
CA ASN A 777 27.01 22.83 -17.22
C ASN A 777 27.25 24.24 -17.73
N HIS A 778 26.23 24.89 -18.32
CA HIS A 778 26.29 26.28 -18.86
C HIS A 778 27.30 27.17 -18.13
N GLU A 779 27.22 27.30 -16.80
CA GLU A 779 28.09 28.24 -16.02
C GLU A 779 28.85 27.45 -14.94
N ALA A 780 29.59 26.40 -15.32
CA ALA A 780 30.46 25.64 -14.38
C ALA A 780 31.72 26.46 -14.17
N GLU A 781 32.27 27.05 -15.22
CA GLU A 781 33.46 27.94 -15.14
C GLU A 781 33.17 29.08 -14.16
N LYS A 782 31.89 29.49 -14.04
CA LYS A 782 31.49 30.63 -13.16
C LYS A 782 31.11 30.15 -11.76
N LEU A 783 30.34 29.07 -11.61
CA LEU A 783 29.79 28.63 -10.29
C LEU A 783 30.16 27.17 -9.97
N GLY A 784 31.43 26.76 -10.15
CA GLY A 784 31.92 25.42 -9.77
C GLY A 784 31.47 24.31 -10.71
N CYS A 785 32.28 23.28 -10.93
CA CYS A 785 31.97 22.18 -11.88
C CYS A 785 31.37 20.95 -11.19
N SER A 786 30.04 20.87 -11.02
CA SER A 786 29.26 19.68 -10.55
C SER A 786 29.88 18.83 -9.43
N ALA A 787 29.32 18.87 -8.21
CA ALA A 787 29.78 18.06 -7.06
C ALA A 787 30.11 16.63 -7.50
N SER A 788 31.35 16.17 -7.37
CA SER A 788 31.81 14.84 -7.86
C SER A 788 30.94 13.68 -7.40
N PHE A 790 30.43 9.64 -8.11
CA PHE A 790 31.50 8.75 -8.62
C PHE A 790 31.11 7.29 -8.60
N VAL A 791 31.95 6.46 -9.20
CA VAL A 791 31.75 5.00 -9.30
C VAL A 791 33.15 4.46 -9.59
N PHE A 792 33.42 3.20 -9.31
CA PHE A 792 34.75 2.59 -9.58
C PHE A 792 34.55 1.27 -10.32
N ALA A 793 35.53 0.82 -11.09
CA ALA A 793 35.47 -0.42 -11.87
C ALA A 793 36.88 -0.82 -12.30
N ARG A 794 37.17 -2.13 -12.38
CA ARG A 794 38.51 -2.64 -12.75
C ARG A 794 38.54 -2.90 -14.25
N THR A 795 39.54 -2.39 -14.97
CA THR A 795 39.69 -2.63 -16.42
C THR A 795 39.79 -4.14 -16.61
N MET A 796 39.15 -4.70 -17.66
CA MET A 796 39.17 -6.18 -17.88
C MET A 796 40.64 -6.57 -18.05
N PRO A 797 41.10 -7.74 -17.58
CA PRO A 797 42.53 -8.03 -17.66
C PRO A 797 43.03 -8.19 -19.10
N ALA A 798 43.98 -7.37 -19.54
CA ALA A 798 44.61 -7.51 -20.88
C ALA A 798 45.46 -8.79 -20.83
N GLU A 799 44.90 -9.94 -21.21
CA GLU A 799 45.58 -11.26 -21.11
C GLU A 799 46.90 -11.20 -21.89
N GLY A 800 47.92 -11.96 -21.47
CA GLY A 800 49.28 -11.92 -22.04
C GLY A 800 50.20 -11.72 -20.87
N ALA A 801 49.80 -10.87 -19.91
CA ALA A 801 50.52 -10.67 -18.64
C ALA A 801 49.89 -11.59 -17.59
N ASP A 802 48.66 -12.08 -17.82
CA ASP A 802 48.01 -13.08 -16.92
C ASP A 802 48.90 -14.31 -16.91
N ASP A 803 49.32 -14.80 -18.08
CA ASP A 803 50.16 -16.02 -18.21
C ASP A 803 51.63 -15.62 -18.16
N ILE A 804 52.54 -16.58 -18.01
CA ILE A 804 54.00 -16.31 -17.93
C ILE A 804 54.49 -15.95 -19.34
N PRO A 805 55.18 -14.81 -19.60
CA PRO A 805 55.55 -14.43 -20.96
C PRO A 805 56.47 -15.41 -21.69
N GLY A 806 57.29 -16.20 -20.99
CA GLY A 806 58.28 -17.11 -21.59
C GLY A 806 58.16 -18.55 -21.11
N PRO A 807 59.20 -19.40 -21.27
CA PRO A 807 59.18 -20.82 -20.86
C PRO A 807 59.86 -20.98 -19.49
N VAL A 808 60.51 -22.12 -19.21
CA VAL A 808 61.22 -22.41 -17.93
C VAL A 808 62.59 -23.02 -18.26
N THR A 809 63.63 -22.74 -17.44
CA THR A 809 65.01 -23.29 -17.60
C THR A 809 65.33 -24.17 -16.38
N TRP A 810 65.09 -25.48 -16.46
CA TRP A 810 65.47 -26.42 -15.38
C TRP A 810 67.00 -26.52 -15.36
N GLU A 811 67.64 -26.49 -14.19
CA GLU A 811 69.13 -26.51 -14.06
C GLU A 811 69.49 -27.48 -12.93
N PRO A 812 70.43 -28.45 -13.09
CA PRO A 812 70.71 -29.42 -12.03
C PRO A 812 71.32 -28.72 -10.81
N ARG A 813 70.96 -29.14 -9.60
CA ARG A 813 71.44 -28.52 -8.33
C ARG A 813 71.70 -29.63 -7.31
N PRO A 814 72.53 -29.44 -6.26
CA PRO A 814 72.87 -30.52 -5.32
C PRO A 814 71.70 -30.88 -4.40
N GLU A 815 71.80 -31.99 -3.66
CA GLU A 815 70.69 -32.50 -2.78
C GLU A 815 69.51 -32.83 -3.69
N ASN A 816 69.78 -33.45 -4.84
CA ASN A 816 68.72 -33.84 -5.82
C ASN A 816 67.78 -32.65 -6.03
N SER A 817 68.32 -31.44 -6.25
CA SER A 817 67.52 -30.20 -6.46
C SER A 817 67.53 -29.87 -7.94
N ILE A 818 66.59 -29.03 -8.41
CA ILE A 818 66.49 -28.60 -9.83
C ILE A 818 66.09 -27.13 -9.83
N PHE A 819 67.03 -26.21 -10.06
CA PHE A 819 66.75 -24.75 -10.12
C PHE A 819 65.95 -24.43 -11.37
N LEU A 820 64.62 -24.26 -11.29
CA LEU A 820 63.78 -23.82 -12.46
C LEU A 820 64.00 -22.31 -12.67
N LYS A 821 63.45 -21.71 -13.73
CA LYS A 821 63.60 -20.27 -14.07
C LYS A 821 62.34 -19.82 -14.82
N TRP A 822 62.09 -18.52 -15.00
CA TRP A 822 60.97 -17.99 -15.82
C TRP A 822 61.10 -16.46 -15.91
N PRO A 823 60.53 -15.76 -16.92
CA PRO A 823 60.52 -14.29 -16.95
C PRO A 823 59.28 -13.66 -16.29
N GLU A 824 59.43 -12.48 -15.68
CA GLU A 824 58.32 -11.78 -14.98
C GLU A 824 57.39 -11.12 -16.00
N PRO A 825 56.04 -11.28 -15.97
CA PRO A 825 55.14 -10.51 -16.86
C PRO A 825 55.55 -9.03 -16.85
N GLU A 826 55.62 -8.39 -18.02
CA GLU A 826 56.12 -6.98 -18.13
C GLU A 826 55.16 -6.05 -17.37
N ASN A 827 53.90 -5.94 -17.79
CA ASN A 827 52.87 -5.11 -17.11
C ASN A 827 51.83 -6.08 -16.56
N PRO A 828 52.04 -6.75 -15.39
CA PRO A 828 51.10 -7.77 -14.91
C PRO A 828 49.66 -7.25 -14.80
N ASN A 829 48.68 -8.15 -14.88
CA ASN A 829 47.25 -7.75 -14.69
C ASN A 829 47.05 -7.45 -13.21
N GLY A 830 47.37 -6.23 -12.77
CA GLY A 830 47.28 -5.82 -11.36
C GLY A 830 48.55 -6.12 -10.60
N LEU A 831 48.95 -7.40 -10.48
CA LEU A 831 50.14 -7.82 -9.70
C LEU A 831 50.24 -9.35 -9.77
N ILE A 832 51.42 -9.95 -9.96
CA ILE A 832 51.56 -11.44 -9.89
C ILE A 832 51.76 -11.80 -8.42
N LEU A 833 50.65 -11.89 -7.66
CA LEU A 833 50.68 -12.20 -6.20
C LEU A 833 51.66 -13.33 -5.91
N MET A 834 51.48 -14.51 -6.53
CA MET A 834 52.34 -15.71 -6.33
C MET A 834 52.76 -16.16 -7.71
N TYR A 835 53.67 -17.13 -7.86
CA TYR A 835 54.08 -17.71 -9.17
C TYR A 835 53.94 -19.23 -9.03
N GLU A 836 52.84 -19.85 -9.45
CA GLU A 836 52.62 -21.31 -9.25
C GLU A 836 53.78 -22.06 -9.91
N ILE A 837 54.12 -23.28 -9.47
CA ILE A 837 55.22 -24.12 -10.05
C ILE A 837 54.75 -25.57 -9.99
N LYS A 838 54.64 -26.24 -11.14
CA LYS A 838 54.21 -27.66 -11.24
C LYS A 838 55.47 -28.50 -11.46
N TYR A 839 55.55 -29.73 -10.94
CA TYR A 839 56.72 -30.64 -11.10
C TYR A 839 56.36 -32.05 -10.64
N GLY A 840 57.03 -33.08 -11.15
CA GLY A 840 56.78 -34.49 -10.78
C GLY A 840 57.39 -35.47 -11.78
N SER A 841 57.49 -36.76 -11.45
CA SER A 841 58.15 -37.78 -12.30
C SER A 841 57.35 -38.06 -13.59
N GLN A 842 56.28 -38.87 -13.53
CA GLN A 842 55.48 -39.26 -14.71
C GLN A 842 54.87 -37.99 -15.32
N VAL A 843 54.12 -37.24 -14.53
CA VAL A 843 53.44 -35.97 -14.95
C VAL A 843 53.89 -34.93 -13.94
N GLU A 844 53.45 -33.68 -14.02
CA GLU A 844 53.75 -32.66 -12.98
C GLU A 844 52.77 -32.87 -11.82
N ASP A 845 52.88 -34.00 -11.09
CA ASP A 845 51.94 -34.35 -10.01
C ASP A 845 51.92 -33.26 -8.94
N GLN A 846 53.07 -32.92 -8.37
CA GLN A 846 53.18 -31.93 -7.26
C GLN A 846 53.01 -30.50 -7.80
N ARG A 847 52.69 -29.55 -6.92
CA ARG A 847 52.59 -28.11 -7.30
C ARG A 847 52.78 -27.25 -6.05
N GLU A 848 53.42 -26.09 -6.16
CA GLU A 848 53.63 -25.12 -5.05
C GLU A 848 53.50 -23.74 -5.69
N CYS A 849 53.91 -22.66 -5.01
CA CYS A 849 53.94 -21.29 -5.61
C CYS A 849 55.03 -20.46 -4.91
N VAL A 850 56.04 -19.99 -5.65
CA VAL A 850 57.14 -19.16 -5.08
C VAL A 850 56.67 -17.70 -5.10
N SER A 851 56.89 -16.95 -4.02
CA SER A 851 56.47 -15.53 -3.91
C SER A 851 57.24 -14.72 -4.96
N ARG A 852 56.64 -13.66 -5.50
CA ARG A 852 57.33 -12.78 -6.48
C ARG A 852 58.67 -12.35 -5.86
N GLN A 853 58.71 -11.98 -4.58
CA GLN A 853 59.94 -11.49 -3.91
C GLN A 853 60.99 -12.60 -3.99
N GLU A 854 60.72 -13.77 -3.42
CA GLU A 854 61.70 -14.89 -3.39
C GLU A 854 62.17 -15.13 -4.82
N TYR A 855 61.25 -15.18 -5.78
CA TYR A 855 61.58 -15.42 -7.21
C TYR A 855 62.60 -14.39 -7.69
N ARG A 856 62.37 -13.10 -7.48
CA ARG A 856 63.26 -12.02 -7.97
C ARG A 856 64.69 -12.24 -7.46
N LYS A 857 64.85 -12.69 -6.21
CA LYS A 857 66.19 -12.87 -5.58
C LYS A 857 66.81 -14.18 -6.07
N TYR A 858 66.02 -15.25 -6.20
CA TYR A 858 66.49 -16.58 -6.70
C TYR A 858 66.79 -16.54 -8.19
N GLY A 859 66.09 -15.69 -8.95
CA GLY A 859 66.17 -15.69 -10.43
C GLY A 859 65.32 -16.84 -10.93
N GLY A 860 64.41 -17.39 -10.11
CA GLY A 860 63.61 -18.57 -10.46
C GLY A 860 63.08 -19.25 -9.20
N ALA A 861 63.23 -20.56 -9.05
CA ALA A 861 62.80 -21.34 -7.86
C ALA A 861 63.58 -22.65 -7.87
N LYS A 862 63.67 -23.37 -6.74
CA LYS A 862 64.48 -24.62 -6.63
C LYS A 862 63.62 -25.78 -6.14
N LEU A 863 63.62 -26.91 -6.86
CA LEU A 863 62.91 -28.15 -6.45
C LEU A 863 63.87 -28.89 -5.51
N ASN A 864 63.52 -30.06 -4.97
CA ASN A 864 64.38 -30.78 -3.99
C ASN A 864 64.02 -32.25 -3.88
N ARG A 865 64.99 -33.11 -3.55
CA ARG A 865 64.77 -34.57 -3.30
C ARG A 865 63.91 -35.18 -4.41
N LEU A 866 64.30 -35.03 -5.68
CA LEU A 866 63.58 -35.68 -6.81
C LEU A 866 64.35 -36.95 -7.19
N ASN A 867 63.66 -38.01 -7.61
CA ASN A 867 64.29 -39.33 -7.90
C ASN A 867 65.24 -39.24 -9.10
N PRO A 868 66.41 -39.90 -9.11
CA PRO A 868 67.27 -39.93 -10.30
C PRO A 868 66.51 -40.60 -11.46
N GLY A 869 66.22 -39.86 -12.53
CA GLY A 869 65.44 -40.36 -13.69
C GLY A 869 64.68 -39.23 -14.34
N ASN A 870 63.96 -39.48 -15.43
CA ASN A 870 63.24 -38.43 -16.19
C ASN A 870 62.13 -37.83 -15.34
N TYR A 871 61.85 -36.53 -15.46
CA TYR A 871 60.84 -35.79 -14.66
C TYR A 871 60.16 -34.78 -15.60
N THR A 872 59.28 -33.90 -15.11
CA THR A 872 58.62 -32.83 -15.92
C THR A 872 58.18 -31.69 -15.00
N ALA A 873 58.23 -30.43 -15.46
CA ALA A 873 57.90 -29.23 -14.63
C ALA A 873 57.08 -28.22 -15.44
N ARG A 874 56.73 -27.07 -14.85
CA ARG A 874 56.00 -25.95 -15.52
C ARG A 874 55.92 -24.80 -14.51
N ILE A 875 55.51 -23.59 -14.93
CA ILE A 875 55.37 -22.41 -14.02
C ILE A 875 54.20 -21.55 -14.54
N GLN A 876 53.42 -20.93 -13.64
CA GLN A 876 52.25 -20.07 -13.98
C GLN A 876 52.42 -18.71 -13.33
N ALA A 877 51.70 -17.68 -13.76
CA ALA A 877 51.72 -16.32 -13.16
C ALA A 877 50.35 -16.07 -12.54
N THR A 878 50.22 -16.09 -11.21
CA THR A 878 48.94 -15.87 -10.50
C THR A 878 48.66 -14.36 -10.43
N SER A 879 48.07 -13.77 -11.48
CA SER A 879 47.83 -12.30 -11.55
C SER A 879 46.68 -11.89 -10.61
N LEU A 880 46.52 -10.59 -10.36
CA LEU A 880 45.46 -10.06 -9.45
C LEU A 880 44.10 -10.44 -10.03
N SER A 881 43.94 -10.34 -11.36
CA SER A 881 42.67 -10.72 -12.05
C SER A 881 42.46 -12.23 -11.94
N GLY A 882 43.53 -13.01 -12.10
CA GLY A 882 43.47 -14.49 -12.04
C GLY A 882 44.63 -15.11 -12.79
N ASN A 883 45.07 -16.30 -12.38
CA ASN A 883 46.21 -17.00 -13.02
C ASN A 883 45.94 -17.22 -14.51
N GLY A 884 46.96 -17.05 -15.36
CA GLY A 884 46.84 -17.33 -16.81
C GLY A 884 47.27 -18.75 -17.10
N SER A 885 47.65 -19.06 -18.34
CA SER A 885 48.13 -20.42 -18.74
C SER A 885 49.51 -20.71 -18.13
N TRP A 886 49.96 -21.96 -18.18
CA TRP A 886 51.29 -22.38 -17.66
C TRP A 886 52.36 -22.13 -18.73
N THR A 887 53.63 -22.39 -18.44
CA THR A 887 54.78 -22.20 -19.38
C THR A 887 54.87 -23.36 -20.38
N ASP A 888 55.86 -23.36 -21.28
CA ASP A 888 56.11 -24.47 -22.23
C ASP A 888 56.54 -25.71 -21.45
N PRO A 889 56.51 -26.95 -22.00
CA PRO A 889 56.87 -28.15 -21.23
C PRO A 889 58.30 -28.07 -20.69
N VAL A 890 58.58 -28.68 -19.54
CA VAL A 890 59.91 -28.59 -18.86
C VAL A 890 60.34 -30.01 -18.49
N PHE A 891 60.36 -30.93 -19.44
CA PHE A 891 60.78 -32.35 -19.20
C PHE A 891 62.22 -32.30 -18.69
N PHE A 892 62.44 -32.48 -17.37
CA PHE A 892 63.77 -32.39 -16.73
C PHE A 892 64.22 -33.78 -16.28
N TYR A 893 65.32 -33.89 -15.54
CA TYR A 893 65.80 -35.18 -14.96
C TYR A 893 66.77 -34.82 -13.84
N VAL A 894 66.77 -35.57 -12.72
CA VAL A 894 67.59 -35.24 -11.50
C VAL A 894 68.63 -36.35 -11.34
N GLN A 895 69.63 -36.17 -10.47
CA GLN A 895 70.63 -37.24 -10.15
C GLN A 895 71.16 -37.00 -8.73
N ALA A 896 71.45 -38.06 -7.97
CA ALA A 896 71.99 -37.97 -6.60
C ALA A 896 73.52 -37.96 -6.65
N LYS A 897 74.13 -38.40 -7.76
CA LYS A 897 75.62 -38.47 -7.93
C LYS A 897 75.96 -38.04 -9.36
N GLU B 1 39.28 17.27 37.52
CA GLU B 1 39.35 16.17 36.53
C GLU B 1 37.98 15.49 36.36
N ILE B 2 37.17 15.39 37.43
CA ILE B 2 35.82 14.73 37.36
C ILE B 2 35.25 15.12 36.00
N CYS B 3 34.96 14.15 35.15
CA CYS B 3 34.50 14.39 33.76
C CYS B 3 33.28 15.31 33.70
N GLY B 4 33.10 16.06 32.61
CA GLY B 4 31.88 16.86 32.38
C GLY B 4 30.87 15.94 31.77
N PRO B 5 29.59 16.33 31.51
CA PRO B 5 28.56 15.39 31.05
C PRO B 5 29.02 14.19 30.20
N GLY B 6 29.12 14.27 28.87
CA GLY B 6 29.44 13.10 28.01
C GLY B 6 30.78 13.23 27.32
N ILE B 7 31.16 12.22 26.51
CA ILE B 7 32.43 12.23 25.72
C ILE B 7 32.05 11.79 24.31
N ASP B 8 32.55 12.44 23.25
CA ASP B 8 32.30 12.10 21.82
C ASP B 8 33.66 11.99 21.11
N ILE B 9 34.60 11.21 21.65
CA ILE B 9 35.97 11.02 21.07
C ILE B 9 35.77 10.67 19.60
N ARG B 10 36.33 11.43 18.64
CA ARG B 10 36.05 11.23 17.19
C ARG B 10 37.28 11.29 16.29
N ASN B 11 37.21 10.69 15.09
CA ASN B 11 38.28 10.75 14.05
C ASN B 11 39.51 9.89 14.35
N ASP B 12 40.34 10.21 15.34
CA ASP B 12 41.65 9.53 15.55
C ASP B 12 41.94 9.19 17.03
N TYR B 13 42.86 8.27 17.28
CA TYR B 13 43.27 7.82 18.64
C TYR B 13 43.74 9.01 19.48
N GLN B 14 44.00 10.15 18.85
CA GLN B 14 44.49 11.36 19.56
C GLN B 14 43.35 12.01 20.35
N GLN B 15 42.09 11.68 20.05
CA GLN B 15 40.91 12.21 20.81
C GLN B 15 40.65 11.34 22.05
N LEU B 16 41.30 10.18 22.19
CA LEU B 16 41.20 9.36 23.43
C LEU B 16 41.83 10.18 24.56
N LYS B 17 42.83 11.00 24.27
CA LYS B 17 43.52 11.87 25.26
C LYS B 17 42.53 12.63 26.14
N ARG B 18 41.36 13.02 25.62
CA ARG B 18 40.34 13.80 26.38
C ARG B 18 39.96 13.06 27.67
N LEU B 19 40.02 11.73 27.69
CA LEU B 19 39.68 10.90 28.88
C LEU B 19 40.68 11.11 30.02
N GLU B 20 41.85 11.73 29.77
CA GLU B 20 42.85 12.06 30.82
C GLU B 20 42.27 13.13 31.77
N ASN B 21 41.10 13.70 31.49
CA ASN B 21 40.39 14.63 32.41
C ASN B 21 38.95 14.10 32.52
N CYS B 22 38.77 12.86 32.96
CA CYS B 22 37.44 12.20 33.13
C CYS B 22 37.58 11.10 34.19
N THR B 23 37.43 11.43 35.47
CA THR B 23 37.53 10.45 36.58
C THR B 23 36.21 9.68 36.69
N VAL B 24 35.07 10.35 36.56
CA VAL B 24 33.73 9.70 36.61
C VAL B 24 32.85 10.34 35.52
N ILE B 25 32.84 9.76 34.31
CA ILE B 25 31.95 10.26 33.22
C ILE B 25 30.57 10.45 33.85
N GLU B 26 29.88 11.58 33.58
CA GLU B 26 28.50 11.87 34.09
C GLU B 26 27.64 11.98 32.85
N GLY B 27 27.73 10.98 31.97
CA GLY B 27 27.03 10.97 30.67
C GLY B 27 27.43 9.70 29.93
N TYR B 28 27.71 9.77 28.62
CA TYR B 28 28.05 8.60 27.76
C TYR B 28 29.52 8.62 27.38
N LEU B 29 30.03 7.53 26.80
CA LEU B 29 31.42 7.46 26.29
C LEU B 29 31.31 6.92 24.87
N HIS B 30 31.75 7.68 23.85
CA HIS B 30 31.70 7.29 22.42
C HIS B 30 33.10 7.35 21.83
N ILE B 31 33.75 6.19 21.60
CA ILE B 31 35.11 6.13 20.97
C ILE B 31 34.89 6.04 19.46
N LEU B 33 34.29 5.72 15.81
CA LEU B 33 35.09 5.42 14.59
C LEU B 33 36.50 6.01 14.72
N ILE B 34 37.35 5.34 15.49
CA ILE B 34 38.77 5.74 15.72
C ILE B 34 39.59 4.61 15.07
N SER B 35 39.16 4.13 13.90
CA SER B 35 39.82 2.98 13.21
C SER B 35 41.05 3.43 12.43
N LYS B 36 42.15 3.75 13.12
CA LYS B 36 43.42 4.20 12.49
C LYS B 36 44.42 3.04 12.45
N ALA B 37 44.28 2.03 13.32
CA ALA B 37 45.21 0.87 13.40
C ALA B 37 46.63 1.37 13.64
N GLU B 38 46.79 2.41 14.46
CA GLU B 38 48.12 3.02 14.75
C GLU B 38 48.48 2.80 16.22
N ASP B 39 47.56 3.09 17.15
CA ASP B 39 47.78 2.94 18.61
C ASP B 39 46.93 1.77 19.09
N TYR B 40 47.05 1.35 20.36
CA TYR B 40 46.34 0.17 20.91
C TYR B 40 46.11 0.33 22.41
N ARG B 41 47.17 0.42 23.22
CA ARG B 41 47.09 0.56 24.70
C ARG B 41 47.90 1.78 25.14
N SER B 42 48.14 2.74 24.23
CA SER B 42 48.95 3.96 24.52
C SER B 42 48.04 5.08 25.06
N TYR B 43 46.77 4.81 25.34
CA TYR B 43 45.80 5.80 25.88
C TYR B 43 45.11 5.20 27.12
N ARG B 44 45.88 4.88 28.17
CA ARG B 44 45.34 4.34 29.45
C ARG B 44 44.89 5.53 30.31
N PHE B 45 43.70 5.46 30.94
CA PHE B 45 43.14 6.53 31.80
C PHE B 45 42.54 5.89 33.07
N PRO B 46 43.35 5.45 34.06
CA PRO B 46 42.81 4.75 35.23
C PRO B 46 41.81 5.61 36.00
N LYS B 47 41.98 6.94 36.02
CA LYS B 47 41.02 7.86 36.68
C LYS B 47 39.60 7.44 36.35
N LEU B 48 39.26 7.20 35.07
CA LEU B 48 37.88 6.87 34.66
C LEU B 48 37.38 5.67 35.47
N THR B 49 36.26 5.80 36.18
CA THR B 49 35.69 4.73 37.03
C THR B 49 34.18 4.65 36.79
N THR B 52 27.81 6.88 33.28
CA THR B 52 26.36 6.91 33.62
C THR B 52 25.50 6.61 32.39
N GLU B 53 26.07 6.30 31.22
CA GLU B 53 25.27 6.04 29.99
C GLU B 53 26.07 5.23 28.96
N TYR B 54 25.40 4.71 27.93
CA TYR B 54 25.99 3.94 26.79
C TYR B 54 27.51 4.10 26.65
N LEU B 55 28.30 3.07 27.02
CA LEU B 55 29.79 3.02 26.86
C LEU B 55 30.03 2.34 25.50
N LEU B 56 29.89 3.08 24.38
CA LEU B 56 30.03 2.51 23.01
C LEU B 56 31.51 2.29 22.68
N LEU B 57 32.00 1.04 22.70
CA LEU B 57 33.39 0.70 22.28
C LEU B 57 33.23 -0.07 20.97
N PHE B 58 33.40 0.57 19.81
CA PHE B 58 33.13 -0.06 18.49
C PHE B 58 33.90 0.68 17.40
N ARG B 59 34.29 0.00 16.31
CA ARG B 59 35.10 0.59 15.20
C ARG B 59 36.33 1.31 15.76
N VAL B 60 37.31 0.59 16.30
CA VAL B 60 38.58 1.20 16.77
C VAL B 60 39.72 0.25 16.33
N ALA B 61 39.92 0.07 15.02
CA ALA B 61 41.04 -0.75 14.49
C ALA B 61 42.30 -0.48 15.31
N GLY B 62 42.95 -1.53 15.86
CA GLY B 62 44.15 -1.40 16.71
C GLY B 62 43.84 -1.63 18.18
N LEU B 63 42.55 -1.58 18.57
CA LEU B 63 42.09 -1.81 19.96
C LEU B 63 41.69 -3.29 20.05
N GLU B 64 42.55 -4.13 20.64
CA GLU B 64 42.27 -5.57 20.84
C GLU B 64 41.68 -5.78 22.24
N SER B 65 41.88 -4.83 23.16
CA SER B 65 41.38 -4.93 24.56
C SER B 65 41.57 -3.59 25.28
N LEU B 66 40.71 -3.29 26.26
CA LEU B 66 40.74 -2.01 27.03
C LEU B 66 41.49 -2.23 28.35
N GLY B 67 42.24 -3.33 28.50
CA GLY B 67 43.04 -3.60 29.71
C GLY B 67 43.87 -2.41 30.10
N ASP B 68 44.31 -1.58 29.12
CA ASP B 68 45.08 -0.34 29.37
C ASP B 68 44.44 0.78 28.56
N LEU B 69 43.11 1.01 28.68
CA LEU B 69 42.38 2.13 27.99
C LEU B 69 41.48 2.83 29.01
N PHE B 70 40.59 2.14 29.74
CA PHE B 70 39.83 2.72 30.89
C PHE B 70 39.94 1.73 32.06
N PRO B 71 41.10 1.67 32.76
CA PRO B 71 41.21 0.83 33.95
C PRO B 71 40.33 1.36 35.08
N ASN B 72 40.02 0.52 36.08
CA ASN B 72 39.23 0.91 37.27
C ASN B 72 37.79 1.28 36.88
N LEU B 73 37.21 0.78 35.78
CA LEU B 73 35.79 1.07 35.35
C LEU B 73 34.85 0.46 36.40
N THR B 74 34.64 1.10 37.54
CA THR B 74 33.89 0.52 38.70
C THR B 74 32.47 0.11 38.35
N VAL B 75 31.64 1.01 37.84
CA VAL B 75 30.20 0.70 37.59
C VAL B 75 29.61 1.82 36.73
N ILE B 76 28.77 1.47 35.75
CA ILE B 76 28.04 2.48 34.93
C ILE B 76 26.72 2.69 35.67
N ARG B 77 26.41 3.91 36.11
CA ARG B 77 25.16 4.21 36.86
C ARG B 77 23.96 4.00 35.91
N GLY B 78 24.17 3.99 34.59
CA GLY B 78 23.11 3.79 33.59
C GLY B 78 22.00 4.82 33.68
N TRP B 79 22.25 5.98 34.29
CA TRP B 79 21.24 7.06 34.46
C TRP B 79 20.35 7.12 33.21
N LYS B 80 20.95 7.27 32.03
CA LYS B 80 20.22 7.28 30.73
C LYS B 80 20.84 6.17 29.88
N LEU B 81 20.14 5.69 28.84
CA LEU B 81 20.65 4.63 27.91
C LEU B 81 20.24 5.03 26.50
N PHE B 82 20.97 4.57 25.48
CA PHE B 82 20.64 4.83 24.06
C PHE B 82 19.41 4.00 23.70
N TYR B 83 19.45 2.69 23.99
CA TYR B 83 18.34 1.74 23.70
C TYR B 83 17.95 1.10 25.04
N ASN B 84 18.59 0.01 25.46
CA ASN B 84 18.32 -0.69 26.75
C ASN B 84 19.66 -1.25 27.25
N TYR B 85 20.77 -0.51 27.05
CA TYR B 85 22.12 -0.95 27.42
C TYR B 85 22.98 0.23 27.80
N ALA B 86 23.91 0.06 28.75
CA ALA B 86 24.86 1.11 29.16
C ALA B 86 26.27 0.67 28.75
N LEU B 87 26.41 -0.21 27.73
CA LEU B 87 27.71 -0.66 27.17
C LEU B 87 27.38 -1.51 25.95
N VAL B 88 27.69 -1.07 24.73
CA VAL B 88 27.37 -1.81 23.47
C VAL B 88 28.64 -1.95 22.64
N ILE B 89 29.10 -3.18 22.41
CA ILE B 89 30.31 -3.46 21.57
C ILE B 89 29.79 -4.26 20.38
N PHE B 90 29.17 -3.59 19.41
CA PHE B 90 28.72 -4.24 18.15
C PHE B 90 29.98 -4.67 17.41
N GLU B 91 29.89 -5.65 16.50
CA GLU B 91 31.04 -6.08 15.64
C GLU B 91 32.09 -4.97 15.58
N MET B 92 33.15 -5.07 16.39
CA MET B 92 34.20 -4.04 16.46
C MET B 92 35.26 -4.41 15.43
N THR B 93 35.94 -3.43 14.83
CA THR B 93 37.00 -3.67 13.83
C THR B 93 37.81 -4.91 14.19
N ASN B 94 38.33 -5.01 15.43
CA ASN B 94 39.22 -6.14 15.84
C ASN B 94 39.34 -6.21 17.37
N LEU B 95 38.23 -6.21 18.13
CA LEU B 95 38.29 -6.40 19.60
C LEU B 95 38.34 -7.91 19.87
N LYS B 96 39.42 -8.41 20.48
CA LYS B 96 39.61 -9.86 20.79
C LYS B 96 39.28 -10.16 22.25
N ASP B 97 39.30 -9.15 23.15
CA ASP B 97 38.90 -9.29 24.57
C ASP B 97 38.29 -7.93 24.93
N ILE B 98 37.29 -7.86 25.80
CA ILE B 98 36.59 -6.56 26.07
C ILE B 98 37.55 -5.69 26.86
N GLY B 99 37.97 -6.14 28.05
CA GLY B 99 38.79 -5.32 28.96
C GLY B 99 37.89 -5.00 30.14
N LEU B 100 37.72 -3.74 30.52
CA LEU B 100 36.78 -3.36 31.60
C LEU B 100 36.96 -4.36 32.73
N TYR B 101 38.19 -4.58 33.19
CA TYR B 101 38.51 -5.63 34.19
C TYR B 101 37.95 -5.29 35.58
N ASN B 102 37.39 -4.10 35.79
CA ASN B 102 36.81 -3.66 37.10
C ASN B 102 35.31 -3.38 36.94
N LEU B 103 34.65 -3.94 35.93
CA LEU B 103 33.20 -3.70 35.67
C LEU B 103 32.38 -4.64 36.55
N ARG B 104 31.82 -4.14 37.64
CA ARG B 104 31.03 -4.94 38.60
C ARG B 104 29.54 -4.78 38.38
N ASN B 105 29.06 -3.60 37.96
CA ASN B 105 27.61 -3.36 37.83
C ASN B 105 27.35 -2.41 36.66
N ILE B 106 26.19 -2.51 36.02
CA ILE B 106 25.76 -1.57 34.95
C ILE B 106 24.50 -0.87 35.48
N THR B 107 24.21 -1.00 36.78
CA THR B 107 23.03 -0.38 37.46
C THR B 107 21.82 -0.40 36.52
N ARG B 108 21.47 0.72 35.88
CA ARG B 108 20.27 0.80 35.03
C ARG B 108 20.61 0.25 33.64
N GLY B 109 19.95 -0.82 33.18
CA GLY B 109 20.14 -1.36 31.83
C GLY B 109 20.92 -2.67 31.78
N ALA B 110 21.35 -3.08 30.59
CA ALA B 110 22.09 -4.35 30.35
C ALA B 110 23.30 -4.04 29.44
N ILE B 111 23.72 -4.96 28.57
CA ILE B 111 24.84 -4.74 27.60
C ILE B 111 24.48 -5.38 26.26
N ARG B 112 25.24 -5.12 25.20
CA ARG B 112 25.01 -5.69 23.84
C ARG B 112 26.39 -5.96 23.23
N ILE B 113 27.10 -7.01 23.66
CA ILE B 113 28.49 -7.29 23.22
C ILE B 113 28.50 -8.60 22.41
N LYS B 115 27.70 -10.52 17.95
CA LYS B 115 28.68 -10.74 16.85
C LYS B 115 29.93 -9.90 17.10
N ASN B 116 31.12 -10.39 16.75
CA ASN B 116 32.37 -9.63 16.90
C ASN B 116 33.52 -10.29 16.14
N ALA B 117 34.64 -9.59 15.97
CA ALA B 117 35.82 -10.09 15.24
C ALA B 117 36.36 -11.35 15.93
N ASP B 118 37.03 -11.23 17.09
CA ASP B 118 37.59 -12.38 17.84
C ASP B 118 37.25 -12.18 19.33
N LEU B 119 36.18 -11.46 19.65
CA LEU B 119 35.87 -11.07 21.05
C LEU B 119 35.50 -12.28 21.90
N CYS B 120 36.08 -12.40 23.10
CA CYS B 120 35.87 -13.55 24.02
C CYS B 120 35.70 -12.98 25.43
N TYR B 121 35.73 -13.80 26.48
CA TYR B 121 35.65 -13.38 27.90
C TYR B 121 34.31 -12.68 28.12
N LEU B 122 33.21 -13.38 27.83
CA LEU B 122 31.81 -12.88 28.03
C LEU B 122 31.02 -13.95 28.77
N SER B 123 30.97 -15.19 28.27
CA SER B 123 30.31 -16.32 28.98
C SER B 123 30.90 -16.35 30.39
N THR B 124 32.22 -16.32 30.52
CA THR B 124 32.91 -16.35 31.84
C THR B 124 32.35 -15.22 32.70
N VAL B 125 32.39 -13.97 32.24
CA VAL B 125 31.87 -12.78 33.02
C VAL B 125 30.49 -13.14 33.57
N ASP B 126 30.27 -13.03 34.89
CA ASP B 126 28.92 -13.24 35.50
C ASP B 126 28.11 -11.98 35.17
N TRP B 127 27.39 -12.00 34.05
CA TRP B 127 26.56 -10.84 33.62
C TRP B 127 25.30 -10.78 34.45
N SER B 128 24.80 -11.92 34.94
CA SER B 128 23.59 -11.99 35.82
C SER B 128 23.82 -11.26 37.14
N LEU B 129 25.07 -11.00 37.52
CA LEU B 129 25.41 -10.22 38.75
C LEU B 129 25.67 -8.76 38.34
N ILE B 130 26.22 -8.49 37.15
CA ILE B 130 26.41 -7.09 36.64
C ILE B 130 25.02 -6.46 36.44
N LEU B 131 24.07 -7.21 35.88
CA LEU B 131 22.67 -6.74 35.64
C LEU B 131 21.70 -7.87 36.00
N ASP B 132 20.46 -7.56 36.35
CA ASP B 132 19.41 -8.58 36.62
C ASP B 132 18.64 -8.79 35.32
N ALA B 133 18.02 -9.94 35.11
CA ALA B 133 17.35 -10.27 33.83
C ALA B 133 18.42 -10.23 32.75
N VAL B 134 19.37 -11.17 32.79
CA VAL B 134 20.48 -11.24 31.81
C VAL B 134 19.86 -11.57 30.45
N SER B 135 18.55 -11.76 30.39
CA SER B 135 17.80 -12.00 29.13
C SER B 135 17.91 -10.75 28.25
N ASN B 136 18.17 -9.58 28.84
CA ASN B 136 18.28 -8.29 28.10
C ASN B 136 19.59 -8.27 27.30
N ASN B 137 20.58 -9.08 27.69
CA ASN B 137 21.87 -9.20 26.94
C ASN B 137 21.64 -9.97 25.64
N TYR B 138 22.53 -9.83 24.66
CA TYR B 138 22.47 -10.58 23.38
C TYR B 138 23.92 -10.92 22.99
N ILE B 139 24.55 -11.84 23.73
CA ILE B 139 25.96 -12.29 23.45
C ILE B 139 25.82 -13.66 22.77
N VAL B 140 24.76 -13.87 21.98
CA VAL B 140 24.50 -15.20 21.35
C VAL B 140 25.26 -15.30 20.02
N GLY B 141 25.44 -14.18 19.31
CA GLY B 141 26.09 -14.17 17.98
C GLY B 141 27.60 -14.06 18.08
N ASN B 142 28.13 -13.55 19.20
CA ASN B 142 29.59 -13.34 19.38
C ASN B 142 30.34 -14.53 18.81
N LYS B 143 31.48 -14.30 18.13
CA LYS B 143 32.28 -15.36 17.44
C LYS B 143 32.29 -16.67 18.26
N PRO B 144 32.22 -17.87 17.63
CA PRO B 144 32.09 -19.16 18.36
C PRO B 144 32.79 -19.37 19.72
N PRO B 145 32.25 -20.15 20.68
CA PRO B 145 32.90 -20.43 21.96
C PRO B 145 34.12 -21.35 21.78
N LYS B 146 34.18 -22.13 20.69
CA LYS B 146 35.36 -22.99 20.38
C LYS B 146 36.56 -22.07 20.14
N GLU B 147 36.35 -20.88 19.54
CA GLU B 147 37.42 -19.91 19.21
C GLU B 147 37.77 -19.11 20.46
N CYS B 148 36.82 -18.93 21.38
CA CYS B 148 37.03 -18.21 22.65
C CYS B 148 38.36 -18.65 23.25
N GLY B 149 38.56 -19.97 23.44
CA GLY B 149 39.78 -20.48 24.10
C GLY B 149 40.05 -19.66 25.34
N ASP B 150 39.08 -19.58 26.25
CA ASP B 150 39.21 -18.76 27.49
C ASP B 150 40.46 -19.24 28.23
N LEU B 151 41.45 -18.37 28.47
CA LEU B 151 42.70 -18.70 29.21
C LEU B 151 42.98 -17.57 30.18
N CYS B 152 41.95 -17.05 30.85
CA CYS B 152 42.11 -16.01 31.91
C CYS B 152 42.82 -16.66 33.11
N PRO B 153 43.50 -15.92 34.01
CA PRO B 153 44.21 -16.56 35.13
C PRO B 153 43.42 -17.67 35.82
N GLY B 154 43.95 -18.89 35.90
CA GLY B 154 43.28 -20.05 36.52
C GLY B 154 42.69 -20.97 35.48
N THR B 155 41.89 -20.43 34.54
CA THR B 155 41.25 -21.23 33.46
C THR B 155 42.26 -21.40 32.32
N MET B 156 43.40 -20.69 32.38
CA MET B 156 44.45 -20.87 31.35
C MET B 156 45.11 -22.24 31.53
N GLU B 157 45.99 -22.38 32.53
CA GLU B 157 46.69 -23.66 32.77
C GLU B 157 47.33 -23.64 34.16
N GLU B 158 47.33 -22.49 34.84
CA GLU B 158 48.02 -22.40 36.16
C GLU B 158 47.01 -22.57 37.29
N LYS B 159 47.44 -22.36 38.54
CA LYS B 159 46.56 -22.58 39.71
C LYS B 159 45.33 -21.65 39.66
N PRO B 160 44.16 -22.08 40.17
CA PRO B 160 42.95 -21.24 40.22
C PRO B 160 43.15 -19.81 40.71
N MET B 161 42.65 -18.79 39.99
CA MET B 161 42.79 -17.35 40.34
C MET B 161 41.47 -16.59 40.16
N CYS B 162 40.94 -16.48 38.92
CA CYS B 162 39.74 -15.66 38.64
C CYS B 162 38.52 -16.23 39.35
N GLU B 163 37.54 -15.39 39.71
CA GLU B 163 36.33 -15.81 40.47
C GLU B 163 35.72 -17.12 39.93
N LYS B 164 35.12 -17.96 40.80
CA LYS B 164 34.43 -19.21 40.39
C LYS B 164 32.94 -18.99 40.67
N THR B 165 32.10 -18.83 39.66
CA THR B 165 30.65 -18.49 39.81
C THR B 165 29.90 -19.06 38.61
N THR B 166 28.56 -18.90 38.53
CA THR B 166 27.71 -19.50 37.45
C THR B 166 26.61 -18.54 37.01
N ILE B 167 26.09 -18.68 35.78
CA ILE B 167 24.93 -17.88 35.26
C ILE B 167 24.00 -18.85 34.52
N ASN B 168 22.93 -19.31 35.19
CA ASN B 168 21.97 -20.28 34.59
C ASN B 168 22.75 -21.54 34.18
N ASN B 169 23.33 -22.26 35.14
CA ASN B 169 24.06 -23.53 34.88
C ASN B 169 25.19 -23.29 33.88
N GLU B 170 26.04 -22.28 34.10
CA GLU B 170 27.23 -22.00 33.26
C GLU B 170 28.40 -21.80 34.23
N TYR B 171 28.62 -22.75 35.15
CA TYR B 171 29.68 -22.66 36.18
C TYR B 171 31.06 -22.78 35.54
N ASN B 172 31.82 -21.68 35.43
CA ASN B 172 33.21 -21.68 34.87
C ASN B 172 33.95 -20.59 35.64
N TYR B 173 35.20 -20.29 35.30
CA TYR B 173 35.93 -19.15 35.92
C TYR B 173 35.24 -17.89 35.43
N CYS B 175 35.86 -14.02 34.30
CA CYS B 175 37.03 -13.21 33.89
C CYS B 175 36.71 -12.22 32.78
N TRP B 176 37.55 -11.20 32.61
CA TRP B 176 37.31 -10.11 31.64
C TRP B 176 38.19 -10.22 30.38
N THR B 177 39.43 -10.70 30.47
CA THR B 177 40.33 -10.93 29.29
C THR B 177 41.29 -12.08 29.66
N THR B 178 42.25 -12.41 28.80
CA THR B 178 43.28 -13.47 29.05
C THR B 178 44.21 -13.08 30.20
N ASN B 179 44.30 -11.80 30.56
CA ASN B 179 45.27 -11.32 31.59
C ASN B 179 44.55 -10.53 32.71
N ARG B 180 43.22 -10.73 32.87
CA ARG B 180 42.42 -10.04 33.90
C ARG B 180 41.26 -10.95 34.33
N CYS B 181 40.71 -10.74 35.53
CA CYS B 181 39.58 -11.55 36.08
C CYS B 181 38.34 -10.67 36.20
N GLN B 182 37.21 -11.22 36.70
CA GLN B 182 35.95 -10.47 36.89
C GLN B 182 35.47 -10.75 38.31
N LYS B 183 35.74 -9.85 39.28
CA LYS B 183 35.26 -9.99 40.68
C LYS B 183 33.76 -9.72 40.70
N MET B 184 33.06 -10.02 41.80
CA MET B 184 31.62 -9.72 41.98
C MET B 184 31.36 -9.80 43.49
N CYS B 185 30.20 -9.33 43.97
CA CYS B 185 29.89 -9.30 45.43
C CYS B 185 29.55 -10.69 45.98
N PRO B 186 30.21 -11.21 47.05
CA PRO B 186 29.83 -12.49 47.68
C PRO B 186 28.98 -12.22 48.93
N SER B 187 28.87 -13.16 49.87
CA SER B 187 28.08 -13.02 51.13
C SER B 187 28.53 -11.80 51.93
N THR B 188 29.81 -11.43 51.89
CA THR B 188 30.38 -10.25 52.61
C THR B 188 29.38 -9.09 52.61
N CYS B 189 28.83 -8.71 51.46
CA CYS B 189 27.93 -7.52 51.33
C CYS B 189 26.70 -7.84 50.46
N GLY B 190 26.87 -8.31 49.21
CA GLY B 190 25.75 -8.71 48.33
C GLY B 190 25.21 -7.55 47.49
N LYS B 191 23.97 -7.11 47.72
CA LYS B 191 23.36 -5.96 46.99
C LYS B 191 24.19 -4.71 47.31
N ARG B 192 24.63 -4.58 48.57
CA ARG B 192 25.52 -3.46 49.00
C ARG B 192 26.86 -3.66 48.30
N ALA B 193 27.63 -2.60 48.05
CA ALA B 193 28.92 -2.68 47.31
C ALA B 193 29.91 -3.64 47.98
N CYS B 194 30.99 -4.01 47.29
CA CYS B 194 32.02 -4.84 47.96
C CYS B 194 33.38 -4.17 47.77
N THR B 195 34.42 -4.58 48.51
CA THR B 195 35.77 -3.94 48.46
C THR B 195 36.87 -4.98 48.58
N GLU B 196 38.15 -4.58 48.45
CA GLU B 196 39.33 -5.47 48.63
C GLU B 196 39.35 -6.04 50.05
N ASN B 197 40.23 -7.00 50.36
CA ASN B 197 40.33 -7.64 51.70
C ASN B 197 38.96 -8.28 52.00
N ASN B 198 38.16 -8.61 50.99
CA ASN B 198 36.79 -9.19 51.16
C ASN B 198 36.09 -8.43 52.30
N GLU B 199 36.00 -7.10 52.20
CA GLU B 199 35.35 -6.25 53.23
C GLU B 199 34.05 -5.70 52.65
N CYS B 200 33.12 -5.21 53.49
CA CYS B 200 31.83 -4.62 53.04
C CYS B 200 32.09 -3.18 52.61
N CYS B 201 31.11 -2.50 52.02
CA CYS B 201 31.22 -1.09 51.57
C CYS B 201 30.36 -0.25 52.49
N HIS B 202 30.05 1.01 52.21
CA HIS B 202 29.28 1.86 53.17
C HIS B 202 27.80 1.45 53.14
N PRO B 203 27.02 1.41 54.25
CA PRO B 203 25.59 1.11 54.18
C PRO B 203 25.04 1.66 52.85
N GLU B 204 25.08 2.99 52.66
CA GLU B 204 24.64 3.63 51.40
C GLU B 204 25.80 3.55 50.41
N CYS B 205 25.88 2.50 49.59
CA CYS B 205 26.94 2.34 48.56
C CYS B 205 26.65 1.14 47.66
N LEU B 206 26.94 1.24 46.36
CA LEU B 206 26.79 0.13 45.38
C LEU B 206 27.96 0.24 44.41
N GLY B 207 28.66 -0.86 44.14
CA GLY B 207 29.84 -0.87 43.24
C GLY B 207 31.14 -0.98 43.99
N SER B 208 31.77 0.12 44.39
CA SER B 208 33.11 0.11 45.06
C SER B 208 33.24 1.21 46.10
N CYS B 209 34.13 1.04 47.10
CA CYS B 209 34.43 2.07 48.14
C CYS B 209 35.94 2.30 48.16
N SER B 210 36.39 3.54 48.17
CA SER B 210 37.83 3.91 48.21
C SER B 210 38.48 3.34 49.50
N ALA B 211 37.70 3.10 50.55
CA ALA B 211 38.18 2.58 51.84
C ALA B 211 37.16 1.54 52.32
N PRO B 212 37.55 0.37 52.89
CA PRO B 212 36.58 -0.68 53.23
C PRO B 212 35.47 -0.15 54.16
N ASP B 213 34.23 -0.05 53.68
CA ASP B 213 33.06 0.41 54.48
C ASP B 213 33.35 1.81 55.05
N ASN B 214 33.13 2.87 54.27
CA ASN B 214 33.42 4.26 54.71
C ASN B 214 32.52 5.24 53.93
N ASP B 215 31.79 6.13 54.62
CA ASP B 215 30.86 7.10 53.99
C ASP B 215 31.63 7.99 53.01
N THR B 216 32.78 8.50 53.43
CA THR B 216 33.63 9.41 52.61
C THR B 216 34.63 8.57 51.82
N ALA B 217 34.15 7.62 51.00
CA ALA B 217 35.00 6.75 50.16
C ALA B 217 34.25 6.39 48.88
N CYS B 218 33.16 5.61 48.96
CA CYS B 218 32.29 5.23 47.81
C CYS B 218 32.80 5.78 46.47
N VAL B 219 33.61 5.00 45.74
CA VAL B 219 34.19 5.42 44.43
C VAL B 219 33.02 5.85 43.55
N ALA B 220 31.96 5.03 43.48
CA ALA B 220 30.75 5.32 42.67
C ALA B 220 29.68 5.96 43.56
N CYS B 221 29.25 5.27 44.62
CA CYS B 221 28.17 5.74 45.52
C CYS B 221 26.82 5.30 44.92
N ARG B 222 25.98 4.63 45.71
CA ARG B 222 24.68 4.07 45.26
C ARG B 222 23.83 5.23 44.77
N HIS B 223 23.88 6.38 45.45
CA HIS B 223 23.03 7.54 45.14
C HIS B 223 23.89 8.74 44.77
N TYR B 224 24.29 9.61 45.71
CA TYR B 224 24.98 10.89 45.41
C TYR B 224 26.17 11.09 46.36
N TYR B 225 27.40 10.98 45.86
CA TYR B 225 28.64 11.24 46.64
C TYR B 225 28.76 12.76 46.88
N TYR B 226 27.90 13.35 47.72
CA TYR B 226 27.86 14.81 47.98
C TYR B 226 29.13 15.30 48.65
N ALA B 227 29.88 16.21 48.01
CA ALA B 227 31.09 16.82 48.59
C ALA B 227 31.94 15.73 49.26
N GLY B 228 32.13 14.59 48.60
CA GLY B 228 32.96 13.48 49.12
C GLY B 228 32.30 12.72 50.26
N VAL B 229 30.98 12.52 50.22
CA VAL B 229 30.19 11.81 51.28
C VAL B 229 29.00 11.14 50.60
N CYS B 230 28.85 9.81 50.68
CA CYS B 230 27.76 9.08 49.98
C CYS B 230 26.43 9.28 50.72
N VAL B 231 25.63 10.28 50.32
CA VAL B 231 24.31 10.61 50.94
C VAL B 231 23.20 9.87 50.18
N PRO B 232 22.20 9.26 50.85
CA PRO B 232 21.08 8.60 50.18
C PRO B 232 20.33 9.65 49.36
N ALA B 233 20.31 10.92 49.80
CA ALA B 233 19.64 12.04 49.09
C ALA B 233 20.08 13.37 49.70
N PRO B 235 21.58 17.10 51.33
CA PRO B 235 22.46 17.84 52.25
C PRO B 235 22.02 19.31 52.32
N PRO B 236 22.61 20.19 53.16
CA PRO B 236 22.22 21.60 53.21
C PRO B 236 22.21 22.25 51.81
N ASN B 237 21.05 22.69 51.32
CA ASN B 237 20.91 23.31 49.98
C ASN B 237 21.68 22.45 48.98
N THR B 238 21.31 21.17 48.82
CA THR B 238 21.93 20.24 47.85
C THR B 238 20.79 19.45 47.22
N TYR B 239 20.90 19.00 45.96
CA TYR B 239 19.77 18.36 45.24
C TYR B 239 20.20 17.07 44.52
N ARG B 240 19.71 15.87 44.93
CA ARG B 240 19.93 14.53 44.29
C ARG B 240 20.47 14.69 42.86
N PHE B 241 21.79 14.81 42.66
CA PHE B 241 22.33 15.13 41.30
C PHE B 241 22.16 13.92 40.38
N GLU B 242 21.83 14.16 39.12
CA GLU B 242 21.66 13.08 38.13
C GLU B 242 23.05 12.69 37.63
N GLY B 243 23.81 11.91 38.41
CA GLY B 243 25.17 11.47 38.04
C GLY B 243 25.74 10.42 38.97
N TRP B 244 26.41 10.82 40.06
CA TRP B 244 27.08 9.88 41.00
C TRP B 244 27.54 10.67 42.22
N ARG B 245 27.98 11.92 42.04
CA ARG B 245 28.36 12.83 43.16
C ARG B 245 27.13 13.70 43.45
N CYS B 246 27.24 14.73 44.28
CA CYS B 246 26.16 15.72 44.46
C CYS B 246 26.82 17.08 44.65
N VAL B 247 26.10 18.18 44.40
CA VAL B 247 26.66 19.57 44.45
C VAL B 247 25.51 20.47 44.86
N ASP B 248 25.80 21.69 45.34
CA ASP B 248 24.76 22.61 45.88
C ASP B 248 23.91 23.21 44.76
N ARG B 249 22.80 23.85 45.13
CA ARG B 249 21.86 24.49 44.16
C ARG B 249 22.61 25.39 43.19
N ASP B 250 23.59 26.17 43.67
CA ASP B 250 24.38 27.10 42.81
C ASP B 250 24.82 26.38 41.54
N PHE B 251 25.44 25.20 41.65
CA PHE B 251 25.94 24.41 40.49
C PHE B 251 24.84 24.29 39.42
N CYS B 252 23.61 23.94 39.82
CA CYS B 252 22.45 23.82 38.90
C CYS B 252 22.15 25.19 38.27
N ALA B 253 21.84 26.21 39.05
CA ALA B 253 21.52 27.57 38.55
C ALA B 253 22.68 28.10 37.70
N ASN B 254 23.84 27.46 37.76
CA ASN B 254 25.06 27.93 37.02
C ASN B 254 25.12 27.26 35.64
N ILE B 255 25.03 25.93 35.56
CA ILE B 255 25.14 25.18 34.26
C ILE B 255 24.09 25.71 33.29
N LEU B 256 24.52 26.26 32.13
CA LEU B 256 23.60 26.79 31.09
C LEU B 256 23.59 25.88 29.84
N SER B 257 24.58 24.98 29.66
CA SER B 257 24.65 24.00 28.54
C SER B 257 25.94 23.20 28.65
N ALA B 258 25.93 21.95 28.19
CA ALA B 258 27.14 21.07 28.24
C ALA B 258 26.84 19.75 27.55
N GLU B 259 26.33 19.77 26.31
CA GLU B 259 26.01 18.51 25.56
C GLU B 259 24.84 17.80 26.24
N SER B 260 25.11 16.83 27.12
CA SER B 260 24.01 16.20 27.88
C SER B 260 23.33 17.31 28.69
N SER B 261 24.11 18.33 29.08
CA SER B 261 23.53 19.51 29.78
C SER B 261 22.97 20.47 28.74
N ASP B 262 21.86 21.16 29.04
CA ASP B 262 21.21 22.02 28.01
C ASP B 262 20.52 23.24 28.65
N SER B 263 19.91 23.05 29.82
CA SER B 263 19.06 24.11 30.44
C SER B 263 19.84 25.32 30.94
N GLU B 264 19.35 26.52 30.67
CA GLU B 264 19.97 27.74 31.23
C GLU B 264 19.59 27.82 32.71
N GLY B 265 20.50 27.38 33.59
CA GLY B 265 20.16 27.33 35.02
C GLY B 265 19.29 26.11 35.26
N PHE B 266 19.87 24.91 35.25
CA PHE B 266 19.15 23.63 35.47
C PHE B 266 18.07 23.81 36.54
N VAL B 267 16.79 23.98 36.14
CA VAL B 267 15.71 24.25 37.14
C VAL B 267 15.63 23.03 38.06
N ILE B 268 15.57 23.24 39.38
CA ILE B 268 15.61 22.13 40.38
C ILE B 268 14.20 21.72 40.75
N HIS B 269 13.92 20.42 40.87
CA HIS B 269 12.62 19.88 41.34
C HIS B 269 12.79 18.38 41.56
N ASP B 270 11.88 17.73 42.31
CA ASP B 270 12.02 16.30 42.68
C ASP B 270 13.20 16.20 43.66
N GLY B 271 13.60 17.31 44.30
CA GLY B 271 14.79 17.35 45.16
C GLY B 271 16.04 17.00 44.36
N GLU B 272 16.01 17.16 43.03
CA GLU B 272 17.10 16.72 42.13
C GLU B 272 17.69 17.91 41.37
N CYS B 273 19.00 17.91 41.11
CA CYS B 273 19.67 18.94 40.27
C CYS B 273 19.56 18.41 38.85
N MET B 274 18.36 18.42 38.26
CA MET B 274 18.07 17.83 36.93
C MET B 274 17.94 18.95 35.89
N GLN B 275 18.20 18.66 34.61
CA GLN B 275 18.11 19.66 33.50
C GLN B 275 16.81 20.44 33.68
N GLU B 276 15.67 19.77 33.76
CA GLU B 276 14.34 20.41 33.92
C GLU B 276 13.65 19.79 35.14
N CYS B 277 12.40 20.16 35.43
CA CYS B 277 11.59 19.55 36.51
C CYS B 277 10.94 18.30 35.93
N PRO B 278 10.37 17.35 36.71
CA PRO B 278 9.61 16.23 36.13
C PRO B 278 8.32 16.78 35.52
N SER B 279 7.41 15.92 35.06
CA SER B 279 6.14 16.36 34.41
C SER B 279 5.19 16.98 35.44
N GLY B 280 4.52 18.11 35.11
CA GLY B 280 3.48 18.72 35.96
C GLY B 280 3.91 19.96 36.74
N PHE B 281 4.92 20.73 36.30
CA PHE B 281 5.36 22.00 36.95
C PHE B 281 6.18 22.89 35.99
N ILE B 282 5.92 24.21 35.93
CA ILE B 282 6.71 25.17 35.10
C ILE B 282 7.83 25.74 35.97
N ARG B 283 8.94 26.20 35.38
CA ARG B 283 10.06 26.82 36.14
C ARG B 283 9.52 27.99 36.95
N ASN B 284 9.87 28.08 38.24
CA ASN B 284 9.47 29.24 39.09
C ASN B 284 10.18 30.46 38.48
N GLY B 285 9.42 31.44 37.97
CA GLY B 285 10.01 32.61 37.27
C GLY B 285 11.13 32.16 36.35
N SER B 286 12.37 32.57 36.61
CA SER B 286 13.58 32.13 35.86
C SER B 286 14.66 31.77 36.89
N GLN B 287 14.32 30.92 37.87
CA GLN B 287 15.25 30.52 38.97
C GLN B 287 15.24 29.01 39.14
N SER B 288 16.31 28.42 39.68
CA SER B 288 16.39 26.97 40.01
C SER B 288 16.11 26.79 41.51
N MET B 289 15.19 27.58 42.07
CA MET B 289 14.83 27.47 43.51
C MET B 289 13.91 26.26 43.64
N TYR B 290 12.89 26.13 42.79
CA TYR B 290 11.89 25.04 42.82
C TYR B 290 11.16 25.05 41.46
N CYS B 291 9.91 24.58 41.35
CA CYS B 291 9.10 24.57 40.10
C CYS B 291 7.65 24.85 40.55
N ILE B 292 6.69 25.06 39.65
CA ILE B 292 5.31 25.53 39.99
C ILE B 292 4.26 24.46 39.63
N PRO B 293 3.87 23.52 40.53
CA PRO B 293 2.80 22.56 40.24
C PRO B 293 1.68 23.05 39.33
N CYS B 294 1.62 22.52 38.11
CA CYS B 294 0.54 22.88 37.15
C CYS B 294 -0.06 21.57 36.62
N GLU B 295 -0.76 21.63 35.48
CA GLU B 295 -1.38 20.42 34.90
C GLU B 295 -0.55 19.98 33.69
N GLY B 296 0.49 19.16 33.92
CA GLY B 296 1.35 18.67 32.83
C GLY B 296 1.84 19.76 31.88
N PRO B 297 2.41 20.90 32.35
CA PRO B 297 2.98 21.89 31.45
C PRO B 297 4.46 21.54 31.26
N CYS B 298 4.75 20.28 30.92
CA CYS B 298 6.17 19.88 30.85
C CYS B 298 6.55 19.01 29.64
N PRO B 299 5.69 18.64 28.66
CA PRO B 299 6.12 17.93 27.42
C PRO B 299 7.53 18.36 27.04
N LYS B 300 7.79 19.64 26.77
CA LYS B 300 9.15 20.19 26.53
C LYS B 300 9.03 21.72 26.43
N VAL B 301 10.10 22.48 26.65
CA VAL B 301 10.11 23.96 26.51
C VAL B 301 9.90 24.25 25.02
N CYS B 302 8.68 24.59 24.59
CA CYS B 302 8.33 24.78 23.16
C CYS B 302 9.22 25.80 22.45
N GLU B 303 9.84 26.74 23.16
CA GLU B 303 10.63 27.84 22.55
C GLU B 303 11.58 27.35 21.46
N GLU B 304 11.80 28.16 20.42
CA GLU B 304 12.72 27.83 19.28
C GLU B 304 13.79 28.93 19.29
N GLU B 305 14.98 28.68 18.74
CA GLU B 305 16.06 29.70 18.64
C GLU B 305 15.42 31.00 18.15
N LYS B 306 14.65 30.95 17.06
CA LYS B 306 13.91 32.13 16.55
C LYS B 306 12.81 32.42 17.57
N LYS B 307 12.92 33.52 18.34
CA LYS B 307 11.86 33.92 19.30
C LYS B 307 10.55 34.00 18.53
N THR B 308 10.41 34.92 17.58
CA THR B 308 9.18 35.11 16.78
C THR B 308 8.87 33.83 16.00
N LYS B 309 7.59 33.56 15.73
CA LYS B 309 7.18 32.37 14.95
C LYS B 309 5.75 32.55 14.43
N THR B 310 5.43 32.03 13.24
CA THR B 310 4.08 32.10 12.63
C THR B 310 3.71 30.70 12.10
N ILE B 311 2.50 30.50 11.60
CA ILE B 311 1.99 29.19 11.06
C ILE B 311 1.38 29.51 9.70
N ASP B 312 2.21 29.85 8.70
CA ASP B 312 1.74 30.17 7.32
C ASP B 312 1.71 28.89 6.49
N SER B 313 2.34 27.81 6.96
CA SER B 313 2.38 26.50 6.28
C SER B 313 2.03 25.44 7.31
N VAL B 314 1.59 24.26 6.87
CA VAL B 314 1.24 23.15 7.80
C VAL B 314 2.55 22.68 8.44
N THR B 315 3.67 22.78 7.72
CA THR B 315 5.02 22.38 8.22
C THR B 315 5.48 23.40 9.27
N SER B 316 5.16 24.68 9.08
CA SER B 316 5.51 25.75 10.05
C SER B 316 4.82 25.41 11.37
N ALA B 317 3.56 24.95 11.31
CA ALA B 317 2.80 24.53 12.50
C ALA B 317 3.45 23.30 13.12
N GLN B 318 3.89 22.33 12.31
CA GLN B 318 4.42 21.02 12.79
C GLN B 318 5.71 21.19 13.61
N MET B 319 6.50 22.23 13.40
CA MET B 319 7.72 22.46 14.22
C MET B 319 7.32 22.67 15.69
N LEU B 320 6.16 23.28 15.95
CA LEU B 320 5.66 23.56 17.33
C LEU B 320 4.96 22.33 17.93
N GLN B 321 4.76 21.25 17.17
CA GLN B 321 4.03 20.03 17.64
C GLN B 321 4.74 19.40 18.85
N GLY B 322 3.99 18.89 19.82
CA GLY B 322 4.55 18.19 20.99
C GLY B 322 5.36 19.11 21.87
N CYS B 323 4.73 20.04 22.58
CA CYS B 323 5.41 21.06 23.41
C CYS B 323 4.41 21.72 24.36
N THR B 324 4.81 22.72 25.15
CA THR B 324 3.91 23.49 26.05
C THR B 324 4.29 24.98 26.05
N ILE B 325 5.39 25.38 26.72
CA ILE B 325 5.77 26.82 26.90
C ILE B 325 6.62 27.31 25.73
N PHE B 326 6.02 27.93 24.71
CA PHE B 326 6.78 28.57 23.60
C PHE B 326 7.18 29.96 24.06
N LYS B 327 8.24 30.55 23.50
CA LYS B 327 8.66 31.94 23.79
C LYS B 327 8.57 32.68 22.46
N GLY B 328 7.57 33.56 22.30
CA GLY B 328 7.29 34.28 21.03
C GLY B 328 5.82 34.17 20.72
N ASN B 329 5.41 34.08 19.46
CA ASN B 329 3.96 34.12 19.13
C ASN B 329 3.54 32.94 18.24
N LEU B 330 2.23 32.76 18.00
CA LEU B 330 1.67 31.71 17.09
C LEU B 330 0.83 32.36 15.98
N LEU B 331 1.25 33.49 15.41
CA LEU B 331 0.51 34.16 14.30
C LEU B 331 0.07 33.09 13.29
N ILE B 332 -1.23 32.92 13.02
CA ILE B 332 -1.76 31.94 12.02
C ILE B 332 -1.86 32.63 10.65
N ASN B 333 -1.13 32.17 9.64
CA ASN B 333 -1.14 32.72 8.25
C ASN B 333 -1.50 31.64 7.22
N ILE B 334 -1.91 30.43 7.63
CA ILE B 334 -2.20 29.27 6.72
C ILE B 334 -3.36 29.59 5.77
N ARG B 335 -3.05 30.12 4.57
CA ARG B 335 -4.07 30.42 3.53
C ARG B 335 -4.72 29.13 3.05
N ARG B 336 -3.93 28.09 2.72
CA ARG B 336 -4.45 26.82 2.14
C ARG B 336 -4.00 25.58 2.92
N GLY B 337 -4.86 24.55 2.95
CA GLY B 337 -4.56 23.28 3.62
C GLY B 337 -5.81 22.42 3.66
N ASN B 338 -5.94 21.44 2.76
CA ASN B 338 -7.17 20.60 2.64
C ASN B 338 -7.42 19.82 3.93
N ASN B 339 -8.53 20.08 4.63
CA ASN B 339 -8.90 19.39 5.90
C ASN B 339 -7.68 19.33 6.83
N ILE B 340 -7.03 20.47 7.08
CA ILE B 340 -5.88 20.54 8.05
C ILE B 340 -6.44 20.75 9.45
N ALA B 341 -7.76 20.80 9.64
CA ALA B 341 -8.35 20.89 11.00
C ALA B 341 -7.62 19.86 11.87
N SER B 342 -7.45 18.63 11.37
CA SER B 342 -6.78 17.51 12.10
C SER B 342 -5.26 17.70 12.16
N GLU B 343 -4.63 18.16 11.07
CA GLU B 343 -3.18 18.42 11.04
C GLU B 343 -2.83 19.38 12.16
N LEU B 344 -3.49 20.54 12.20
CA LEU B 344 -3.20 21.60 13.20
C LEU B 344 -3.72 21.15 14.58
N GLU B 345 -4.75 20.31 14.64
CA GLU B 345 -5.22 19.77 15.95
C GLU B 345 -3.98 19.24 16.67
N ASN B 346 -3.15 18.43 16.02
CA ASN B 346 -1.92 17.86 16.61
C ASN B 346 -0.81 18.90 16.64
N PHE B 347 -0.59 19.63 15.54
CA PHE B 347 0.55 20.59 15.41
C PHE B 347 0.36 21.76 16.38
N MET B 348 -0.59 22.65 16.13
CA MET B 348 -0.92 23.78 17.06
C MET B 348 -1.99 23.24 18.02
N GLY B 349 -1.58 22.57 19.09
CA GLY B 349 -2.52 21.96 20.06
C GLY B 349 -1.90 21.76 21.42
N LEU B 350 -0.95 20.83 21.55
CA LEU B 350 -0.27 20.52 22.84
C LEU B 350 0.27 21.82 23.46
N ILE B 351 0.69 22.79 22.64
CA ILE B 351 1.14 24.13 23.12
C ILE B 351 0.18 24.62 24.22
N GLU B 352 0.71 25.13 25.35
CA GLU B 352 -0.09 25.64 26.50
C GLU B 352 0.15 27.13 26.69
N VAL B 353 1.42 27.56 26.80
CA VAL B 353 1.78 28.98 27.01
C VAL B 353 2.61 29.50 25.84
N VAL B 354 2.61 30.80 25.62
CA VAL B 354 3.36 31.47 24.51
C VAL B 354 3.77 32.82 25.08
N THR B 355 5.06 33.18 25.06
CA THR B 355 5.56 34.45 25.65
C THR B 355 5.59 35.51 24.53
N GLY B 356 4.42 35.89 24.01
CA GLY B 356 4.31 36.92 22.96
C GLY B 356 2.87 37.23 22.59
N TYR B 357 2.16 36.32 21.93
CA TYR B 357 0.77 36.57 21.48
C TYR B 357 0.34 35.48 20.50
N VAL B 358 -0.86 35.55 19.92
CA VAL B 358 -1.35 34.62 18.86
C VAL B 358 -2.19 35.49 17.93
N LYS B 359 -1.58 35.99 16.85
CA LYS B 359 -2.28 36.84 15.86
C LYS B 359 -2.89 35.89 14.83
N ARG B 361 -4.12 36.17 10.42
CA ARG B 361 -4.09 37.10 9.27
C ARG B 361 -4.04 36.26 8.00
N HIS B 362 -4.86 36.55 6.98
CA HIS B 362 -4.89 35.80 5.69
C HIS B 362 -4.73 34.30 5.96
N SER B 363 -5.78 33.63 6.45
CA SER B 363 -5.77 32.18 6.71
C SER B 363 -7.18 31.67 6.44
N HIS B 364 -7.36 30.71 5.52
CA HIS B 364 -8.68 30.17 5.12
C HIS B 364 -8.58 28.65 4.95
N ALA B 365 -7.64 27.98 5.64
CA ALA B 365 -7.39 26.53 5.56
C ALA B 365 -7.96 25.78 6.76
N LEU B 366 -8.34 26.49 7.83
CA LEU B 366 -8.86 25.88 9.09
C LEU B 366 -10.08 26.71 9.47
N VAL B 367 -11.24 26.09 9.74
CA VAL B 367 -12.53 26.84 9.94
C VAL B 367 -12.73 27.34 11.37
N SER B 368 -11.79 27.13 12.29
CA SER B 368 -11.90 27.60 13.70
C SER B 368 -10.59 27.32 14.47
N LEU B 369 -10.29 28.08 15.53
CA LEU B 369 -9.03 27.94 16.30
C LEU B 369 -9.23 26.94 17.45
N SER B 370 -10.09 25.93 17.29
CA SER B 370 -10.28 24.84 18.29
C SER B 370 -9.11 23.87 18.15
N PHE B 371 -8.42 23.86 17.00
CA PHE B 371 -7.21 23.01 16.79
C PHE B 371 -6.30 23.21 18.01
N LEU B 372 -6.16 24.45 18.51
CA LEU B 372 -5.40 24.74 19.75
C LEU B 372 -6.24 24.24 20.93
N LYS B 373 -6.10 22.98 21.32
CA LYS B 373 -6.92 22.33 22.40
C LYS B 373 -6.32 22.52 23.79
N ASN B 374 -5.00 22.70 23.91
CA ASN B 374 -4.29 22.80 25.22
C ASN B 374 -3.90 24.24 25.52
N LEU B 375 -3.97 25.15 24.53
CA LEU B 375 -3.55 26.55 24.73
C LEU B 375 -4.42 27.12 25.84
N ARG B 376 -3.84 27.54 26.96
CA ARG B 376 -4.60 27.96 28.18
C ARG B 376 -4.40 29.44 28.52
N LEU B 377 -3.16 29.95 28.47
CA LEU B 377 -2.85 31.36 28.80
C LEU B 377 -1.70 31.78 27.89
N ILE B 378 -1.45 33.09 27.73
CA ILE B 378 -0.38 33.61 26.84
C ILE B 378 0.46 34.61 27.65
N LEU B 379 1.64 34.17 28.14
CA LEU B 379 2.59 35.05 28.91
C LEU B 379 2.63 36.45 28.28
N GLY B 380 2.74 36.53 26.96
CA GLY B 380 2.71 37.82 26.25
C GLY B 380 3.96 38.66 26.46
N GLU B 381 5.11 38.04 26.73
CA GLU B 381 6.38 38.77 27.02
C GLU B 381 6.65 39.77 25.88
N GLU B 382 6.77 39.31 24.63
CA GLU B 382 7.00 40.20 23.47
C GLU B 382 5.65 40.74 23.00
N GLN B 383 5.65 41.69 22.04
CA GLN B 383 4.43 42.22 21.39
C GLN B 383 4.77 42.23 19.89
N LEU B 384 3.80 42.48 19.01
CA LEU B 384 4.06 42.54 17.54
C LEU B 384 5.27 43.45 17.29
N ASN B 387 2.45 46.22 17.89
CA ASN B 387 2.30 46.03 19.36
C ASN B 387 1.08 45.17 19.66
N TYR B 388 0.17 44.98 18.69
CA TYR B 388 -1.08 44.18 18.89
C TYR B 388 -0.72 42.77 19.37
N SER B 389 -1.09 42.42 20.61
CA SER B 389 -0.81 41.08 21.19
C SER B 389 -2.09 40.23 21.08
N TYR B 391 -4.79 39.85 17.33
CA TYR B 391 -5.22 40.66 16.16
C TYR B 391 -5.66 39.70 15.05
N VAL B 392 -6.67 40.06 14.23
CA VAL B 392 -7.13 39.25 13.06
C VAL B 392 -7.58 40.21 11.96
N LEU B 393 -7.05 40.07 10.73
CA LEU B 393 -7.43 40.92 9.58
C LEU B 393 -7.33 40.10 8.30
N ASP B 394 -8.26 40.24 7.35
CA ASP B 394 -8.20 39.56 6.03
C ASP B 394 -8.18 38.04 6.18
N ASN B 395 -8.63 37.47 7.31
CA ASN B 395 -8.74 36.01 7.53
C ASN B 395 -10.24 35.73 7.52
N GLN B 396 -10.72 34.63 6.92
CA GLN B 396 -12.18 34.35 6.78
C GLN B 396 -12.57 32.97 7.30
N ASN B 397 -12.30 31.87 6.56
CA ASN B 397 -12.79 30.51 6.91
C ASN B 397 -12.92 30.31 8.43
N LEU B 398 -11.86 30.51 9.22
CA LEU B 398 -11.97 30.48 10.71
C LEU B 398 -13.33 31.11 11.06
N GLN B 399 -14.07 30.55 12.02
CA GLN B 399 -15.43 31.04 12.39
C GLN B 399 -15.47 31.21 13.90
N GLN B 400 -15.35 30.13 14.67
CA GLN B 400 -15.29 30.19 16.16
C GLN B 400 -13.81 30.23 16.55
N LEU B 401 -13.37 31.12 17.46
CA LEU B 401 -11.94 31.27 17.83
C LEU B 401 -11.57 30.12 18.80
N TRP B 402 -11.25 30.36 20.08
CA TRP B 402 -10.83 29.31 21.05
C TRP B 402 -12.06 28.88 21.85
N ASP B 403 -12.84 27.90 21.37
CA ASP B 403 -14.08 27.39 22.04
C ASP B 403 -14.23 28.04 23.41
N TRP B 404 -14.88 29.20 23.50
CA TRP B 404 -14.94 29.98 24.77
C TRP B 404 -15.91 29.32 25.77
N ASP B 405 -16.77 28.40 25.32
CA ASP B 405 -17.69 27.64 26.20
C ASP B 405 -16.98 26.41 26.78
N HIS B 406 -15.90 25.93 26.14
CA HIS B 406 -15.15 24.71 26.56
C HIS B 406 -13.63 24.93 26.62
N ARG B 407 -13.14 26.18 26.66
CA ARG B 407 -11.69 26.53 26.69
C ARG B 407 -11.56 28.06 26.78
N ASN B 408 -11.60 28.62 27.98
CA ASN B 408 -11.37 30.07 28.18
C ASN B 408 -9.88 30.30 27.97
N LEU B 409 -9.47 31.49 27.53
CA LEU B 409 -8.04 31.79 27.26
C LEU B 409 -7.85 33.29 27.42
N THR B 410 -6.80 33.73 28.08
CA THR B 410 -6.51 35.17 28.34
C THR B 410 -5.03 35.35 28.02
N ILE B 411 -4.55 36.59 27.85
CA ILE B 411 -3.13 36.91 27.52
C ILE B 411 -2.56 37.74 28.67
N LYS B 412 -1.84 37.12 29.61
CA LYS B 412 -1.17 37.86 30.70
C LYS B 412 -0.92 39.29 30.20
N ALA B 413 -0.51 39.44 28.94
CA ALA B 413 -0.26 40.75 28.30
C ALA B 413 -0.92 40.71 26.92
N GLY B 414 -2.04 41.41 26.72
CA GLY B 414 -2.79 41.28 25.46
C GLY B 414 -3.37 42.56 24.92
N LYS B 415 -4.12 42.48 23.81
CA LYS B 415 -4.80 43.62 23.14
C LYS B 415 -5.47 42.95 21.93
N MET B 416 -6.74 43.26 21.64
CA MET B 416 -7.52 42.63 20.53
C MET B 416 -7.57 43.52 19.29
N TYR B 417 -7.95 42.98 18.14
CA TYR B 417 -8.19 43.73 16.89
C TYR B 417 -8.93 42.78 15.96
N PHE B 418 -10.06 43.17 15.37
CA PHE B 418 -10.89 42.31 14.50
C PHE B 418 -11.55 43.18 13.44
N ALA B 419 -11.06 43.17 12.20
CA ALA B 419 -11.62 43.96 11.07
C ALA B 419 -11.37 43.20 9.76
N PHE B 420 -12.22 43.38 8.74
CA PHE B 420 -12.07 42.75 7.40
C PHE B 420 -12.01 41.22 7.53
N ASN B 421 -12.76 40.58 8.45
CA ASN B 421 -12.69 39.11 8.70
C ASN B 421 -13.99 38.41 8.29
N PRO B 422 -14.30 38.16 7.00
CA PRO B 422 -15.60 37.61 6.60
C PRO B 422 -16.18 36.47 7.45
N LYS B 423 -15.68 35.23 7.34
CA LYS B 423 -16.32 34.07 8.01
C LYS B 423 -15.97 34.07 9.51
N LEU B 424 -14.91 34.73 9.97
CA LEU B 424 -14.65 34.82 11.44
C LEU B 424 -15.75 35.70 12.05
N CYS B 425 -16.54 35.18 13.00
CA CYS B 425 -17.67 35.90 13.62
C CYS B 425 -17.16 36.96 14.60
N VAL B 426 -17.92 38.05 14.80
CA VAL B 426 -17.55 39.15 15.77
C VAL B 426 -18.06 38.73 17.16
N SER B 427 -18.88 37.69 17.31
CA SER B 427 -19.41 37.16 18.59
C SER B 427 -18.31 36.43 19.37
N GLU B 428 -17.18 36.11 18.74
CA GLU B 428 -16.03 35.42 19.37
C GLU B 428 -15.14 36.41 20.13
N ILE B 429 -15.47 37.71 20.14
CA ILE B 429 -14.65 38.78 20.78
C ILE B 429 -15.57 39.83 21.43
N TYR B 430 -16.51 40.42 20.68
CA TYR B 430 -17.43 41.48 21.21
C TYR B 430 -17.87 41.09 22.62
N ARG B 431 -18.42 39.89 22.80
CA ARG B 431 -18.89 39.38 24.11
C ARG B 431 -17.73 38.67 24.84
N MET B 432 -16.83 37.99 24.12
CA MET B 432 -15.76 37.15 24.72
C MET B 432 -14.56 38.00 25.15
N GLU B 433 -14.62 39.33 25.07
CA GLU B 433 -13.56 40.22 25.60
C GLU B 433 -13.54 39.90 27.09
N GLU B 434 -14.71 39.61 27.68
CA GLU B 434 -14.83 39.20 29.09
C GLU B 434 -14.04 37.91 29.31
N VAL B 435 -14.24 36.90 28.46
CA VAL B 435 -13.58 35.56 28.59
C VAL B 435 -12.07 35.75 28.47
N THR B 436 -11.61 36.62 27.58
CA THR B 436 -10.17 36.83 27.31
C THR B 436 -9.62 38.00 28.14
N GLY B 437 -10.30 38.39 29.23
CA GLY B 437 -9.84 39.45 30.15
C GLY B 437 -9.15 40.58 29.42
N THR B 438 -9.76 41.10 28.35
CA THR B 438 -9.19 42.18 27.51
C THR B 438 -10.13 43.39 27.44
N LYS B 439 -11.20 43.42 28.24
CA LYS B 439 -12.24 44.50 28.20
C LYS B 439 -11.67 45.80 27.64
N GLY B 440 -10.65 46.39 28.29
CA GLY B 440 -10.06 47.68 27.88
C GLY B 440 -8.55 47.63 27.75
N ARG B 441 -8.00 46.65 27.02
CA ARG B 441 -6.54 46.57 26.72
C ARG B 441 -6.32 47.10 25.30
N GLN B 442 -7.36 47.63 24.65
CA GLN B 442 -7.29 48.08 23.23
C GLN B 442 -8.40 49.10 22.99
N SER B 443 -8.51 49.65 21.78
CA SER B 443 -9.57 50.62 21.39
C SER B 443 -10.77 49.85 20.86
N LYS B 444 -11.96 50.44 20.87
CA LYS B 444 -13.20 49.77 20.37
C LYS B 444 -13.18 49.80 18.84
N GLY B 445 -12.43 50.74 18.23
CA GLY B 445 -12.26 50.79 16.77
C GLY B 445 -11.37 49.66 16.29
N ASP B 446 -10.62 49.01 17.18
CA ASP B 446 -9.79 47.82 16.83
C ASP B 446 -10.78 46.71 16.48
N ILE B 447 -11.63 46.28 17.43
CA ILE B 447 -12.67 45.21 17.21
C ILE B 447 -13.89 45.95 16.63
N ASN B 448 -13.78 46.43 15.38
CA ASN B 448 -14.84 47.26 14.75
C ASN B 448 -15.91 46.37 14.12
N THR B 449 -17.02 46.96 13.65
CA THR B 449 -18.11 46.24 12.94
C THR B 449 -17.88 46.36 11.43
N ARG B 450 -17.32 47.48 10.95
CA ARG B 450 -17.09 47.72 9.50
C ARG B 450 -16.44 46.47 8.90
N ASN B 451 -17.13 45.74 8.02
CA ASN B 451 -16.63 44.49 7.39
C ASN B 451 -16.63 43.36 8.43
N ASN B 452 -15.81 43.40 9.48
CA ASN B 452 -15.70 42.36 10.55
C ASN B 452 -16.97 41.49 10.58
N GLY B 453 -16.89 40.22 10.15
CA GLY B 453 -18.04 39.28 10.17
C GLY B 453 -19.05 39.55 9.06
N GLU B 454 -18.60 39.84 7.82
CA GLU B 454 -19.52 40.14 6.67
C GLU B 454 -20.13 38.83 6.16
N ARG B 455 -19.41 37.71 6.27
CA ARG B 455 -19.92 36.35 5.88
C ARG B 455 -20.24 35.62 7.19
N ALA B 456 -19.82 34.35 7.32
CA ALA B 456 -20.00 33.57 8.58
C ALA B 456 -21.44 33.09 8.75
N SER B 457 -21.74 32.49 9.91
CA SER B 457 -23.11 31.99 10.20
C SER B 457 -23.96 33.12 10.78
N CYS B 458 -23.33 34.07 11.49
CA CYS B 458 -24.05 35.24 12.06
C CYS B 458 -25.11 34.80 13.07
N GLU B 459 -26.28 35.45 13.05
CA GLU B 459 -27.37 35.13 14.01
C GLU B 459 -28.33 34.10 13.41
N SER B 460 -28.01 33.50 12.26
CA SER B 460 -28.80 32.45 11.56
C SER B 460 -29.89 31.81 12.44
N ASP B 461 -31.16 31.91 12.04
CA ASP B 461 -32.32 31.35 12.81
C ASP B 461 -32.24 29.81 12.80
N VAL B 462 -33.14 29.13 13.53
CA VAL B 462 -33.10 27.64 13.69
C VAL B 462 -34.40 27.03 13.12
N LEU B 463 -34.37 26.48 11.90
CA LEU B 463 -35.53 25.81 11.27
C LEU B 463 -36.00 24.64 12.14
N HIS B 464 -37.30 24.51 12.43
CA HIS B 464 -37.86 23.35 13.16
C HIS B 464 -38.22 22.29 12.12
N PHE B 465 -38.03 20.99 12.41
CA PHE B 465 -38.29 19.90 11.44
C PHE B 465 -39.78 19.52 11.48
N THR B 466 -40.64 20.28 10.79
CA THR B 466 -42.10 20.00 10.68
C THR B 466 -42.40 18.51 10.85
N SER B 467 -41.93 17.65 9.95
CA SER B 467 -42.17 16.18 10.00
C SER B 467 -40.82 15.47 9.98
N THR B 468 -40.72 14.27 10.56
CA THR B 468 -39.47 13.48 10.63
C THR B 468 -39.88 12.03 10.43
N THR B 469 -40.11 11.61 9.18
CA THR B 469 -40.62 10.25 8.85
C THR B 469 -39.55 9.18 9.09
N THR B 470 -39.79 7.95 8.63
CA THR B 470 -38.91 6.79 8.91
C THR B 470 -38.97 5.85 7.71
N SER B 471 -38.01 4.94 7.56
CA SER B 471 -38.03 3.90 6.51
C SER B 471 -37.03 2.81 6.92
N LYS B 472 -37.02 1.68 6.22
CA LYS B 472 -36.07 0.58 6.51
C LYS B 472 -34.65 1.14 6.41
N ASN B 473 -34.42 2.09 5.49
CA ASN B 473 -33.09 2.74 5.34
C ASN B 473 -33.23 4.09 4.59
N ARG B 474 -34.17 4.96 4.98
CA ARG B 474 -34.36 6.30 4.37
C ARG B 474 -34.96 7.27 5.38
N ILE B 475 -34.70 8.57 5.25
CA ILE B 475 -35.24 9.63 6.15
C ILE B 475 -35.95 10.60 5.20
N ILE B 476 -37.07 11.17 5.61
CA ILE B 476 -37.84 12.17 4.79
C ILE B 476 -38.01 13.38 5.69
N ILE B 477 -36.90 13.89 6.20
CA ILE B 477 -36.93 15.10 7.07
C ILE B 477 -37.55 16.22 6.25
N THR B 478 -38.48 16.97 6.82
CA THR B 478 -39.13 18.12 6.16
C THR B 478 -38.98 19.24 7.16
N TRP B 479 -39.25 20.47 6.77
CA TRP B 479 -39.04 21.63 7.67
C TRP B 479 -40.00 22.73 7.27
N HIS B 480 -40.30 23.65 8.18
CA HIS B 480 -41.15 24.83 7.86
C HIS B 480 -40.62 25.42 6.56
N ARG B 481 -41.42 25.53 5.50
CA ARG B 481 -40.95 26.20 4.27
C ARG B 481 -40.34 27.52 4.73
N TYR B 482 -39.01 27.66 4.64
CA TYR B 482 -38.29 28.87 5.09
C TYR B 482 -38.92 30.09 4.43
N ARG B 483 -39.07 31.22 5.15
CA ARG B 483 -39.66 32.47 4.61
C ARG B 483 -38.78 33.64 5.08
N PRO B 484 -37.57 33.87 4.51
CA PRO B 484 -36.68 34.95 4.95
C PRO B 484 -37.19 36.34 4.57
N PRO B 485 -36.52 37.46 4.94
CA PRO B 485 -36.92 38.82 4.51
C PRO B 485 -37.53 38.81 3.10
N ASP B 486 -36.85 38.22 2.10
CA ASP B 486 -37.44 38.06 0.74
C ASP B 486 -37.41 36.56 0.45
N TYR B 487 -38.45 36.00 -0.13
CA TYR B 487 -38.61 34.54 -0.40
C TYR B 487 -37.97 34.23 -1.75
N ARG B 488 -37.73 35.25 -2.60
CA ARG B 488 -37.03 35.09 -3.90
C ARG B 488 -35.54 34.94 -3.58
N ASP B 489 -35.04 35.62 -2.56
CA ASP B 489 -33.64 35.49 -2.09
C ASP B 489 -33.43 33.99 -1.81
N LEU B 490 -34.10 33.43 -0.79
CA LEU B 490 -34.09 31.96 -0.53
C LEU B 490 -34.34 31.24 -1.85
N ILE B 491 -33.61 30.15 -2.12
CA ILE B 491 -33.85 29.32 -3.33
C ILE B 491 -33.76 27.84 -2.94
N SER B 492 -32.58 27.33 -2.56
CA SER B 492 -32.36 25.89 -2.31
C SER B 492 -32.14 25.57 -0.84
N PHE B 493 -31.87 24.30 -0.52
CA PHE B 493 -31.63 23.84 0.87
C PHE B 493 -30.76 22.60 0.82
N THR B 494 -29.95 22.37 1.86
CA THR B 494 -29.02 21.23 1.97
C THR B 494 -29.45 20.46 3.20
N VAL B 495 -29.44 19.12 3.17
CA VAL B 495 -29.80 18.30 4.36
C VAL B 495 -28.53 17.55 4.78
N TYR B 496 -27.54 18.30 5.25
CA TYR B 496 -26.31 17.69 5.76
C TYR B 496 -26.76 16.46 6.54
N TYR B 497 -25.96 15.41 6.57
CA TYR B 497 -26.26 14.21 7.38
C TYR B 497 -24.92 13.53 7.63
N LYS B 498 -24.78 12.84 8.76
CA LYS B 498 -23.53 12.11 9.09
C LYS B 498 -23.89 10.97 10.04
N GLU B 499 -23.19 9.84 9.94
CA GLU B 499 -23.37 8.71 10.90
C GLU B 499 -22.92 9.27 12.25
N ALA B 500 -23.84 9.58 13.17
CA ALA B 500 -23.50 10.22 14.48
C ALA B 500 -24.60 9.91 15.50
N PRO B 501 -24.43 8.94 16.42
CA PRO B 501 -25.37 8.70 17.51
C PRO B 501 -24.89 9.34 18.82
N PHE B 502 -24.21 10.49 18.75
CA PHE B 502 -23.68 11.24 19.92
C PHE B 502 -24.16 12.69 19.84
N LYS B 503 -24.52 13.29 20.98
CA LYS B 503 -24.95 14.71 21.03
C LYS B 503 -23.72 15.61 20.84
N ASN B 504 -22.51 15.11 21.13
CA ASN B 504 -21.24 15.87 20.96
C ASN B 504 -20.91 15.98 19.47
N VAL B 505 -21.68 16.76 18.69
CA VAL B 505 -21.45 17.00 17.24
C VAL B 505 -21.93 18.43 16.99
N THR B 506 -21.24 19.19 16.13
CA THR B 506 -21.55 20.61 15.83
C THR B 506 -21.60 20.74 14.31
N GLU B 507 -22.10 21.87 13.79
CA GLU B 507 -22.31 22.07 12.33
C GLU B 507 -20.99 22.31 11.60
N TYR B 508 -19.97 22.87 12.26
CA TYR B 508 -18.65 23.19 11.66
C TYR B 508 -17.66 22.02 11.84
N ASP B 509 -18.10 20.88 12.38
CA ASP B 509 -17.24 19.68 12.53
C ASP B 509 -16.49 19.41 11.23
N GLY B 510 -17.21 19.23 10.12
CA GLY B 510 -16.62 18.92 8.80
C GLY B 510 -17.49 19.42 7.66
N GLN B 511 -17.37 20.70 7.30
CA GLN B 511 -18.20 21.35 6.25
C GLN B 511 -17.63 21.00 4.87
N ASP B 512 -16.84 21.90 4.26
CA ASP B 512 -16.37 21.66 2.87
C ASP B 512 -14.90 22.09 2.69
N ALA B 513 -13.95 21.14 2.74
CA ALA B 513 -12.50 21.42 2.54
C ALA B 513 -11.91 22.27 3.67
N CYS B 514 -12.10 23.59 3.60
CA CYS B 514 -11.59 24.48 4.68
C CYS B 514 -12.31 24.19 5.99
N GLY B 515 -13.64 24.00 5.93
CA GLY B 515 -14.42 23.65 7.15
C GLY B 515 -14.19 22.22 7.57
N SER B 516 -13.25 21.51 6.93
CA SER B 516 -12.99 20.06 7.18
C SER B 516 -14.04 19.22 6.43
N ASN B 517 -14.03 17.90 6.60
CA ASN B 517 -14.98 17.05 5.82
C ASN B 517 -15.53 15.95 6.72
N SER B 518 -16.83 15.96 7.00
CA SER B 518 -17.53 14.96 7.86
C SER B 518 -19.00 14.92 7.46
N TRP B 519 -19.73 16.04 7.54
CA TRP B 519 -21.13 16.11 7.05
C TRP B 519 -21.10 15.78 5.56
N ASN B 520 -21.74 14.68 5.15
CA ASN B 520 -21.70 14.21 3.73
C ASN B 520 -22.28 15.28 2.81
N MET B 521 -23.28 16.05 3.27
CA MET B 521 -23.98 17.12 2.48
C MET B 521 -24.86 16.48 1.39
N VAL B 522 -25.93 17.16 0.97
CA VAL B 522 -26.86 16.66 -0.08
C VAL B 522 -27.70 17.90 -0.45
N ASP B 523 -28.77 17.77 -1.26
CA ASP B 523 -29.55 18.95 -1.70
C ASP B 523 -30.97 18.60 -2.15
N VAL B 524 -31.88 19.57 -2.15
CA VAL B 524 -33.27 19.44 -2.68
C VAL B 524 -33.75 20.90 -2.78
N ASP B 525 -34.52 21.26 -3.79
CA ASP B 525 -34.93 22.68 -3.99
C ASP B 525 -36.19 22.92 -3.15
N LEU B 526 -36.29 24.10 -2.52
CA LEU B 526 -37.49 24.47 -1.72
C LEU B 526 -38.60 24.80 -2.71
N PRO B 527 -39.85 24.27 -2.59
CA PRO B 527 -40.89 24.51 -3.61
C PRO B 527 -41.20 25.99 -3.85
N PRO B 528 -41.42 26.47 -5.11
CA PRO B 528 -41.82 27.86 -5.33
C PRO B 528 -43.24 28.06 -4.76
N ASN B 529 -44.08 27.01 -4.78
CA ASN B 529 -45.44 27.07 -4.20
C ASN B 529 -45.28 27.25 -2.68
N LYS B 530 -45.99 28.19 -2.07
CA LYS B 530 -45.89 28.45 -0.61
C LYS B 530 -46.73 27.39 0.13
N ASP B 531 -47.78 26.86 -0.51
CA ASP B 531 -48.63 25.79 0.09
C ASP B 531 -47.80 24.52 0.24
N VAL B 532 -47.06 24.13 -0.80
CA VAL B 532 -46.18 22.93 -0.76
C VAL B 532 -44.99 23.32 0.12
N GLU B 533 -44.41 22.40 0.89
CA GLU B 533 -43.25 22.67 1.79
C GLU B 533 -42.08 21.79 1.33
N PRO B 534 -40.81 22.12 1.66
CA PRO B 534 -39.67 21.29 1.29
C PRO B 534 -39.65 19.97 2.06
N GLY B 535 -39.32 18.85 1.39
CA GLY B 535 -39.26 17.53 2.00
C GLY B 535 -38.31 16.65 1.24
N ILE B 536 -37.01 16.73 1.55
CA ILE B 536 -35.98 15.89 0.90
C ILE B 536 -36.34 14.42 1.11
N LEU B 537 -35.84 13.52 0.26
CA LEU B 537 -36.00 12.07 0.44
C LEU B 537 -34.59 11.52 0.62
N LEU B 538 -33.91 11.92 1.70
CA LEU B 538 -32.58 11.37 2.03
C LEU B 538 -32.61 9.88 1.69
N HIS B 539 -31.75 9.41 0.78
CA HIS B 539 -31.74 8.00 0.32
C HIS B 539 -30.58 7.25 0.96
N GLY B 540 -30.80 6.02 1.44
CA GLY B 540 -29.72 5.17 1.97
C GLY B 540 -29.07 5.74 3.22
N LEU B 541 -29.79 5.79 4.35
CA LEU B 541 -29.17 6.20 5.65
C LEU B 541 -28.14 5.14 6.01
N LYS B 542 -27.15 5.48 6.85
CA LYS B 542 -26.02 4.56 7.17
C LYS B 542 -26.47 3.46 8.16
N PRO B 543 -26.30 2.14 7.86
CA PRO B 543 -26.65 1.05 8.80
C PRO B 543 -26.15 1.09 10.25
N TRP B 544 -26.83 0.39 11.16
CA TRP B 544 -26.54 0.37 12.62
C TRP B 544 -26.03 1.72 13.14
N THR B 545 -26.66 2.85 12.76
CA THR B 545 -26.33 4.22 13.26
C THR B 545 -27.54 5.15 13.12
N GLN B 546 -27.81 5.98 14.13
CA GLN B 546 -28.97 6.93 14.18
C GLN B 546 -29.05 7.82 12.95
N TYR B 547 -27.97 8.50 12.56
CA TYR B 547 -27.88 9.47 11.41
C TYR B 547 -28.39 10.83 11.88
N ALA B 548 -27.47 11.76 12.20
CA ALA B 548 -27.83 13.15 12.57
C ALA B 548 -28.29 13.82 11.27
N VAL B 549 -29.21 14.78 11.32
CA VAL B 549 -29.79 15.39 10.08
C VAL B 549 -30.08 16.87 10.33
N TYR B 550 -29.06 17.73 10.24
CA TYR B 550 -29.24 19.20 10.40
C TYR B 550 -29.50 19.79 9.01
N VAL B 551 -30.67 20.42 8.79
CA VAL B 551 -31.07 20.97 7.46
C VAL B 551 -30.64 22.44 7.38
N LYS B 552 -29.40 22.71 6.97
CA LYS B 552 -28.92 24.11 6.81
C LYS B 552 -29.54 24.72 5.56
N ALA B 553 -30.00 25.97 5.61
CA ALA B 553 -30.52 26.68 4.43
C ALA B 553 -29.32 27.29 3.69
N VAL B 554 -28.59 26.50 2.89
CA VAL B 554 -27.45 27.01 2.07
C VAL B 554 -28.08 27.96 1.05
N THR B 555 -28.22 29.25 1.38
CA THR B 555 -28.95 30.24 0.54
C THR B 555 -27.96 31.17 -0.16
N LEU B 556 -28.43 32.18 -0.88
CA LEU B 556 -27.59 33.20 -1.58
C LEU B 556 -27.72 34.52 -0.84
N THR B 557 -26.97 35.57 -1.21
CA THR B 557 -26.94 36.88 -0.50
C THR B 557 -27.17 38.02 -1.48
N MET B 558 -27.85 39.09 -1.07
CA MET B 558 -28.15 40.26 -1.94
C MET B 558 -28.77 41.38 -1.09
N VAL B 559 -28.68 42.64 -1.51
CA VAL B 559 -29.24 43.83 -0.79
C VAL B 559 -28.71 43.81 0.65
N GLU B 560 -29.35 43.13 1.59
CA GLU B 560 -28.83 42.96 2.98
C GLU B 560 -27.40 42.47 2.90
N ASN B 561 -27.14 41.40 2.13
CA ASN B 561 -25.79 40.77 1.99
C ASN B 561 -25.28 40.35 3.38
N ASP B 562 -24.51 41.19 4.07
CA ASP B 562 -23.94 40.88 5.41
C ASP B 562 -25.07 40.88 6.45
N HIS B 563 -26.15 41.62 6.20
CA HIS B 563 -27.31 41.72 7.13
C HIS B 563 -28.24 40.50 6.96
N ILE B 564 -28.03 39.66 5.95
CA ILE B 564 -28.82 38.41 5.79
C ILE B 564 -28.55 37.59 7.06
N ARG B 565 -29.59 37.32 7.87
CA ARG B 565 -29.43 36.57 9.14
C ARG B 565 -28.90 35.17 8.83
N GLY B 566 -29.54 34.43 7.91
CA GLY B 566 -29.17 33.03 7.59
C GLY B 566 -30.15 32.09 8.24
N ALA B 567 -29.96 30.77 8.12
CA ALA B 567 -30.87 29.75 8.68
C ALA B 567 -30.10 28.44 8.86
N LYS B 568 -30.36 27.70 9.94
CA LYS B 568 -29.62 26.45 10.28
C LYS B 568 -30.40 25.75 11.39
N SER B 569 -31.33 24.87 11.04
CA SER B 569 -32.10 24.10 12.04
C SER B 569 -31.08 23.34 12.90
N GLU B 570 -31.38 23.11 14.17
CA GLU B 570 -30.39 22.54 15.12
C GLU B 570 -30.20 21.07 14.75
N ILE B 571 -29.12 20.44 15.21
CA ILE B 571 -28.81 19.04 14.83
C ILE B 571 -29.79 18.14 15.59
N LEU B 572 -31.01 17.97 15.08
CA LEU B 572 -31.97 17.00 15.67
C LEU B 572 -31.38 15.65 15.27
N TYR B 573 -30.99 14.81 16.21
CA TYR B 573 -30.32 13.53 15.87
C TYR B 573 -31.41 12.52 15.58
N ILE B 574 -32.22 12.70 14.52
CA ILE B 574 -33.25 11.70 14.10
C ILE B 574 -32.58 10.38 14.40
N THR B 576 -32.19 6.06 15.15
CA THR B 576 -32.38 4.89 14.27
C THR B 576 -33.87 4.52 14.28
N ASN B 577 -34.75 5.30 14.92
CA ASN B 577 -36.22 5.14 14.86
C ASN B 577 -36.62 5.41 13.42
N ALA B 578 -35.85 6.25 12.71
CA ALA B 578 -36.11 6.51 11.29
C ALA B 578 -35.52 5.37 10.46
N SER B 579 -34.96 4.37 11.15
CA SER B 579 -34.46 3.14 10.47
C SER B 579 -35.16 1.98 11.17
N VAL B 580 -34.93 0.74 10.76
CA VAL B 580 -35.68 -0.40 11.38
C VAL B 580 -35.00 -1.73 11.01
N PRO B 581 -35.36 -2.86 11.65
CA PRO B 581 -34.70 -4.18 11.44
C PRO B 581 -34.04 -4.55 10.12
N SER B 582 -32.85 -5.15 10.19
CA SER B 582 -32.11 -5.44 8.93
C SER B 582 -31.16 -6.63 9.08
N ILE B 583 -30.38 -6.93 8.03
CA ILE B 583 -29.53 -8.16 8.00
C ILE B 583 -28.49 -8.19 9.12
N PRO B 584 -28.32 -9.32 9.82
CA PRO B 584 -27.25 -9.47 10.82
C PRO B 584 -25.90 -9.71 10.14
N LEU B 585 -24.80 -9.83 10.88
CA LEU B 585 -23.45 -9.96 10.28
C LEU B 585 -22.49 -10.68 11.21
N ASP B 586 -21.41 -11.25 10.67
CA ASP B 586 -20.38 -11.99 11.43
C ASP B 586 -21.05 -13.02 12.35
N VAL B 587 -22.09 -13.69 11.87
CA VAL B 587 -22.75 -14.78 12.63
C VAL B 587 -21.83 -16.00 12.55
N LEU B 588 -21.49 -16.61 13.70
CA LEU B 588 -20.59 -17.80 13.76
C LEU B 588 -21.34 -18.89 14.50
N SER B 589 -20.99 -20.16 14.30
CA SER B 589 -21.60 -21.30 15.04
C SER B 589 -20.67 -22.50 14.92
N ALA B 590 -20.61 -23.34 15.95
CA ALA B 590 -19.75 -24.55 15.98
C ALA B 590 -20.28 -25.45 17.08
N SER B 591 -20.48 -26.75 16.79
CA SER B 591 -21.07 -27.68 17.78
C SER B 591 -20.13 -27.84 18.98
N ASN B 592 -20.46 -27.23 20.12
CA ASN B 592 -19.65 -27.30 21.36
C ASN B 592 -19.73 -28.71 21.96
N SER B 593 -20.89 -29.38 21.85
CA SER B 593 -21.10 -30.75 22.42
C SER B 593 -22.21 -31.46 21.67
N SER B 594 -22.39 -32.77 21.88
CA SER B 594 -23.45 -33.56 21.21
C SER B 594 -24.82 -33.05 21.62
N SER B 595 -25.79 -33.03 20.70
CA SER B 595 -27.15 -32.47 20.95
C SER B 595 -27.00 -31.04 21.47
N GLN B 596 -25.98 -30.30 21.02
CA GLN B 596 -25.73 -28.90 21.43
C GLN B 596 -25.07 -28.21 20.23
N LEU B 597 -25.24 -26.89 20.07
CA LEU B 597 -24.58 -26.15 18.96
C LEU B 597 -24.35 -24.68 19.35
N ILE B 598 -23.11 -24.32 19.65
CA ILE B 598 -22.78 -22.94 20.13
C ILE B 598 -23.05 -21.99 18.96
N VAL B 599 -23.56 -20.78 19.22
CA VAL B 599 -23.80 -19.74 18.18
C VAL B 599 -23.32 -18.42 18.75
N LYS B 600 -22.68 -17.59 17.92
CA LYS B 600 -22.20 -16.25 18.31
C LYS B 600 -22.59 -15.33 17.17
N TRP B 601 -22.38 -14.02 17.31
CA TRP B 601 -22.79 -13.03 16.29
C TRP B 601 -22.12 -11.69 16.57
N ASN B 602 -20.88 -11.52 16.11
CA ASN B 602 -20.15 -10.24 16.28
C ASN B 602 -21.15 -9.11 16.11
N PRO B 603 -21.34 -8.20 17.09
CA PRO B 603 -22.38 -7.17 16.97
C PRO B 603 -22.77 -7.02 15.49
N PRO B 604 -23.97 -7.47 15.09
CA PRO B 604 -24.37 -7.42 13.68
C PRO B 604 -24.18 -5.98 13.19
N SER B 605 -23.48 -5.74 12.08
CA SER B 605 -23.14 -4.39 11.57
C SER B 605 -24.25 -3.79 10.70
N PRO B 607 -28.09 -4.03 11.66
CA PRO B 607 -29.53 -4.23 11.50
C PRO B 607 -30.26 -2.89 11.37
N ASN B 608 -29.61 -1.86 10.81
CA ASN B 608 -30.24 -0.51 10.60
C ASN B 608 -31.12 -0.19 11.81
N GLY B 609 -30.56 -0.16 13.02
CA GLY B 609 -31.37 0.04 14.24
C GLY B 609 -30.57 -0.10 15.51
N ASN B 610 -31.24 -0.32 16.65
CA ASN B 610 -30.60 -0.61 17.97
C ASN B 610 -31.10 -1.99 18.39
N LEU B 611 -30.30 -3.05 18.17
CA LEU B 611 -30.66 -4.45 18.50
C LEU B 611 -31.49 -4.59 19.76
N SER B 612 -32.51 -5.46 19.76
CA SER B 612 -33.36 -5.78 20.95
C SER B 612 -33.04 -7.21 21.43
N TYR B 613 -32.96 -8.20 20.54
CA TYR B 613 -32.61 -9.61 20.88
C TYR B 613 -32.32 -10.37 19.58
N TYR B 614 -31.76 -11.59 19.62
CA TYR B 614 -31.47 -12.42 18.42
C TYR B 614 -32.44 -13.61 18.29
N ILE B 615 -33.61 -13.45 17.66
CA ILE B 615 -34.49 -14.65 17.41
C ILE B 615 -33.55 -15.65 16.74
N VAL B 616 -33.52 -16.91 17.15
CA VAL B 616 -32.70 -17.95 16.46
C VAL B 616 -33.71 -18.81 15.72
N ARG B 617 -33.36 -19.41 14.57
CA ARG B 617 -34.26 -20.28 13.77
C ARG B 617 -33.39 -21.40 13.23
N TRP B 618 -33.65 -22.64 13.60
CA TRP B 618 -32.85 -23.82 13.18
C TRP B 618 -33.81 -24.97 12.96
N GLN B 619 -33.38 -26.03 12.28
CA GLN B 619 -34.23 -27.21 12.00
C GLN B 619 -33.34 -28.42 11.76
N ARG B 620 -33.84 -29.63 11.99
CA ARG B 620 -33.10 -30.87 11.69
C ARG B 620 -32.93 -30.96 10.18
N GLN B 621 -31.92 -30.32 9.59
CA GLN B 621 -31.75 -30.26 8.10
C GLN B 621 -31.89 -31.68 7.55
N PRO B 622 -32.97 -32.01 6.80
CA PRO B 622 -33.19 -33.39 6.32
C PRO B 622 -32.01 -33.95 5.54
N GLN B 623 -31.79 -35.28 5.61
CA GLN B 623 -30.67 -35.96 4.90
C GLN B 623 -31.26 -36.72 3.71
N ASP B 624 -30.52 -36.80 2.59
CA ASP B 624 -30.98 -37.48 1.34
C ASP B 624 -30.80 -38.98 1.49
N GLY B 625 -31.39 -39.79 0.58
CA GLY B 625 -31.29 -41.25 0.61
C GLY B 625 -30.16 -41.78 -0.27
N TYR B 626 -29.16 -40.96 -0.58
CA TYR B 626 -28.01 -41.36 -1.43
C TYR B 626 -27.04 -42.17 -0.57
N LEU B 627 -26.70 -41.68 0.63
CA LEU B 627 -25.77 -42.38 1.57
C LEU B 627 -26.51 -43.52 2.26
N TYR B 628 -27.84 -43.44 2.40
CA TYR B 628 -28.66 -44.53 2.99
C TYR B 628 -28.39 -45.80 2.19
N ARG B 629 -28.47 -45.70 0.86
CA ARG B 629 -28.27 -46.85 -0.07
C ARG B 629 -26.83 -46.77 -0.57
N HIS B 630 -25.85 -47.04 0.30
CA HIS B 630 -24.41 -46.98 -0.05
C HIS B 630 -23.59 -47.73 1.01
N GLY B 667 14.83 -21.21 3.75
CA GLY B 667 13.72 -21.89 3.06
C GLY B 667 13.67 -23.36 3.41
N PRO B 668 12.47 -23.97 3.58
CA PRO B 668 12.35 -25.37 3.99
C PRO B 668 12.46 -26.36 2.82
N CYS B 669 13.63 -26.40 2.16
CA CYS B 669 13.82 -27.32 1.01
C CYS B 669 14.26 -28.70 1.50
N CYS B 670 14.29 -28.90 2.82
CA CYS B 670 14.63 -30.24 3.39
C CYS B 670 13.88 -31.32 2.63
N ALA B 671 12.61 -31.07 2.27
CA ALA B 671 11.83 -32.03 1.45
C ALA B 671 10.97 -31.24 0.46
N CYS B 672 11.58 -30.23 -0.20
CA CYS B 672 10.81 -29.37 -1.15
C CYS B 672 10.47 -30.18 -2.41
N PRO B 673 9.17 -30.37 -2.73
CA PRO B 673 8.76 -31.09 -3.93
C PRO B 673 8.79 -30.16 -5.15
N LYS B 674 7.92 -29.14 -5.16
CA LYS B 674 7.85 -28.20 -6.31
C LYS B 674 7.58 -26.79 -5.79
N THR B 675 8.48 -25.84 -6.06
CA THR B 675 8.30 -24.43 -5.63
C THR B 675 8.49 -23.55 -6.86
N GLU B 676 7.97 -23.98 -8.01
CA GLU B 676 8.16 -23.23 -9.28
C GLU B 676 7.59 -21.81 -9.14
N ALA B 677 8.31 -20.81 -9.66
CA ALA B 677 7.79 -19.42 -9.66
C ALA B 677 7.05 -19.19 -10.98
N GLU B 678 6.56 -20.27 -11.60
CA GLU B 678 5.84 -20.16 -12.89
C GLU B 678 4.38 -20.59 -12.65
N LYS B 679 3.82 -20.21 -11.49
CA LYS B 679 2.43 -20.58 -11.15
C LYS B 679 1.47 -19.56 -11.79
N GLN B 680 2.00 -18.72 -12.70
CA GLN B 680 1.16 -17.69 -13.38
C GLN B 680 0.15 -18.39 -14.31
N ALA B 681 0.48 -19.58 -14.82
CA ALA B 681 -0.49 -20.35 -15.63
C ALA B 681 -1.66 -20.75 -14.73
N GLU B 682 -1.44 -20.77 -13.41
CA GLU B 682 -2.54 -21.10 -12.46
C GLU B 682 -3.42 -19.86 -12.32
N LYS B 683 -2.84 -18.67 -12.47
CA LYS B 683 -3.65 -17.44 -12.44
C LYS B 683 -4.42 -17.37 -13.77
N GLU B 684 -3.84 -17.90 -14.84
CA GLU B 684 -4.55 -17.95 -16.15
C GLU B 684 -5.69 -18.96 -16.03
N GLU B 685 -5.50 -19.97 -15.17
CA GLU B 685 -6.57 -20.97 -14.95
C GLU B 685 -7.71 -20.24 -14.23
N ALA B 686 -7.36 -19.35 -13.30
CA ALA B 686 -8.38 -18.60 -12.53
C ALA B 686 -8.74 -17.31 -13.29
N GLU B 687 -8.43 -17.25 -14.58
CA GLU B 687 -8.83 -16.07 -15.39
C GLU B 687 -10.35 -16.14 -15.62
N TYR B 688 -10.80 -17.04 -16.49
CA TYR B 688 -12.26 -17.21 -16.71
C TYR B 688 -12.84 -18.05 -15.59
N ARG B 689 -12.00 -18.70 -14.79
CA ARG B 689 -12.56 -19.42 -13.61
C ARG B 689 -13.13 -18.35 -12.69
N LYS B 690 -12.56 -17.14 -12.74
CA LYS B 690 -13.08 -16.02 -11.92
C LYS B 690 -14.07 -15.21 -12.75
N VAL B 691 -13.80 -15.00 -14.04
CA VAL B 691 -14.68 -14.12 -14.87
C VAL B 691 -15.92 -14.90 -15.34
N PHE B 692 -16.03 -16.18 -14.98
CA PHE B 692 -17.27 -16.93 -15.29
C PHE B 692 -18.19 -16.61 -14.12
N GLU B 693 -17.60 -16.23 -12.99
CA GLU B 693 -18.43 -15.79 -11.84
C GLU B 693 -18.59 -14.29 -12.00
N ASN B 694 -18.14 -13.75 -13.14
CA ASN B 694 -18.38 -12.32 -13.48
C ASN B 694 -19.08 -12.42 -14.82
N PHE B 695 -19.41 -13.65 -15.22
CA PHE B 695 -20.04 -13.91 -16.55
C PHE B 695 -21.53 -14.11 -16.35
N LEU B 696 -21.97 -15.38 -16.37
CA LEU B 696 -23.39 -15.71 -16.13
C LEU B 696 -23.70 -15.35 -14.67
N HIS B 697 -22.65 -15.23 -13.85
CA HIS B 697 -22.84 -14.80 -12.45
C HIS B 697 -23.01 -13.29 -12.45
N ASN B 698 -24.24 -12.82 -12.70
CA ASN B 698 -24.52 -11.35 -12.79
C ASN B 698 -25.94 -11.16 -13.33
N SER B 699 -26.28 -11.86 -14.43
CA SER B 699 -27.61 -11.59 -15.07
C SER B 699 -28.36 -12.86 -15.53
N ILE B 700 -28.29 -13.98 -14.81
CA ILE B 700 -29.18 -15.13 -15.16
C ILE B 700 -30.38 -14.96 -14.23
N PHE B 701 -30.60 -15.86 -13.28
CA PHE B 701 -31.71 -15.55 -12.32
C PHE B 701 -31.39 -14.20 -11.70
N VAL B 702 -32.29 -13.23 -11.84
CA VAL B 702 -32.05 -11.86 -11.32
C VAL B 702 -31.58 -11.97 -9.87
N PRO B 703 -30.36 -11.51 -9.54
CA PRO B 703 -29.82 -11.62 -8.19
C PRO B 703 -30.42 -10.53 -7.30
N ARG B 704 -31.75 -10.46 -7.20
CA ARG B 704 -32.44 -9.43 -6.38
C ARG B 704 -31.70 -8.09 -6.51
N PRO B 705 -31.45 -7.54 -7.73
CA PRO B 705 -30.67 -6.32 -7.87
C PRO B 705 -31.56 -5.09 -8.06
N GLU B 744 -39.97 -31.60 5.65
CA GLU B 744 -39.48 -32.87 6.25
C GLU B 744 -39.40 -32.74 7.77
N TYR B 745 -38.80 -31.65 8.28
CA TYR B 745 -38.63 -31.41 9.73
C TYR B 745 -39.08 -29.98 10.06
N PRO B 746 -39.61 -29.69 11.28
CA PRO B 746 -40.11 -28.36 11.62
C PRO B 746 -39.00 -27.43 12.11
N PHE B 747 -39.28 -26.13 12.23
CA PHE B 747 -38.29 -25.15 12.73
C PHE B 747 -38.58 -24.85 14.21
N PHE B 748 -37.56 -24.52 15.00
CA PHE B 748 -37.68 -24.22 16.45
C PHE B 748 -37.00 -22.87 16.68
N GLU B 749 -37.41 -22.08 17.68
CA GLU B 749 -36.87 -20.70 17.87
C GLU B 749 -36.58 -20.37 19.33
N SER B 750 -35.85 -19.27 19.58
CA SER B 750 -35.54 -18.78 20.96
C SER B 750 -35.07 -17.33 20.81
N ARG B 751 -35.31 -16.46 21.81
CA ARG B 751 -34.94 -15.03 21.76
C ARG B 751 -33.76 -14.79 22.70
N VAL B 752 -32.54 -14.75 22.16
CA VAL B 752 -31.29 -14.53 22.97
C VAL B 752 -31.37 -13.09 23.46
N ASP B 753 -31.48 -12.85 24.78
CA ASP B 753 -31.65 -11.48 25.36
C ASP B 753 -30.86 -10.42 24.60
N ASN B 754 -29.57 -10.64 24.30
CA ASN B 754 -28.68 -9.67 23.61
C ASN B 754 -27.22 -10.10 23.78
N LYS B 755 -26.86 -10.85 24.82
CA LYS B 755 -25.49 -11.41 24.97
C LYS B 755 -25.07 -11.92 23.59
N GLU B 756 -23.84 -11.59 23.14
CA GLU B 756 -23.33 -11.99 21.81
C GLU B 756 -22.87 -13.45 21.91
N ARG B 757 -23.76 -14.37 22.29
CA ARG B 757 -23.44 -15.80 22.46
C ARG B 757 -24.72 -16.58 22.75
N THR B 758 -24.74 -17.89 22.52
CA THR B 758 -25.90 -18.78 22.86
C THR B 758 -25.49 -20.21 22.54
N VAL B 759 -26.32 -21.20 22.87
CA VAL B 759 -26.08 -22.62 22.49
C VAL B 759 -27.45 -23.23 22.17
N ILE B 760 -27.55 -23.98 21.08
CA ILE B 760 -28.81 -24.64 20.65
C ILE B 760 -28.76 -26.05 21.23
N SER B 761 -29.23 -26.24 22.47
CA SER B 761 -29.21 -27.54 23.17
C SER B 761 -30.43 -28.38 22.78
N ASN B 762 -30.51 -29.63 23.24
CA ASN B 762 -31.66 -30.54 22.96
C ASN B 762 -31.82 -30.67 21.45
N LEU B 763 -30.74 -30.97 20.73
CA LEU B 763 -30.78 -31.17 19.26
C LEU B 763 -30.67 -32.66 18.95
N ARG B 764 -30.84 -33.05 17.69
CA ARG B 764 -30.67 -34.46 17.25
C ARG B 764 -29.20 -34.84 17.46
N PRO B 765 -28.82 -36.05 17.92
CA PRO B 765 -27.43 -36.46 18.04
C PRO B 765 -26.44 -35.94 16.99
N PHE B 766 -26.71 -36.09 15.68
CA PHE B 766 -25.78 -35.68 14.58
C PHE B 766 -26.62 -35.28 13.37
N THR B 767 -26.78 -33.97 13.12
CA THR B 767 -27.60 -33.42 12.01
C THR B 767 -27.10 -31.99 11.81
N LEU B 768 -27.14 -31.47 10.58
CA LEU B 768 -26.71 -30.07 10.28
C LEU B 768 -27.82 -29.14 10.75
N TYR B 769 -27.51 -27.86 11.04
CA TYR B 769 -28.51 -26.89 11.56
C TYR B 769 -28.31 -25.53 10.91
N ARG B 770 -29.16 -25.17 9.95
CA ARG B 770 -29.14 -23.82 9.31
C ARG B 770 -29.59 -22.82 10.38
N ILE B 771 -28.68 -22.37 11.25
CA ILE B 771 -29.01 -21.46 12.38
C ILE B 771 -29.14 -20.06 11.79
N ASP B 772 -30.35 -19.68 11.37
CA ASP B 772 -30.62 -18.35 10.78
C ASP B 772 -30.69 -17.30 11.89
N ILE B 773 -29.59 -16.59 12.15
CA ILE B 773 -29.62 -15.44 13.10
C ILE B 773 -30.76 -14.55 12.64
N HIS B 774 -31.53 -13.97 13.56
CA HIS B 774 -32.61 -13.02 13.22
C HIS B 774 -32.53 -11.89 14.25
N SER B 775 -31.65 -10.91 14.05
CA SER B 775 -31.48 -9.74 14.95
C SER B 775 -32.79 -8.95 15.06
N CYS B 776 -33.70 -9.37 15.93
CA CYS B 776 -34.99 -8.66 16.16
C CYS B 776 -34.64 -7.30 16.74
N ASN B 777 -34.99 -6.21 16.05
CA ASN B 777 -34.64 -4.84 16.48
C ASN B 777 -35.84 -4.24 17.20
N HIS B 778 -35.76 -2.98 17.62
CA HIS B 778 -36.86 -2.26 18.34
C HIS B 778 -38.23 -2.52 17.71
N GLU B 779 -38.36 -2.53 16.38
CA GLU B 779 -39.66 -2.66 15.67
C GLU B 779 -39.61 -3.87 14.74
N ALA B 780 -39.13 -5.02 15.22
CA ALA B 780 -39.09 -6.28 14.43
C ALA B 780 -40.48 -6.91 14.39
N GLU B 781 -41.21 -6.87 15.51
CA GLU B 781 -42.61 -7.36 15.55
C GLU B 781 -43.41 -6.66 14.46
N LYS B 782 -43.12 -5.39 14.18
CA LYS B 782 -43.85 -4.58 13.16
C LYS B 782 -43.28 -4.78 11.77
N LEU B 783 -41.97 -4.62 11.56
CA LEU B 783 -41.34 -4.63 10.20
C LEU B 783 -40.42 -5.83 9.97
N GLY B 784 -40.81 -7.04 10.40
CA GLY B 784 -40.05 -8.28 10.16
C GLY B 784 -38.82 -8.39 11.05
N CYS B 785 -38.44 -9.61 11.44
CA CYS B 785 -37.29 -9.84 12.36
C CYS B 785 -35.98 -9.99 11.56
N SER B 786 -35.32 -8.89 11.22
CA SER B 786 -33.99 -8.87 10.54
C SER B 786 -34.03 -9.48 9.13
N ALA B 787 -32.88 -9.60 8.45
CA ALA B 787 -32.75 -10.26 7.12
C ALA B 787 -31.90 -11.52 7.31
N SER B 788 -32.53 -12.69 7.50
CA SER B 788 -31.86 -14.00 7.74
C SER B 788 -30.42 -14.10 7.27
N PHE B 790 -26.97 -16.34 8.13
CA PHE B 790 -26.99 -17.69 8.75
C PHE B 790 -25.63 -18.36 8.76
N VAL B 791 -25.53 -19.46 9.48
CA VAL B 791 -24.27 -20.25 9.64
C VAL B 791 -24.78 -21.62 10.10
N PHE B 792 -23.96 -22.66 10.11
CA PHE B 792 -24.43 -24.02 10.49
C PHE B 792 -23.29 -24.88 11.01
N ALA B 793 -23.62 -25.98 11.69
CA ALA B 793 -22.63 -26.96 12.19
C ALA B 793 -23.37 -28.29 12.36
N ARG B 794 -22.65 -29.42 12.43
CA ARG B 794 -23.27 -30.75 12.66
C ARG B 794 -23.11 -31.05 14.15
N THR B 795 -24.22 -31.22 14.88
CA THR B 795 -24.18 -31.53 16.34
C THR B 795 -23.15 -32.64 16.54
N MET B 796 -22.24 -32.52 17.51
CA MET B 796 -21.14 -33.50 17.69
C MET B 796 -21.76 -34.90 17.76
N PRO B 797 -21.19 -35.96 17.16
CA PRO B 797 -21.86 -37.26 17.21
C PRO B 797 -21.96 -37.78 18.65
N ALA B 798 -23.17 -37.98 19.19
CA ALA B 798 -23.39 -38.54 20.54
C ALA B 798 -22.78 -39.94 20.60
N GLU B 799 -21.55 -40.08 21.10
CA GLU B 799 -20.85 -41.39 21.15
C GLU B 799 -21.77 -42.39 21.84
N GLY B 800 -21.91 -43.60 21.29
CA GLY B 800 -22.85 -44.63 21.80
C GLY B 800 -23.78 -45.01 20.67
N ALA B 801 -24.35 -44.02 19.98
CA ALA B 801 -25.20 -44.25 18.79
C ALA B 801 -24.27 -44.51 17.61
N ASP B 802 -23.01 -44.07 17.69
CA ASP B 802 -22.01 -44.35 16.63
C ASP B 802 -21.82 -45.86 16.54
N ASP B 803 -21.50 -46.50 17.67
CA ASP B 803 -21.19 -47.97 17.70
C ASP B 803 -22.47 -48.81 17.80
N ILE B 804 -22.34 -50.13 17.59
CA ILE B 804 -23.49 -51.09 17.69
C ILE B 804 -24.02 -50.99 19.12
N PRO B 805 -25.35 -50.95 19.42
CA PRO B 805 -25.83 -50.94 20.80
C PRO B 805 -25.94 -52.34 21.44
N GLY B 806 -24.91 -53.18 21.31
CA GLY B 806 -24.92 -54.56 21.86
C GLY B 806 -23.86 -55.44 21.24
N PRO B 807 -23.92 -56.78 21.41
CA PRO B 807 -22.95 -57.71 20.83
C PRO B 807 -23.47 -58.27 19.50
N VAL B 808 -22.89 -59.37 18.98
CA VAL B 808 -23.36 -60.05 17.73
C VAL B 808 -23.68 -61.50 18.08
N THR B 809 -24.77 -62.05 17.55
CA THR B 809 -25.17 -63.47 17.78
C THR B 809 -24.81 -64.25 16.51
N TRP B 810 -24.49 -65.54 16.64
CA TRP B 810 -24.10 -66.41 15.49
C TRP B 810 -25.05 -67.61 15.43
N GLU B 811 -25.34 -68.13 14.23
CA GLU B 811 -26.21 -69.31 14.03
C GLU B 811 -25.62 -70.16 12.90
N PRO B 812 -25.56 -71.51 12.97
CA PRO B 812 -24.92 -72.28 11.90
C PRO B 812 -25.76 -72.19 10.62
N ARG B 813 -25.12 -72.19 9.44
CA ARG B 813 -25.81 -72.08 8.14
C ARG B 813 -25.15 -73.04 7.14
N PRO B 814 -25.81 -73.48 6.04
CA PRO B 814 -25.23 -74.47 5.13
C PRO B 814 -24.11 -73.88 4.27
N GLU B 815 -23.25 -74.71 3.66
CA GLU B 815 -22.07 -74.27 2.85
C GLU B 815 -21.04 -73.66 3.80
N ASN B 816 -20.76 -74.32 4.93
CA ASN B 816 -19.75 -73.86 5.91
C ASN B 816 -20.02 -72.38 6.19
N SER B 817 -21.28 -72.00 6.43
CA SER B 817 -21.70 -70.59 6.63
C SER B 817 -22.08 -70.35 8.10
N ILE B 818 -22.17 -69.09 8.52
CA ILE B 818 -22.57 -68.68 9.89
C ILE B 818 -23.38 -67.39 9.77
N PHE B 819 -24.66 -67.41 10.12
CA PHE B 819 -25.54 -66.20 10.06
C PHE B 819 -25.16 -65.25 11.20
N LEU B 820 -24.70 -64.05 10.89
CA LEU B 820 -24.32 -63.02 11.90
C LEU B 820 -25.58 -62.25 12.30
N LYS B 821 -25.55 -61.52 13.42
CA LYS B 821 -26.72 -60.78 13.95
C LYS B 821 -26.22 -59.62 14.81
N TRP B 822 -26.88 -58.46 14.79
CA TRP B 822 -26.50 -57.30 15.65
C TRP B 822 -27.69 -56.36 15.82
N PRO B 823 -27.77 -55.59 16.93
CA PRO B 823 -28.82 -54.57 17.09
C PRO B 823 -28.46 -53.26 16.39
N GLU B 824 -29.45 -52.42 16.05
CA GLU B 824 -29.24 -51.09 15.42
C GLU B 824 -29.25 -50.04 16.53
N PRO B 825 -28.49 -48.93 16.43
CA PRO B 825 -28.52 -47.86 17.43
C PRO B 825 -29.91 -47.21 17.53
N GLU B 826 -30.19 -46.48 18.61
CA GLU B 826 -31.52 -45.85 18.85
C GLU B 826 -31.62 -44.63 17.93
N ASN B 827 -30.66 -43.72 17.99
CA ASN B 827 -30.60 -42.50 17.12
C ASN B 827 -29.21 -42.50 16.48
N PRO B 828 -28.89 -43.43 15.54
CA PRO B 828 -27.53 -43.54 14.99
C PRO B 828 -27.04 -42.21 14.42
N ASN B 829 -25.89 -41.71 14.87
CA ASN B 829 -25.37 -40.36 14.46
C ASN B 829 -25.49 -40.21 12.94
N GLY B 830 -26.48 -39.44 12.45
CA GLY B 830 -26.77 -39.30 11.01
C GLY B 830 -27.45 -40.54 10.48
N LEU B 831 -26.79 -41.70 10.50
CA LEU B 831 -27.37 -42.99 10.05
C LEU B 831 -26.22 -43.97 9.90
N ILE B 832 -26.43 -45.27 10.16
CA ILE B 832 -25.37 -46.31 9.97
C ILE B 832 -25.25 -46.58 8.47
N LEU B 833 -24.43 -45.77 7.77
CA LEU B 833 -24.22 -45.90 6.30
C LEU B 833 -23.86 -47.34 5.95
N MET B 834 -22.89 -47.93 6.63
CA MET B 834 -22.43 -49.32 6.35
C MET B 834 -22.36 -50.05 7.68
N TYR B 835 -22.39 -51.39 7.70
CA TYR B 835 -22.33 -52.23 8.91
C TYR B 835 -21.06 -53.06 8.84
N GLU B 836 -19.90 -52.46 9.11
CA GLU B 836 -18.58 -53.14 9.13
C GLU B 836 -18.68 -54.54 9.75
N ILE B 837 -17.95 -55.54 9.25
CA ILE B 837 -17.93 -56.94 9.78
C ILE B 837 -16.46 -57.35 9.89
N LYS B 838 -16.07 -58.05 10.96
CA LYS B 838 -14.67 -58.52 11.20
C LYS B 838 -14.76 -60.00 11.54
N TYR B 839 -13.98 -60.88 10.90
CA TYR B 839 -14.13 -62.35 11.05
C TYR B 839 -12.86 -63.10 10.63
N GLY B 840 -12.60 -64.29 11.20
CA GLY B 840 -11.41 -65.10 10.91
C GLY B 840 -10.99 -65.87 12.15
N SER B 841 -10.41 -67.07 12.02
CA SER B 841 -10.05 -67.94 13.17
C SER B 841 -8.79 -67.43 13.89
N GLN B 842 -7.60 -67.67 13.35
CA GLN B 842 -6.31 -67.27 13.99
C GLN B 842 -6.38 -65.76 14.29
N VAL B 843 -6.68 -64.94 13.29
CA VAL B 843 -6.86 -63.47 13.44
C VAL B 843 -8.07 -63.11 12.56
N GLU B 844 -8.77 -62.01 12.85
CA GLU B 844 -9.98 -61.59 12.09
C GLU B 844 -9.57 -60.56 11.03
N ASP B 845 -8.52 -60.86 10.26
CA ASP B 845 -8.01 -59.94 9.19
C ASP B 845 -9.13 -59.68 8.20
N GLN B 846 -9.78 -60.74 7.70
CA GLN B 846 -10.86 -60.61 6.68
C GLN B 846 -11.94 -59.68 7.24
N ARG B 847 -12.32 -58.63 6.50
CA ARG B 847 -13.31 -57.63 6.96
C ARG B 847 -14.13 -57.16 5.77
N GLU B 848 -15.43 -56.90 5.95
CA GLU B 848 -16.34 -56.40 4.88
C GLU B 848 -17.31 -55.42 5.55
N CYS B 849 -18.46 -55.09 4.95
CA CYS B 849 -19.49 -54.23 5.58
C CYS B 849 -20.87 -54.50 4.94
N VAL B 850 -21.94 -54.64 5.74
CA VAL B 850 -23.32 -54.93 5.25
C VAL B 850 -24.05 -53.60 5.05
N SER B 851 -24.94 -53.48 4.07
CA SER B 851 -25.76 -52.26 3.85
C SER B 851 -26.85 -52.23 4.92
N ARG B 852 -27.26 -51.06 5.41
CA ARG B 852 -28.39 -50.96 6.38
C ARG B 852 -29.55 -51.77 5.81
N GLN B 853 -29.81 -51.68 4.50
CA GLN B 853 -30.92 -52.39 3.82
C GLN B 853 -30.76 -53.89 4.10
N GLU B 854 -29.66 -54.50 3.66
CA GLU B 854 -29.45 -55.96 3.81
C GLU B 854 -29.61 -56.33 5.28
N TYR B 855 -29.00 -55.58 6.19
CA TYR B 855 -29.08 -55.84 7.66
C TYR B 855 -30.55 -55.93 8.07
N ARG B 856 -31.38 -54.95 7.70
CA ARG B 856 -32.81 -54.90 8.12
C ARG B 856 -33.53 -56.20 7.74
N LYS B 857 -33.23 -56.77 6.56
CA LYS B 857 -33.94 -57.98 6.05
C LYS B 857 -33.33 -59.25 6.64
N TYR B 858 -32.01 -59.32 6.82
CA TYR B 858 -31.29 -60.52 7.34
C TYR B 858 -31.38 -60.61 8.87
N GLY B 859 -30.93 -59.58 9.58
CA GLY B 859 -30.80 -59.58 11.06
C GLY B 859 -29.37 -59.20 11.34
N GLY B 860 -28.45 -59.55 10.43
CA GLY B 860 -27.04 -59.15 10.49
C GLY B 860 -26.39 -59.41 9.14
N ALA B 861 -25.81 -60.59 8.92
CA ALA B 861 -25.12 -60.96 7.66
C ALA B 861 -25.06 -62.48 7.57
N LYS B 862 -24.34 -63.05 6.58
CA LYS B 862 -24.10 -64.51 6.48
C LYS B 862 -22.68 -64.71 5.97
N LEU B 863 -21.94 -65.68 6.52
CA LEU B 863 -20.53 -65.98 6.15
C LEU B 863 -20.54 -67.20 5.21
N ASN B 864 -19.39 -67.79 4.87
CA ASN B 864 -19.30 -68.95 3.94
C ASN B 864 -17.88 -69.52 3.92
N ARG B 865 -17.70 -70.80 3.56
CA ARG B 865 -16.37 -71.45 3.42
C ARG B 865 -15.52 -71.18 4.67
N LEU B 866 -16.09 -71.34 5.86
CA LEU B 866 -15.38 -71.16 7.16
C LEU B 866 -14.73 -72.51 7.52
N ASN B 867 -13.40 -72.63 7.43
CA ASN B 867 -12.69 -73.91 7.68
C ASN B 867 -13.36 -74.63 8.86
N PRO B 868 -13.95 -75.84 8.71
CA PRO B 868 -14.50 -76.58 9.86
C PRO B 868 -13.61 -76.55 11.10
N GLY B 869 -14.02 -75.85 12.16
CA GLY B 869 -13.23 -75.69 13.41
C GLY B 869 -13.64 -74.41 14.11
N ASN B 870 -13.10 -74.13 15.29
CA ASN B 870 -13.48 -72.93 16.09
C ASN B 870 -13.05 -71.68 15.32
N TYR B 871 -13.80 -70.58 15.41
CA TYR B 871 -13.56 -69.32 14.67
C TYR B 871 -14.02 -68.15 15.54
N THR B 872 -14.04 -66.91 15.06
CA THR B 872 -14.60 -65.74 15.79
C THR B 872 -15.07 -64.69 14.78
N ALA B 873 -16.07 -63.88 15.13
CA ALA B 873 -16.67 -62.86 14.24
C ALA B 873 -16.83 -61.53 15.01
N ARG B 874 -17.45 -60.51 14.42
CA ARG B 874 -17.65 -59.16 15.05
C ARG B 874 -18.37 -58.26 14.04
N ILE B 875 -19.00 -57.16 14.47
CA ILE B 875 -19.63 -56.15 13.56
C ILE B 875 -19.47 -54.77 14.20
N GLN B 876 -19.33 -53.71 13.39
CA GLN B 876 -19.20 -52.31 13.86
C GLN B 876 -20.27 -51.52 13.09
N ALA B 877 -20.80 -50.44 13.66
CA ALA B 877 -21.87 -49.62 13.03
C ALA B 877 -21.22 -48.39 12.40
N THR B 878 -20.76 -48.48 11.15
CA THR B 878 -20.12 -47.34 10.44
C THR B 878 -21.17 -46.22 10.30
N SER B 879 -21.15 -45.20 11.16
CA SER B 879 -22.17 -44.10 11.18
C SER B 879 -21.79 -43.01 10.17
N LEU B 880 -22.70 -42.06 9.93
CA LEU B 880 -22.46 -40.93 8.99
C LEU B 880 -21.28 -40.12 9.50
N SER B 881 -21.23 -39.83 10.81
CA SER B 881 -20.15 -39.03 11.43
C SER B 881 -18.81 -39.75 11.28
N GLY B 882 -18.79 -41.08 11.45
CA GLY B 882 -17.56 -41.87 11.36
C GLY B 882 -17.78 -43.30 11.81
N ASN B 883 -16.75 -44.14 11.79
CA ASN B 883 -16.86 -45.58 12.15
C ASN B 883 -17.43 -45.73 13.56
N GLY B 884 -18.12 -46.84 13.84
CA GLY B 884 -18.69 -47.13 15.17
C GLY B 884 -17.66 -47.78 16.07
N SER B 885 -17.90 -49.00 16.55
CA SER B 885 -16.94 -49.78 17.38
C SER B 885 -17.31 -51.25 17.26
N TRP B 886 -16.32 -52.15 17.22
CA TRP B 886 -16.57 -53.61 17.04
C TRP B 886 -17.37 -54.16 18.21
N THR B 887 -18.15 -55.22 17.99
CA THR B 887 -19.02 -55.85 19.03
C THR B 887 -18.17 -56.76 19.93
N ASP B 888 -18.78 -57.42 20.92
CA ASP B 888 -18.08 -58.40 21.79
C ASP B 888 -17.58 -59.56 20.92
N PRO B 889 -16.61 -60.40 21.36
CA PRO B 889 -16.19 -61.55 20.56
C PRO B 889 -17.38 -62.45 20.19
N VAL B 890 -17.37 -63.06 19.01
CA VAL B 890 -18.49 -63.91 18.50
C VAL B 890 -17.86 -65.27 18.19
N PHE B 891 -17.10 -65.84 19.14
CA PHE B 891 -16.42 -67.16 18.96
C PHE B 891 -17.44 -68.18 18.45
N PHE B 892 -17.41 -68.54 17.16
CA PHE B 892 -18.36 -69.48 16.52
C PHE B 892 -17.59 -70.72 16.09
N TYR B 893 -18.22 -71.64 15.36
CA TYR B 893 -17.53 -72.84 14.80
C TYR B 893 -18.37 -73.40 13.64
N VAL B 894 -17.75 -74.17 12.74
CA VAL B 894 -18.44 -74.81 11.58
C VAL B 894 -17.95 -76.27 11.58
N GLN B 895 -18.69 -77.19 10.96
CA GLN B 895 -18.29 -78.61 10.83
C GLN B 895 -18.28 -78.98 9.35
N ALA B 896 -17.50 -79.99 8.96
CA ALA B 896 -17.44 -80.48 7.57
C ALA B 896 -18.74 -81.23 7.26
N LYS B 897 -19.32 -81.92 8.25
CA LYS B 897 -20.58 -82.69 8.10
C LYS B 897 -21.45 -82.46 9.35
N THR C 1 -14.00 -14.34 2.21
CA THR C 1 -13.46 -14.82 0.91
C THR C 1 -14.20 -16.09 0.48
N LEU C 2 -14.67 -16.13 -0.76
CA LEU C 2 -15.41 -17.32 -1.27
C LEU C 2 -15.42 -17.28 -2.80
N CYS C 3 -14.54 -18.05 -3.46
CA CYS C 3 -14.54 -18.14 -4.94
C CYS C 3 -14.05 -19.52 -5.38
N GLY C 4 -13.62 -19.66 -6.64
CA GLY C 4 -13.11 -20.95 -7.14
C GLY C 4 -14.23 -21.96 -7.36
N ALA C 5 -13.88 -23.25 -7.43
CA ALA C 5 -14.91 -24.31 -7.59
C ALA C 5 -15.66 -24.48 -6.27
N GLU C 6 -15.05 -24.03 -5.17
CA GLU C 6 -15.71 -24.12 -3.85
C GLU C 6 -16.93 -23.17 -3.84
N LEU C 7 -16.81 -22.03 -4.50
CA LEU C 7 -17.94 -21.05 -4.57
C LEU C 7 -19.04 -21.60 -5.49
N VAL C 8 -18.71 -22.52 -6.41
CA VAL C 8 -19.78 -23.12 -7.25
C VAL C 8 -20.66 -24.00 -6.36
N ASP C 9 -20.05 -24.79 -5.46
CA ASP C 9 -20.87 -25.59 -4.52
C ASP C 9 -21.55 -24.64 -3.54
N ALA C 10 -20.85 -23.58 -3.12
CA ALA C 10 -21.41 -22.62 -2.13
C ALA C 10 -22.66 -21.96 -2.71
N LEU C 11 -22.58 -21.44 -3.93
CA LEU C 11 -23.73 -20.75 -4.55
C LEU C 11 -24.89 -21.73 -4.70
N GLN C 12 -24.62 -22.96 -5.17
CA GLN C 12 -25.72 -23.93 -5.45
C GLN C 12 -26.40 -24.40 -4.16
N PHE C 13 -25.63 -24.52 -3.07
CA PHE C 13 -26.22 -24.92 -1.76
C PHE C 13 -27.14 -23.81 -1.25
N VAL C 14 -26.71 -22.55 -1.32
CA VAL C 14 -27.51 -21.41 -0.79
C VAL C 14 -28.56 -21.00 -1.84
N CYS C 15 -28.56 -21.65 -3.00
CA CYS C 15 -29.52 -21.35 -4.11
C CYS C 15 -30.60 -22.43 -4.14
N GLY C 16 -30.78 -23.18 -3.04
CA GLY C 16 -31.82 -24.23 -2.97
C GLY C 16 -32.07 -24.93 -4.29
N ASP C 17 -33.26 -24.75 -4.86
CA ASP C 17 -33.57 -25.34 -6.19
C ASP C 17 -33.93 -24.20 -7.15
N ARG C 18 -33.89 -22.97 -6.66
CA ARG C 18 -34.14 -21.80 -7.53
C ARG C 18 -32.97 -21.65 -8.50
N GLY C 19 -31.80 -22.17 -8.12
CA GLY C 19 -30.61 -22.14 -9.01
C GLY C 19 -30.84 -22.97 -10.26
N PRO C 36 -15.72 -9.33 -19.35
CA PRO C 36 -15.89 -8.68 -18.04
C PRO C 36 -15.11 -9.41 -16.96
N GLN C 37 -14.33 -8.68 -16.17
CA GLN C 37 -13.47 -9.34 -15.16
C GLN C 37 -13.91 -8.93 -13.76
N THR C 38 -15.19 -8.58 -13.58
CA THR C 38 -15.69 -8.11 -12.26
C THR C 38 -17.18 -8.45 -12.12
N GLY C 39 -17.58 -8.96 -10.95
CA GLY C 39 -18.97 -9.39 -10.74
C GLY C 39 -19.18 -9.90 -9.32
N ILE C 40 -19.89 -11.03 -9.16
CA ILE C 40 -20.21 -11.53 -7.79
C ILE C 40 -18.99 -12.23 -7.20
N VAL C 41 -18.20 -12.93 -8.02
CA VAL C 41 -16.94 -13.55 -7.51
C VAL C 41 -15.97 -12.43 -7.13
N ASP C 42 -16.18 -11.23 -7.68
CA ASP C 42 -15.27 -10.08 -7.41
C ASP C 42 -15.75 -9.31 -6.18
N GLU C 43 -16.17 -10.01 -5.11
CA GLU C 43 -16.65 -9.36 -3.87
C GLU C 43 -16.78 -10.40 -2.77
N CYS C 44 -17.49 -11.49 -3.03
CA CYS C 44 -17.56 -12.56 -2.01
C CYS C 44 -16.14 -13.15 -1.83
N CYS C 45 -15.48 -13.46 -2.95
CA CYS C 45 -14.08 -13.96 -2.86
C CYS C 45 -13.12 -12.79 -2.68
N PHE C 46 -13.24 -11.76 -3.52
CA PHE C 46 -12.27 -10.64 -3.48
C PHE C 46 -12.25 -10.01 -2.08
N ARG C 47 -13.41 -9.62 -1.55
CA ARG C 47 -13.48 -9.10 -0.16
C ARG C 47 -13.98 -10.23 0.74
N SER C 48 -15.15 -10.04 1.37
CA SER C 48 -15.76 -11.12 2.20
C SER C 48 -17.28 -10.99 2.15
N CYS C 49 -17.99 -12.12 2.13
CA CYS C 49 -19.47 -12.08 2.00
C CYS C 49 -20.09 -13.21 2.83
N ASP C 50 -21.33 -13.02 3.29
CA ASP C 50 -21.99 -14.03 4.16
C ASP C 50 -22.92 -14.91 3.33
N LEU C 51 -23.71 -15.76 3.97
CA LEU C 51 -24.71 -16.58 3.25
C LEU C 51 -26.02 -15.79 3.16
N ARG C 52 -25.93 -14.47 2.97
CA ARG C 52 -27.15 -13.64 2.81
C ARG C 52 -27.12 -13.02 1.41
N ARG C 53 -25.99 -12.40 1.03
CA ARG C 53 -25.84 -11.81 -0.33
C ARG C 53 -25.40 -12.89 -1.30
N LEU C 54 -24.75 -13.96 -0.81
CA LEU C 54 -24.37 -15.09 -1.69
C LEU C 54 -25.66 -15.72 -2.25
N GLU C 55 -26.72 -15.79 -1.44
CA GLU C 55 -28.01 -16.39 -1.89
C GLU C 55 -28.92 -15.30 -2.45
N MET C 56 -28.51 -14.03 -2.36
CA MET C 56 -29.31 -12.95 -2.99
C MET C 56 -29.20 -13.14 -4.51
N TYR C 57 -28.08 -13.69 -4.98
CA TYR C 57 -27.85 -13.96 -6.42
C TYR C 57 -28.81 -15.06 -6.88
N CYS C 58 -29.29 -15.88 -5.94
CA CYS C 58 -30.19 -17.00 -6.29
C CYS C 58 -31.62 -16.52 -6.60
N ALA C 59 -32.42 -17.36 -7.26
CA ALA C 59 -33.81 -17.02 -7.62
C ALA C 59 -34.73 -17.27 -6.42
N PRO C 60 -36.08 -17.30 -6.57
CA PRO C 60 -36.96 -17.66 -5.45
C PRO C 60 -36.83 -19.15 -5.09
N THR D 1 20.20 1.14 -2.42
CA THR D 1 20.15 0.38 -1.15
C THR D 1 21.58 0.06 -0.69
N LEU D 2 21.91 0.36 0.57
CA LEU D 2 23.26 0.07 1.11
C LEU D 2 23.21 0.09 2.63
N CYS D 3 23.22 -1.08 3.28
CA CYS D 3 23.25 -1.14 4.77
C CYS D 3 24.00 -2.40 5.22
N GLY D 4 23.81 -2.80 6.47
CA GLY D 4 24.47 -4.02 7.01
C GLY D 4 25.96 -3.80 7.25
N ALA D 5 26.74 -4.88 7.27
CA ALA D 5 28.20 -4.76 7.47
C ALA D 5 28.85 -4.30 6.16
N GLU D 6 28.13 -4.46 5.05
CA GLU D 6 28.65 -4.00 3.74
C GLU D 6 28.65 -2.47 3.72
N LEU D 7 27.71 -1.84 4.43
CA LEU D 7 27.66 -0.36 4.50
C LEU D 7 28.83 0.17 5.34
N VAL D 8 29.38 -0.66 6.24
CA VAL D 8 30.56 -0.23 7.04
C VAL D 8 31.79 -0.21 6.13
N ASP D 9 31.92 -1.18 5.22
CA ASP D 9 33.06 -1.13 4.25
C ASP D 9 32.73 -0.10 3.18
N ALA D 10 31.45 0.21 3.00
CA ALA D 10 31.03 1.23 2.00
C ALA D 10 31.44 2.61 2.50
N LEU D 11 31.32 2.84 3.81
CA LEU D 11 31.75 4.12 4.41
C LEU D 11 33.29 4.14 4.45
N GLN D 12 33.92 2.96 4.48
CA GLN D 12 35.39 2.88 4.47
C GLN D 12 35.92 3.39 3.12
N PHE D 13 35.23 3.09 2.03
CA PHE D 13 35.66 3.52 0.68
C PHE D 13 35.37 5.03 0.48
N VAL D 14 34.17 5.48 0.82
CA VAL D 14 33.79 6.91 0.57
C VAL D 14 34.61 7.84 1.48
N CYS D 15 35.02 7.38 2.67
CA CYS D 15 35.76 8.24 3.62
C CYS D 15 37.26 7.96 3.52
N GLY D 16 37.64 6.91 2.80
CA GLY D 16 39.06 6.51 2.68
C GLY D 16 39.68 6.29 4.06
N ASP D 17 40.85 6.87 4.30
CA ASP D 17 41.47 6.78 5.65
C ASP D 17 41.72 8.20 6.14
N ARG D 18 40.91 9.16 5.64
CA ARG D 18 41.08 10.59 6.03
C ARG D 18 40.93 10.73 7.53
N GLY D 19 40.02 9.97 8.14
CA GLY D 19 39.80 10.04 9.60
C GLY D 19 38.80 9.01 10.06
N PRO D 36 14.32 10.94 14.58
CA PRO D 36 15.68 11.45 14.78
C PRO D 36 16.70 10.30 14.82
N GLN D 37 16.21 9.06 14.85
CA GLN D 37 17.11 7.88 14.89
C GLN D 37 17.38 7.42 13.46
N THR D 38 16.62 7.93 12.49
CA THR D 38 16.89 7.60 11.07
C THR D 38 18.31 8.05 10.73
N GLY D 39 19.18 7.11 10.35
CA GLY D 39 20.57 7.45 9.99
C GLY D 39 20.89 7.05 8.56
N ILE D 40 22.15 6.73 8.29
CA ILE D 40 22.59 6.34 6.91
C ILE D 40 22.18 4.90 6.66
N VAL D 41 21.99 4.10 7.72
CA VAL D 41 21.47 2.71 7.52
C VAL D 41 19.96 2.82 7.35
N ASP D 42 19.38 3.98 7.71
CA ASP D 42 17.92 4.19 7.59
C ASP D 42 17.64 5.18 6.46
N GLU D 43 18.46 5.16 5.40
CA GLU D 43 18.26 6.08 4.25
C GLU D 43 19.00 5.55 3.02
N CYS D 44 20.32 5.44 3.08
CA CYS D 44 21.07 4.84 1.95
C CYS D 44 20.55 3.41 1.75
N CYS D 45 20.39 2.66 2.83
CA CYS D 45 19.83 1.29 2.72
C CYS D 45 18.33 1.36 2.48
N PHE D 46 17.60 2.11 3.31
CA PHE D 46 16.12 2.16 3.21
C PHE D 46 15.71 2.51 1.78
N ARG D 47 16.07 3.71 1.31
CA ARG D 47 15.77 4.10 -0.09
C ARG D 47 16.99 3.74 -0.95
N SER D 48 17.63 4.74 -1.55
CA SER D 48 18.85 4.50 -2.37
C SER D 48 19.76 5.72 -2.28
N CYS D 49 21.08 5.50 -2.32
CA CYS D 49 22.03 6.63 -2.15
C CYS D 49 23.27 6.39 -3.02
N ASP D 50 23.93 7.46 -3.46
CA ASP D 50 25.12 7.34 -4.34
C ASP D 50 26.40 7.41 -3.50
N LEU D 51 27.56 7.48 -4.15
CA LEU D 51 28.84 7.64 -3.41
C LEU D 51 29.11 9.14 -3.26
N ARG D 52 28.08 9.93 -2.93
CA ARG D 52 28.25 11.39 -2.70
C ARG D 52 27.80 11.68 -1.27
N ARG D 53 26.56 11.33 -0.92
CA ARG D 53 26.07 11.50 0.48
C ARG D 53 26.64 10.37 1.35
N LEU D 54 27.00 9.24 0.74
CA LEU D 54 27.66 8.17 1.52
C LEU D 54 28.98 8.72 2.05
N GLU D 55 29.68 9.53 1.25
CA GLU D 55 30.97 10.13 1.67
C GLU D 55 30.72 11.49 2.34
N MET D 56 29.46 11.85 2.56
CA MET D 56 29.19 13.09 3.34
C MET D 56 29.29 12.71 4.83
N TYR D 57 29.40 11.41 5.13
CA TYR D 57 29.54 10.93 6.53
C TYR D 57 31.00 11.05 6.94
N CYS D 58 31.82 11.72 6.12
CA CYS D 58 33.27 11.85 6.40
C CYS D 58 33.63 13.30 6.70
N ALA D 59 34.89 13.54 7.05
CA ALA D 59 35.36 14.92 7.36
C ALA D 59 35.89 15.55 6.07
N PRO D 60 36.35 16.82 6.06
CA PRO D 60 36.95 17.41 4.86
C PRO D 60 38.42 16.97 4.70
#